data_1S7X
#
_entry.id   1S7X
#
_cell.length_a   91.897
_cell.length_b   123.318
_cell.length_c   100.201
_cell.angle_alpha   90.00
_cell.angle_beta   102.82
_cell.angle_gamma   90.00
#
_symmetry.space_group_name_H-M   'P 1 21 1'
#
loop_
_entity.id
_entity.type
_entity.pdbx_description
1 polymer 'H-2 class I histocompatibility antigen, D-B alpha chain'
2 polymer Beta-2-microglobulin
3 polymer 'Glycoprotein 9-residue peptide'
4 water water
#
loop_
_entity_poly.entity_id
_entity_poly.type
_entity_poly.pdbx_seq_one_letter_code
_entity_poly.pdbx_strand_id
1 'polypeptide(L)'
;GPHSMRYFETAVSRPGLEEPRYISVGYVDNKEFVRFDSDAENPRYEPRAPWMEQEGPEYWERETQKAKGQEQWFRVSLRN
LLGYYNQSAGGSHTLQQMSGCDLGSDWRLLRGYLQFAYEGRDYIALNEDLKTWTAADMAAQITRRKWEQSGAAEHYKAYL
EGECVEWLHRYLKNGNATLLRTDSPKAHVTHHPRSKGEVTLRCWALGFYPADITLTWQLNGEELTQDMELVETRPAGDGT
FQKWASVVVPLGKEQNYTCRVYHEGLPEPLTLRWEPPPSTDSYMVIVAVLGVLGAMAIIGAVVAFVMKRRRNTGGKGGDY
ALAPGSQSSEMSLRDCKA
;
A,D,G,J
2 'polypeptide(L)'
;IQKTPQIQVYSRHPPENGKPNILNCYVTQFHPPHIEIQMLKNGKKIPKVEMSDMSFSKDWSFYILAHTEFTPTETDTYAC
RVKHDSMAEPKTVYWDRDM
;
B,E,H,K
3 'polypeptide(L)' KAVFNFATM C,F,I,L
#
# COMPACT_ATOMS: atom_id res chain seq x y z
N GLY A 1 3.59 49.03 -36.30
CA GLY A 1 5.00 49.34 -35.93
C GLY A 1 5.86 48.09 -35.99
N PRO A 2 7.02 48.11 -35.34
CA PRO A 2 7.94 46.97 -35.31
C PRO A 2 7.56 45.96 -34.23
N HIS A 3 8.03 44.73 -34.37
CA HIS A 3 7.67 43.65 -33.45
C HIS A 3 8.85 42.75 -33.11
N SER A 4 8.69 41.94 -32.06
CA SER A 4 9.77 41.07 -31.62
C SER A 4 9.27 39.88 -30.83
N MET A 5 10.10 38.84 -30.76
CA MET A 5 9.88 37.73 -29.83
C MET A 5 11.21 37.37 -29.13
N ARG A 6 11.14 37.06 -27.82
CA ARG A 6 12.31 36.62 -27.05
C ARG A 6 11.98 35.46 -26.12
N TYR A 7 12.85 34.45 -26.06
CA TYR A 7 12.86 33.52 -24.92
C TYR A 7 14.08 33.77 -24.00
N PHE A 8 13.80 33.97 -22.71
CA PHE A 8 14.80 34.26 -21.68
C PHE A 8 14.86 33.05 -20.76
N GLU A 9 15.97 32.31 -20.82
CA GLU A 9 16.10 31.05 -20.10
C GLU A 9 17.16 31.15 -19.00
N THR A 10 16.97 30.41 -17.91
CA THR A 10 17.86 30.48 -16.76
C THR A 10 18.00 29.11 -16.15
N ALA A 11 19.20 28.75 -15.75
CA ALA A 11 19.41 27.57 -14.91
C ALA A 11 20.34 27.95 -13.77
N VAL A 12 19.97 27.60 -12.55
CA VAL A 12 20.73 27.96 -11.36
C VAL A 12 21.08 26.70 -10.57
N SER A 13 22.37 26.47 -10.34
CA SER A 13 22.84 25.39 -9.48
C SER A 13 23.06 25.94 -8.09
N ARG A 14 22.82 25.10 -7.09
CA ARG A 14 23.10 25.44 -5.69
C ARG A 14 23.82 24.28 -4.99
N PRO A 15 24.65 24.59 -4.00
CA PRO A 15 25.51 23.59 -3.35
C PRO A 15 24.84 22.25 -3.06
N GLY A 16 23.64 22.31 -2.49
CA GLY A 16 22.99 21.13 -1.97
C GLY A 16 22.17 20.42 -3.03
N LEU A 17 20.89 20.78 -3.11
CA LEU A 17 19.90 20.06 -3.91
C LEU A 17 20.49 19.59 -5.26
N GLU A 18 20.06 18.38 -5.63
CA GLU A 18 20.77 17.54 -6.58
C GLU A 18 20.59 17.89 -8.08
N GLU A 19 19.92 19.01 -8.40
CA GLU A 19 19.68 19.37 -9.81
C GLU A 19 19.24 20.83 -9.99
N PRO A 20 19.78 21.50 -10.99
CA PRO A 20 19.50 22.93 -11.18
C PRO A 20 18.03 23.23 -11.43
N ARG A 21 17.57 24.39 -10.97
CA ARG A 21 16.28 24.93 -11.36
C ARG A 21 16.37 25.61 -12.72
N TYR A 22 15.43 25.30 -13.61
CA TYR A 22 15.42 25.83 -14.97
C TYR A 22 14.12 26.59 -15.25
N ILE A 23 14.24 27.80 -15.79
CA ILE A 23 13.08 28.65 -16.06
C ILE A 23 13.18 29.32 -17.40
N SER A 24 12.08 29.34 -18.15
CA SER A 24 12.04 29.96 -19.46
C SER A 24 10.81 30.83 -19.57
N VAL A 25 11.00 32.05 -20.03
CA VAL A 25 9.92 32.99 -20.19
C VAL A 25 9.95 33.45 -21.63
N GLY A 26 8.81 33.41 -22.29
CA GLY A 26 8.69 33.91 -23.65
C GLY A 26 8.00 35.25 -23.62
N TYR A 27 8.44 36.15 -24.51
CA TYR A 27 7.84 37.47 -24.65
C TYR A 27 7.53 37.75 -26.11
N VAL A 28 6.37 38.35 -26.38
CA VAL A 28 6.08 38.94 -27.68
C VAL A 28 5.92 40.43 -27.45
N ASP A 29 6.64 41.24 -28.23
CA ASP A 29 6.71 42.68 -28.03
C ASP A 29 6.92 43.03 -26.56
N ASN A 30 7.96 42.46 -25.96
CA ASN A 30 8.35 42.75 -24.57
C ASN A 30 7.29 42.54 -23.49
N LYS A 31 6.32 41.68 -23.80
CA LYS A 31 5.25 41.34 -22.87
C LYS A 31 5.18 39.84 -22.76
N GLU A 32 5.12 39.35 -21.53
CA GLU A 32 5.15 37.92 -21.25
C GLU A 32 3.93 37.19 -21.82
N PHE A 33 4.18 36.05 -22.47
CA PHE A 33 3.10 35.22 -23.04
C PHE A 33 3.23 33.72 -22.78
N VAL A 34 4.41 33.21 -22.44
CA VAL A 34 4.54 31.83 -21.93
C VAL A 34 5.56 31.72 -20.79
N ARG A 35 5.60 30.55 -20.13
CA ARG A 35 6.47 30.35 -18.98
C ARG A 35 6.58 28.88 -18.58
N PHE A 36 7.80 28.38 -18.39
CA PHE A 36 8.05 27.03 -17.87
C PHE A 36 8.96 27.15 -16.66
N ASP A 37 8.72 26.34 -15.65
CA ASP A 37 9.46 26.40 -14.41
C ASP A 37 9.56 25.02 -13.78
N SER A 38 10.78 24.55 -13.56
CA SER A 38 11.05 23.17 -13.15
C SER A 38 10.68 22.88 -11.69
N ASP A 39 10.57 23.94 -10.88
CA ASP A 39 10.17 23.82 -9.47
C ASP A 39 8.67 23.58 -9.31
N ALA A 40 7.89 23.97 -10.31
CA ALA A 40 6.43 23.78 -10.31
C ALA A 40 6.06 22.31 -10.13
N GLU A 41 4.90 22.07 -9.52
CA GLU A 41 4.38 20.72 -9.35
C GLU A 41 4.23 20.07 -10.72
N ASN A 42 3.57 20.77 -11.65
CA ASN A 42 3.45 20.31 -13.04
C ASN A 42 4.39 21.10 -13.94
N PRO A 43 5.61 20.60 -14.16
CA PRO A 43 6.58 21.32 -14.98
C PRO A 43 6.12 21.28 -16.43
N ARG A 44 5.70 22.43 -16.94
CA ARG A 44 5.07 22.54 -18.25
C ARG A 44 4.95 24.00 -18.66
N TYR A 45 5.08 24.28 -19.95
CA TYR A 45 4.81 25.61 -20.47
C TYR A 45 3.32 25.93 -20.26
N GLU A 46 3.05 26.80 -19.30
CA GLU A 46 1.71 27.31 -19.07
C GLU A 46 1.60 28.61 -19.86
N PRO A 47 0.40 28.96 -20.32
CA PRO A 47 0.20 30.25 -20.98
C PRO A 47 0.21 31.40 -19.98
N ARG A 48 0.39 32.63 -20.45
CA ARG A 48 0.62 33.78 -19.57
C ARG A 48 -0.19 35.05 -19.90
N ALA A 49 -0.81 35.10 -21.08
CA ALA A 49 -1.78 36.15 -21.43
C ALA A 49 -2.99 35.51 -22.11
N PRO A 50 -4.17 36.11 -21.93
CA PRO A 50 -5.41 35.51 -22.43
C PRO A 50 -5.32 34.90 -23.84
N TRP A 51 -4.69 35.61 -24.76
CA TRP A 51 -4.74 35.23 -26.17
C TRP A 51 -4.05 33.91 -26.57
N MET A 52 -3.30 33.30 -25.64
CA MET A 52 -2.56 32.07 -25.93
C MET A 52 -3.34 30.77 -25.65
N GLU A 53 -4.52 30.89 -25.05
CA GLU A 53 -5.38 29.73 -24.77
C GLU A 53 -5.94 29.10 -26.05
N GLN A 54 -5.76 29.77 -27.20
CA GLN A 54 -6.18 29.21 -28.50
C GLN A 54 -5.39 27.97 -28.92
N GLU A 55 -4.20 27.78 -28.36
CA GLU A 55 -3.33 26.69 -28.75
C GLU A 55 -3.86 25.36 -28.19
N GLY A 56 -3.83 24.32 -29.03
CA GLY A 56 -4.33 23.02 -28.64
C GLY A 56 -3.31 22.27 -27.81
N PRO A 57 -3.70 21.14 -27.23
CA PRO A 57 -2.78 20.32 -26.43
C PRO A 57 -1.49 19.88 -27.15
N GLU A 58 -1.54 19.72 -28.48
CA GLU A 58 -0.37 19.34 -29.28
C GLU A 58 0.74 20.40 -29.26
N TYR A 59 0.34 21.67 -29.19
CA TYR A 59 1.29 22.78 -29.07
C TYR A 59 1.96 22.77 -27.70
N TRP A 60 1.19 22.57 -26.63
CA TRP A 60 1.75 22.61 -25.29
C TRP A 60 2.63 21.40 -25.00
N GLU A 61 2.28 20.25 -25.56
CA GLU A 61 3.03 19.01 -25.30
C GLU A 61 4.38 19.05 -26.00
N ARG A 62 4.42 19.63 -27.20
CA ARG A 62 5.67 19.76 -27.95
C ARG A 62 6.57 20.78 -27.27
N GLU A 63 6.03 21.96 -26.99
CA GLU A 63 6.77 23.01 -26.28
C GLU A 63 7.29 22.57 -24.94
N THR A 64 6.55 21.71 -24.25
CA THR A 64 6.94 21.25 -22.92
C THR A 64 8.09 20.25 -23.00
N GLN A 65 8.04 19.36 -24.00
CA GLN A 65 9.13 18.43 -24.29
C GLN A 65 10.39 19.19 -24.69
N LYS A 66 10.20 20.31 -25.38
CA LYS A 66 11.31 21.18 -25.76
C LYS A 66 12.00 21.73 -24.51
N ALA A 67 11.20 22.25 -23.57
CA ALA A 67 11.72 22.80 -22.32
C ALA A 67 12.45 21.73 -21.52
N LYS A 68 11.95 20.49 -21.53
CA LYS A 68 12.62 19.41 -20.81
C LYS A 68 13.97 19.14 -21.46
N GLY A 69 14.03 19.17 -22.79
CA GLY A 69 15.29 19.10 -23.48
C GLY A 69 16.26 20.22 -23.07
N GLN A 70 15.78 21.48 -23.03
CA GLN A 70 16.63 22.63 -22.66
C GLN A 70 17.17 22.48 -21.24
N GLU A 71 16.28 22.15 -20.31
CA GLU A 71 16.68 21.90 -18.94
C GLU A 71 17.89 20.95 -18.91
N GLN A 72 17.81 19.86 -19.64
CA GLN A 72 18.91 18.90 -19.61
C GLN A 72 20.13 19.45 -20.33
N TRP A 73 19.91 20.25 -21.37
CA TRP A 73 20.98 20.94 -22.07
C TRP A 73 21.72 21.91 -21.12
N PHE A 74 20.96 22.70 -20.36
CA PHE A 74 21.51 23.64 -19.38
C PHE A 74 22.21 22.88 -18.28
N ARG A 75 21.72 21.69 -17.97
CA ARG A 75 22.27 20.90 -16.88
C ARG A 75 23.70 20.41 -17.20
N VAL A 76 23.87 19.88 -18.42
CA VAL A 76 25.16 19.37 -18.87
C VAL A 76 26.12 20.57 -19.08
N SER A 77 25.60 21.66 -19.62
CA SER A 77 26.43 22.81 -19.92
C SER A 77 27.01 23.41 -18.65
N LEU A 78 26.19 23.47 -17.61
CA LEU A 78 26.60 23.92 -16.29
C LEU A 78 27.76 23.07 -15.79
N ARG A 79 27.63 21.76 -15.96
CA ARG A 79 28.70 20.83 -15.59
C ARG A 79 29.97 21.14 -16.36
N ASN A 80 29.84 21.32 -17.67
CA ASN A 80 31.00 21.52 -18.53
C ASN A 80 31.73 22.83 -18.18
N LEU A 81 30.94 23.87 -17.89
CA LEU A 81 31.46 25.20 -17.54
C LEU A 81 32.22 25.21 -16.22
N LEU A 82 31.78 24.38 -15.29
CA LEU A 82 32.44 24.24 -14.00
C LEU A 82 33.88 23.75 -14.24
N GLY A 83 34.02 22.75 -15.11
CA GLY A 83 35.33 22.27 -15.50
C GLY A 83 36.13 23.29 -16.29
N TYR A 84 35.51 23.97 -17.26
CA TYR A 84 36.19 24.97 -18.07
C TYR A 84 36.77 26.08 -17.21
N TYR A 85 36.11 26.44 -16.11
CA TYR A 85 36.58 27.54 -15.28
C TYR A 85 37.28 27.05 -13.99
N ASN A 86 37.57 25.75 -13.92
CA ASN A 86 38.26 25.11 -12.78
C ASN A 86 37.61 25.57 -11.45
N GLN A 87 36.28 25.58 -11.45
CA GLN A 87 35.46 25.82 -10.28
C GLN A 87 35.22 24.50 -9.58
N SER A 88 35.38 24.46 -8.27
CA SER A 88 35.14 23.21 -7.55
C SER A 88 33.66 23.13 -7.20
N ALA A 89 33.30 22.06 -6.49
CA ALA A 89 31.94 21.87 -6.00
C ALA A 89 31.73 22.77 -4.81
N GLY A 90 30.47 23.01 -4.46
CA GLY A 90 30.13 23.76 -3.25
C GLY A 90 29.81 25.22 -3.47
N GLY A 91 29.38 25.57 -4.69
CA GLY A 91 29.12 26.96 -5.03
C GLY A 91 27.83 27.13 -5.77
N SER A 92 27.46 28.36 -6.07
CA SER A 92 26.28 28.62 -6.89
C SER A 92 26.67 29.17 -8.25
N HIS A 93 25.97 28.73 -9.28
CA HIS A 93 26.28 29.11 -10.66
C HIS A 93 25.05 29.39 -11.49
N THR A 94 25.21 30.28 -12.47
CA THR A 94 24.09 30.73 -13.29
C THR A 94 24.43 30.60 -14.75
N LEU A 95 23.52 30.04 -15.52
CA LEU A 95 23.60 30.02 -16.96
C LEU A 95 22.32 30.64 -17.51
N GLN A 96 22.45 31.66 -18.34
CA GLN A 96 21.31 32.35 -18.91
C GLN A 96 21.42 32.38 -20.42
N GLN A 97 20.29 32.58 -21.07
CA GLN A 97 20.23 32.63 -22.52
C GLN A 97 19.13 33.58 -22.93
N MET A 98 19.40 34.38 -23.95
CA MET A 98 18.39 35.13 -24.65
C MET A 98 18.47 34.75 -26.11
N SER A 99 17.31 34.51 -26.71
CA SER A 99 17.23 34.24 -28.12
C SER A 99 15.92 34.78 -28.65
N GLY A 100 15.88 35.07 -29.94
CA GLY A 100 14.67 35.57 -30.58
C GLY A 100 14.90 36.42 -31.81
N CYS A 101 13.85 37.10 -32.25
CA CYS A 101 13.90 37.86 -33.49
C CYS A 101 13.20 39.21 -33.38
N ASP A 102 13.69 40.17 -34.18
CA ASP A 102 13.08 41.46 -34.36
C ASP A 102 12.56 41.59 -35.77
N LEU A 103 11.27 41.86 -35.91
CA LEU A 103 10.68 42.20 -37.20
C LEU A 103 10.56 43.70 -37.36
N GLY A 104 10.63 44.17 -38.60
CA GLY A 104 10.28 45.53 -38.94
C GLY A 104 8.77 45.69 -39.01
N SER A 105 8.31 46.90 -39.32
CA SER A 105 6.88 47.15 -39.48
C SER A 105 6.30 46.39 -40.68
N ASP A 106 7.16 46.09 -41.66
CA ASP A 106 6.81 45.28 -42.84
C ASP A 106 6.78 43.78 -42.57
N TRP A 107 6.99 43.40 -41.31
CA TRP A 107 6.89 42.02 -40.84
C TRP A 107 8.02 41.07 -41.29
N ARG A 108 9.09 41.65 -41.84
CA ARG A 108 10.30 40.90 -42.22
C ARG A 108 11.38 40.95 -41.15
N LEU A 109 12.23 39.93 -41.13
CA LEU A 109 13.29 39.81 -40.14
C LEU A 109 14.27 40.95 -40.28
N LEU A 110 14.45 41.68 -39.19
CA LEU A 110 15.43 42.76 -39.09
C LEU A 110 16.71 42.23 -38.47
N ARG A 111 16.54 41.42 -37.43
CA ARG A 111 17.65 40.91 -36.65
C ARG A 111 17.30 39.62 -35.87
N GLY A 112 18.26 38.74 -35.78
CA GLY A 112 18.16 37.58 -34.92
C GLY A 112 19.16 37.70 -33.78
N TYR A 113 18.80 37.09 -32.64
CA TYR A 113 19.59 37.14 -31.42
C TYR A 113 19.76 35.74 -30.83
N LEU A 114 20.98 35.49 -30.36
CA LEU A 114 21.29 34.29 -29.59
C LEU A 114 22.51 34.64 -28.73
N GLN A 115 22.30 34.63 -27.42
CA GLN A 115 23.30 35.09 -26.46
C GLN A 115 23.26 34.25 -25.20
N PHE A 116 24.42 34.00 -24.63
CA PHE A 116 24.55 33.22 -23.42
C PHE A 116 25.39 34.00 -22.41
N ALA A 117 25.07 33.87 -21.13
CA ALA A 117 25.90 34.41 -20.06
C ALA A 117 26.11 33.38 -18.98
N TYR A 118 27.32 33.38 -18.42
CA TYR A 118 27.63 32.57 -17.26
C TYR A 118 28.00 33.48 -16.09
N GLU A 119 27.48 33.17 -14.91
CA GLU A 119 27.64 34.01 -13.71
C GLU A 119 27.25 35.48 -13.95
N GLY A 120 26.29 35.71 -14.85
CA GLY A 120 25.79 37.04 -15.19
C GLY A 120 26.66 37.77 -16.19
N ARG A 121 27.53 37.04 -16.87
CA ARG A 121 28.60 37.63 -17.67
C ARG A 121 28.56 37.05 -19.07
N ASP A 122 28.71 37.91 -20.07
CA ASP A 122 28.75 37.49 -21.47
C ASP A 122 29.64 36.27 -21.66
N TYR A 123 29.11 35.18 -22.20
CA TYR A 123 29.91 33.97 -22.40
C TYR A 123 30.16 33.73 -23.88
N ILE A 124 29.09 33.56 -24.65
CA ILE A 124 29.17 33.48 -26.10
C ILE A 124 27.89 34.05 -26.75
N ALA A 125 28.03 34.66 -27.92
CA ALA A 125 26.88 35.18 -28.68
C ALA A 125 27.04 34.91 -30.17
N LEU A 126 25.93 34.65 -30.85
CA LEU A 126 25.88 34.57 -32.31
C LEU A 126 25.89 35.97 -32.84
N ASN A 127 26.79 36.28 -33.76
CA ASN A 127 26.84 37.64 -34.34
C ASN A 127 25.65 37.83 -35.26
N GLU A 128 25.35 39.10 -35.52
CA GLU A 128 24.23 39.54 -36.36
C GLU A 128 24.16 38.83 -37.70
N ASP A 129 25.31 38.52 -38.28
CA ASP A 129 25.42 37.76 -39.53
C ASP A 129 24.84 36.34 -39.43
N LEU A 130 24.59 35.88 -38.21
CA LEU A 130 24.08 34.54 -37.92
C LEU A 130 24.98 33.40 -38.41
N LYS A 131 26.29 33.65 -38.45
CA LYS A 131 27.28 32.71 -38.99
C LYS A 131 28.52 32.55 -38.10
N THR A 132 28.92 33.63 -37.42
CA THR A 132 30.10 33.61 -36.57
C THR A 132 29.75 33.99 -35.15
N TRP A 133 30.64 33.62 -34.24
CA TRP A 133 30.42 33.68 -32.80
C TRP A 133 31.39 34.64 -32.14
N THR A 134 30.90 35.42 -31.17
CA THR A 134 31.74 36.22 -30.31
C THR A 134 31.86 35.57 -28.92
N ALA A 135 33.08 35.35 -28.47
CA ALA A 135 33.34 34.80 -27.15
C ALA A 135 34.62 35.45 -26.62
N ALA A 136 34.48 36.29 -25.61
CA ALA A 136 35.65 37.01 -25.11
C ALA A 136 36.53 36.12 -24.23
N ASP A 137 35.94 35.35 -23.33
CA ASP A 137 36.69 34.60 -22.33
C ASP A 137 37.59 33.54 -22.94
N MET A 138 38.75 33.36 -22.34
CA MET A 138 39.62 32.28 -22.74
C MET A 138 38.85 30.98 -22.62
N ALA A 139 38.13 30.80 -21.52
CA ALA A 139 37.39 29.56 -21.27
C ALA A 139 36.30 29.37 -22.30
N ALA A 140 35.70 30.46 -22.76
CA ALA A 140 34.64 30.40 -23.75
C ALA A 140 35.13 29.93 -25.13
N GLN A 141 36.44 30.02 -25.38
CA GLN A 141 36.98 29.60 -26.66
C GLN A 141 36.74 28.12 -26.91
N ILE A 142 36.70 27.31 -25.85
CA ILE A 142 36.44 25.87 -26.03
C ILE A 142 35.06 25.62 -26.60
N THR A 143 34.06 26.30 -26.06
CA THR A 143 32.70 26.20 -26.56
C THR A 143 32.63 26.69 -28.00
N ARG A 144 33.38 27.74 -28.31
CA ARG A 144 33.30 28.38 -29.61
C ARG A 144 33.87 27.48 -30.72
N ARG A 145 35.00 26.84 -30.44
CA ARG A 145 35.57 25.86 -31.37
C ARG A 145 34.66 24.66 -31.55
N LYS A 146 34.12 24.14 -30.46
CA LYS A 146 33.16 23.05 -30.51
C LYS A 146 31.98 23.40 -31.43
N TRP A 147 31.46 24.62 -31.32
CA TRP A 147 30.28 25.01 -32.06
C TRP A 147 30.61 25.40 -33.51
N GLU A 148 31.84 25.88 -33.73
CA GLU A 148 32.31 26.15 -35.09
C GLU A 148 32.47 24.85 -35.87
N GLN A 149 33.06 23.84 -35.25
CA GLN A 149 33.29 22.53 -35.86
C GLN A 149 32.01 21.71 -36.07
N SER A 150 30.92 22.06 -35.39
CA SER A 150 29.68 21.28 -35.45
C SER A 150 28.59 21.92 -36.34
N GLY A 151 28.86 23.06 -36.94
CA GLY A 151 27.84 23.84 -37.64
C GLY A 151 26.65 24.25 -36.78
N ALA A 152 26.89 24.59 -35.52
CA ALA A 152 25.81 25.05 -34.64
C ALA A 152 25.12 26.32 -35.16
N ALA A 153 25.91 27.27 -35.67
CA ALA A 153 25.37 28.53 -36.18
C ALA A 153 24.35 28.33 -37.31
N GLU A 154 24.54 27.32 -38.15
CA GLU A 154 23.52 27.01 -39.18
C GLU A 154 22.18 26.62 -38.54
N HIS A 155 22.22 25.76 -37.54
CA HIS A 155 21.01 25.31 -36.82
C HIS A 155 20.26 26.50 -36.18
N TYR A 156 20.96 27.40 -35.50
CA TYR A 156 20.32 28.56 -34.89
C TYR A 156 19.81 29.57 -35.93
N LYS A 157 20.58 29.79 -37.00
CA LYS A 157 20.19 30.66 -38.11
C LYS A 157 18.84 30.23 -38.70
N ALA A 158 18.65 28.93 -38.91
CA ALA A 158 17.41 28.40 -39.48
C ALA A 158 16.22 28.67 -38.56
N TYR A 159 16.39 28.45 -37.26
CA TYR A 159 15.34 28.74 -36.29
C TYR A 159 14.99 30.22 -36.32
N LEU A 160 16.00 31.08 -36.34
CA LEU A 160 15.79 32.52 -36.21
C LEU A 160 15.13 33.13 -37.43
N GLU A 161 15.53 32.65 -38.60
CA GLU A 161 15.02 33.14 -39.89
C GLU A 161 13.70 32.48 -40.27
N GLY A 162 13.40 31.34 -39.63
CA GLY A 162 12.29 30.49 -40.01
C GLY A 162 11.21 30.41 -38.93
N GLU A 163 11.33 29.44 -38.03
CA GLU A 163 10.36 29.23 -36.95
C GLU A 163 10.08 30.49 -36.16
N CYS A 164 11.14 31.19 -35.75
CA CYS A 164 10.98 32.39 -34.91
C CYS A 164 10.11 33.44 -35.60
N VAL A 165 10.37 33.67 -36.88
CA VAL A 165 9.61 34.64 -37.66
C VAL A 165 8.20 34.12 -37.91
N GLU A 166 8.10 32.92 -38.48
CA GLU A 166 6.82 32.31 -38.84
C GLU A 166 5.84 32.25 -37.67
N TRP A 167 6.33 31.94 -36.48
CA TRP A 167 5.46 31.73 -35.31
C TRP A 167 5.15 33.03 -34.60
N LEU A 168 6.00 34.04 -34.75
CA LEU A 168 5.69 35.39 -34.27
C LEU A 168 4.60 36.02 -35.13
N HIS A 169 4.65 35.82 -36.45
CA HIS A 169 3.58 36.23 -37.37
C HIS A 169 2.25 35.70 -36.82
N ARG A 170 2.25 34.40 -36.53
CA ARG A 170 1.08 33.67 -36.03
C ARG A 170 0.56 34.22 -34.69
N TYR A 171 1.47 34.59 -33.79
CA TYR A 171 1.11 35.08 -32.47
C TYR A 171 0.52 36.49 -32.49
N LEU A 172 0.92 37.30 -33.48
CA LEU A 172 0.42 38.67 -33.60
C LEU A 172 -1.01 38.70 -34.12
N LYS A 173 -1.33 37.78 -35.02
CA LYS A 173 -2.67 37.67 -35.60
C LYS A 173 -3.71 37.23 -34.55
N ASN A 174 -3.27 36.39 -33.60
CA ASN A 174 -4.17 35.84 -32.59
C ASN A 174 -4.53 36.85 -31.50
N GLY A 175 -3.58 37.70 -31.14
CA GLY A 175 -3.81 38.77 -30.18
C GLY A 175 -3.58 40.12 -30.85
N ASN A 176 -4.49 40.48 -31.75
CA ASN A 176 -4.40 41.73 -32.51
C ASN A 176 -5.10 42.90 -31.82
N ALA A 177 -6.28 42.64 -31.24
CA ALA A 177 -6.96 43.62 -30.35
C ALA A 177 -6.53 43.41 -28.89
N THR A 178 -5.23 43.25 -28.68
CA THR A 178 -4.64 42.95 -27.37
C THR A 178 -3.30 43.67 -27.21
N LEU A 179 -2.32 43.32 -28.08
CA LEU A 179 -0.98 43.93 -28.08
C LEU A 179 -0.86 45.14 -29.03
N LEU A 180 -1.96 45.52 -29.67
CA LEU A 180 -1.99 46.70 -30.53
C LEU A 180 -2.59 47.88 -29.75
N ARG A 181 -1.97 48.18 -28.61
CA ARG A 181 -2.37 49.31 -27.77
C ARG A 181 -1.16 49.89 -27.03
N THR A 182 -1.20 51.21 -26.83
CA THR A 182 -0.26 51.90 -25.97
C THR A 182 -1.03 52.92 -25.15
N ASP A 183 -0.76 52.97 -23.85
CA ASP A 183 -1.40 53.92 -22.94
C ASP A 183 -0.53 55.15 -22.82
N SER A 184 -1.08 56.32 -23.10
CA SER A 184 -0.29 57.53 -23.02
C SER A 184 -0.12 57.93 -21.56
N PRO A 185 0.99 58.59 -21.24
CA PRO A 185 1.23 59.07 -19.87
C PRO A 185 0.32 60.23 -19.50
N LYS A 186 -0.05 60.30 -18.24
CA LYS A 186 -0.71 61.47 -17.70
C LYS A 186 0.31 62.16 -16.80
N ALA A 187 0.67 63.38 -17.16
CA ALA A 187 1.66 64.13 -16.41
C ALA A 187 1.01 65.19 -15.53
N HIS A 188 1.60 65.44 -14.37
CA HIS A 188 1.32 66.61 -13.54
C HIS A 188 2.58 67.02 -12.78
N VAL A 189 2.63 68.27 -12.31
CA VAL A 189 3.80 68.76 -11.54
C VAL A 189 3.42 69.08 -10.11
N THR A 190 4.23 68.62 -9.16
CA THR A 190 4.05 68.92 -7.73
C THR A 190 5.19 69.80 -7.21
N HIS A 191 4.95 70.44 -6.07
CA HIS A 191 5.81 71.49 -5.53
C HIS A 191 6.24 71.12 -4.12
N HIS A 192 7.53 71.28 -3.83
CA HIS A 192 8.09 70.82 -2.55
C HIS A 192 9.14 71.81 -2.00
N PRO A 193 8.74 72.64 -1.04
CA PRO A 193 9.67 73.57 -0.39
C PRO A 193 10.91 72.87 0.20
N ARG A 194 12.05 73.53 0.11
CA ARG A 194 13.27 73.08 0.78
C ARG A 194 14.08 74.31 1.26
N SER A 195 15.28 74.07 1.80
CA SER A 195 16.22 75.14 2.15
C SER A 195 15.80 76.44 1.47
N LYS A 196 15.29 77.37 2.26
CA LYS A 196 14.50 78.50 1.74
C LYS A 196 15.24 79.40 0.75
N GLY A 197 14.45 80.12 -0.04
CA GLY A 197 14.94 80.72 -1.26
C GLY A 197 14.95 79.72 -2.41
N GLU A 198 14.73 78.43 -2.11
CA GLU A 198 14.73 77.35 -3.12
C GLU A 198 13.57 76.35 -2.92
N VAL A 199 13.19 75.66 -4.01
CA VAL A 199 12.09 74.69 -4.02
C VAL A 199 12.27 73.64 -5.13
N THR A 200 12.00 72.38 -4.79
CA THR A 200 12.00 71.27 -5.74
C THR A 200 10.67 71.16 -6.49
N LEU A 201 10.74 71.25 -7.81
CA LEU A 201 9.61 70.96 -8.69
C LEU A 201 9.78 69.55 -9.25
N ARG A 202 8.73 68.74 -9.17
CA ARG A 202 8.79 67.31 -9.48
C ARG A 202 7.78 66.92 -10.56
N CYS A 203 8.26 66.60 -11.76
CA CYS A 203 7.39 66.25 -12.89
C CYS A 203 7.06 64.78 -12.91
N TRP A 204 5.77 64.45 -12.89
CA TRP A 204 5.31 63.08 -12.76
C TRP A 204 4.67 62.65 -14.06
N ALA A 205 4.94 61.40 -14.47
CA ALA A 205 4.25 60.78 -15.59
C ALA A 205 3.72 59.43 -15.12
N LEU A 206 2.42 59.20 -15.34
CA LEU A 206 1.74 58.04 -14.73
C LEU A 206 0.87 57.32 -15.73
N GLY A 207 0.65 56.02 -15.46
CA GLY A 207 -0.24 55.18 -16.25
C GLY A 207 0.12 54.95 -17.70
N PHE A 208 1.42 54.85 -18.04
CA PHE A 208 1.82 54.65 -19.46
C PHE A 208 2.39 53.26 -19.79
N TYR A 209 2.20 52.86 -21.04
CA TYR A 209 2.80 51.64 -21.58
C TYR A 209 3.10 51.91 -23.06
N PRO A 210 4.24 51.45 -23.59
CA PRO A 210 5.31 50.74 -22.86
C PRO A 210 6.18 51.66 -22.02
N ALA A 211 7.19 51.07 -21.37
CA ALA A 211 7.93 51.76 -20.33
C ALA A 211 8.84 52.90 -20.82
N ASP A 212 9.25 52.86 -22.08
CA ASP A 212 10.20 53.87 -22.58
C ASP A 212 9.57 55.26 -22.58
N ILE A 213 10.28 56.19 -21.96
CA ILE A 213 9.78 57.56 -21.81
C ILE A 213 10.95 58.49 -21.48
N THR A 214 10.76 59.78 -21.72
CA THR A 214 11.77 60.77 -21.39
C THR A 214 11.09 61.99 -20.79
N LEU A 215 11.65 62.48 -19.69
CA LEU A 215 11.18 63.68 -19.03
C LEU A 215 12.32 64.68 -19.07
N THR A 216 12.06 65.89 -19.54
CA THR A 216 13.04 66.97 -19.51
C THR A 216 12.51 68.15 -18.72
N TRP A 217 13.43 68.99 -18.25
CA TRP A 217 13.08 70.28 -17.69
C TRP A 217 13.83 71.36 -18.48
N GLN A 218 13.21 72.51 -18.62
CA GLN A 218 13.81 73.61 -19.36
C GLN A 218 13.77 74.86 -18.51
N LEU A 219 14.87 75.59 -18.45
CA LEU A 219 14.86 76.92 -17.85
C LEU A 219 14.56 77.90 -18.97
N ASN A 220 13.29 77.94 -19.37
CA ASN A 220 12.82 78.88 -20.39
C ASN A 220 13.40 78.63 -21.79
N GLY A 221 14.22 77.61 -21.98
CA GLY A 221 14.91 77.43 -23.26
C GLY A 221 15.79 76.20 -23.38
N GLU A 222 16.84 76.10 -22.56
CA GLU A 222 17.80 75.00 -22.67
C GLU A 222 17.48 73.92 -21.63
N GLU A 223 17.69 72.66 -22.02
CA GLU A 223 17.42 71.53 -21.14
C GLU A 223 18.35 71.55 -19.92
N LEU A 224 17.99 70.79 -18.89
CA LEU A 224 18.72 70.77 -17.61
C LEU A 224 19.08 69.33 -17.21
N THR A 225 20.34 68.96 -17.42
CA THR A 225 20.84 67.65 -16.99
C THR A 225 21.52 67.72 -15.62
N GLN A 226 21.62 68.93 -15.05
CA GLN A 226 22.34 69.15 -13.81
C GLN A 226 21.68 70.26 -12.96
N ASP A 227 21.38 69.98 -11.69
CA ASP A 227 21.33 68.63 -11.14
C ASP A 227 19.86 68.22 -11.20
N MET A 228 19.47 67.68 -12.36
CA MET A 228 18.14 67.09 -12.51
C MET A 228 18.17 65.69 -11.93
N GLU A 229 17.44 65.46 -10.85
CA GLU A 229 17.24 64.11 -10.33
C GLU A 229 16.08 63.44 -11.04
N LEU A 230 16.21 62.14 -11.25
CA LEU A 230 15.11 61.33 -11.76
C LEU A 230 15.12 59.97 -11.09
N VAL A 231 14.03 59.23 -11.25
CA VAL A 231 14.03 57.82 -10.86
C VAL A 231 14.00 56.96 -12.11
N GLU A 232 14.40 55.70 -11.96
CA GLU A 232 14.31 54.75 -13.06
C GLU A 232 12.83 54.43 -13.23
N THR A 233 12.40 54.22 -14.48
CA THR A 233 11.04 53.81 -14.75
C THR A 233 10.70 52.54 -13.97
N ARG A 234 9.51 52.52 -13.40
CA ARG A 234 9.06 51.51 -12.43
C ARG A 234 7.68 50.98 -12.82
N PRO A 235 7.43 49.69 -12.64
CA PRO A 235 6.07 49.18 -12.87
C PRO A 235 5.11 49.62 -11.77
N ALA A 236 3.92 50.09 -12.15
CA ALA A 236 2.86 50.38 -11.20
C ALA A 236 2.24 49.10 -10.66
N GLY A 237 2.42 47.99 -11.38
CA GLY A 237 1.89 46.71 -10.95
C GLY A 237 0.65 46.27 -11.69
N ASP A 238 0.07 47.16 -12.50
CA ASP A 238 -1.14 46.89 -13.27
C ASP A 238 -0.90 46.85 -14.79
N GLY A 239 0.34 46.59 -15.20
CA GLY A 239 0.73 46.71 -16.60
C GLY A 239 1.27 48.07 -17.08
N THR A 240 1.02 49.15 -16.34
CA THR A 240 1.50 50.49 -16.72
C THR A 240 2.72 50.86 -15.88
N PHE A 241 3.37 51.97 -16.24
CA PHE A 241 4.60 52.38 -15.60
C PHE A 241 4.54 53.82 -15.05
N GLN A 242 5.54 54.18 -14.25
CA GLN A 242 5.63 55.51 -13.66
C GLN A 242 7.07 56.03 -13.73
N LYS A 243 7.21 57.34 -13.81
CA LYS A 243 8.51 58.01 -13.71
C LYS A 243 8.34 59.42 -13.23
N TRP A 244 9.37 59.95 -12.56
CA TRP A 244 9.43 61.39 -12.32
C TRP A 244 10.84 61.94 -12.53
N ALA A 245 10.91 63.24 -12.85
CA ALA A 245 12.18 63.99 -12.85
C ALA A 245 11.98 65.32 -12.14
N SER A 246 12.95 65.73 -11.33
CA SER A 246 12.86 66.96 -10.56
C SER A 246 14.05 67.87 -10.80
N VAL A 247 13.85 69.16 -10.52
CA VAL A 247 14.88 70.17 -10.61
C VAL A 247 14.66 71.18 -9.49
N VAL A 248 15.74 71.62 -8.83
CA VAL A 248 15.60 72.58 -7.73
C VAL A 248 15.72 74.00 -8.28
N VAL A 249 14.95 74.91 -7.69
CA VAL A 249 14.58 76.15 -8.36
C VAL A 249 14.37 77.28 -7.34
N PRO A 250 14.76 78.51 -7.67
CA PRO A 250 14.41 79.67 -6.84
C PRO A 250 12.91 79.80 -6.59
N LEU A 251 12.52 80.13 -5.36
CA LEU A 251 11.13 80.30 -4.97
C LEU A 251 10.62 81.59 -5.60
N GLY A 252 9.44 81.55 -6.21
CA GLY A 252 8.85 82.72 -6.83
C GLY A 252 9.13 82.81 -8.32
N LYS A 253 10.31 82.40 -8.76
CA LYS A 253 10.67 82.43 -10.17
C LYS A 253 10.57 81.04 -10.77
N GLU A 254 9.45 80.36 -10.49
CA GLU A 254 9.25 78.96 -10.86
C GLU A 254 8.35 78.74 -12.09
N GLN A 255 7.64 79.78 -12.51
CA GLN A 255 6.85 79.74 -13.75
C GLN A 255 7.72 79.80 -15.00
N ASN A 256 9.02 80.04 -14.82
CA ASN A 256 9.98 79.99 -15.93
C ASN A 256 10.27 78.56 -16.37
N TYR A 257 10.08 77.62 -15.46
CA TYR A 257 10.47 76.23 -15.68
C TYR A 257 9.36 75.41 -16.34
N THR A 258 9.74 74.63 -17.35
CA THR A 258 8.80 73.82 -18.13
C THR A 258 9.27 72.37 -18.20
N CYS A 259 8.32 71.46 -18.10
CA CYS A 259 8.61 70.04 -18.18
C CYS A 259 7.97 69.43 -19.43
N ARG A 260 8.73 68.60 -20.13
CA ARG A 260 8.24 67.92 -21.32
C ARG A 260 8.26 66.41 -21.15
N VAL A 261 7.23 65.75 -21.67
CA VAL A 261 7.10 64.30 -21.58
C VAL A 261 7.02 63.72 -22.99
N TYR A 262 7.98 62.87 -23.32
CA TYR A 262 8.07 62.25 -24.63
C TYR A 262 7.72 60.77 -24.52
N HIS A 263 6.66 60.35 -25.20
CA HIS A 263 6.23 58.96 -25.20
C HIS A 263 5.64 58.60 -26.53
N GLU A 264 5.75 57.32 -26.89
CA GLU A 264 5.35 56.86 -28.21
C GLU A 264 3.84 56.79 -28.42
N GLY A 265 3.07 57.03 -27.36
CA GLY A 265 1.62 57.05 -27.45
C GLY A 265 1.08 58.46 -27.61
N LEU A 266 1.87 59.45 -27.23
CA LEU A 266 1.49 60.85 -27.43
C LEU A 266 1.43 61.19 -28.93
N PRO A 267 0.40 61.92 -29.38
CA PRO A 267 0.40 62.48 -30.73
C PRO A 267 1.53 63.51 -30.89
N GLU A 268 1.92 64.13 -29.77
CA GLU A 268 3.08 65.01 -29.71
C GLU A 268 3.52 65.21 -28.25
N PRO A 269 4.76 65.64 -28.04
CA PRO A 269 5.27 65.83 -26.67
C PRO A 269 4.38 66.77 -25.86
N LEU A 270 4.19 66.44 -24.58
CA LEU A 270 3.39 67.27 -23.69
C LEU A 270 4.25 68.31 -23.02
N THR A 271 3.61 69.40 -22.60
CA THR A 271 4.28 70.56 -22.03
C THR A 271 3.53 70.98 -20.78
N LEU A 272 4.27 71.28 -19.72
CA LEU A 272 3.68 71.40 -18.38
C LEU A 272 4.47 72.31 -17.46
N ARG A 273 3.76 73.06 -16.62
CA ARG A 273 4.39 73.83 -15.54
C ARG A 273 3.69 73.56 -14.20
N TRP A 274 4.26 74.13 -13.14
CA TRP A 274 3.62 74.15 -11.82
C TRP A 274 2.37 75.02 -11.92
N GLU A 275 1.24 74.50 -11.43
CA GLU A 275 0.00 75.27 -11.36
C GLU A 275 -0.43 75.38 -9.90
N PRO A 276 -0.21 76.55 -9.30
CA PRO A 276 -0.65 76.79 -7.91
C PRO A 276 -2.13 76.43 -7.67
N ILE B 1 30.16 37.15 -10.38
CA ILE B 1 30.34 38.11 -9.26
C ILE B 1 29.07 38.95 -9.00
N GLN B 2 29.00 39.48 -7.78
CA GLN B 2 27.82 40.16 -7.27
C GLN B 2 27.49 41.48 -8.01
N LYS B 3 26.19 41.75 -8.11
CA LYS B 3 25.67 43.05 -8.51
C LYS B 3 24.66 43.45 -7.42
N THR B 4 24.85 44.62 -6.82
CA THR B 4 24.02 45.04 -5.70
C THR B 4 22.65 45.61 -6.15
N PRO B 5 21.57 45.21 -5.48
CA PRO B 5 20.23 45.61 -5.89
C PRO B 5 19.90 47.09 -5.65
N GLN B 6 19.15 47.67 -6.58
CA GLN B 6 18.58 49.01 -6.46
C GLN B 6 17.12 48.87 -6.11
N ILE B 7 16.66 49.68 -5.15
CA ILE B 7 15.33 49.57 -4.59
C ILE B 7 14.58 50.88 -4.70
N GLN B 8 13.30 50.76 -5.04
CA GLN B 8 12.36 51.87 -4.98
C GLN B 8 11.11 51.35 -4.29
N VAL B 9 10.53 52.19 -3.44
CA VAL B 9 9.32 51.90 -2.69
C VAL B 9 8.34 53.02 -3.06
N TYR B 10 7.14 52.65 -3.49
CA TYR B 10 6.19 53.63 -4.03
C TYR B 10 4.83 53.01 -4.13
N SER B 11 3.79 53.84 -4.18
CA SER B 11 2.44 53.31 -4.32
C SER B 11 2.04 53.21 -5.78
N ARG B 12 1.22 52.22 -6.08
CA ARG B 12 0.62 52.07 -7.39
C ARG B 12 -0.20 53.32 -7.76
N HIS B 13 -1.04 53.78 -6.83
CA HIS B 13 -1.93 54.91 -7.06
C HIS B 13 -1.49 56.12 -6.25
N PRO B 14 -1.93 57.32 -6.64
CA PRO B 14 -1.69 58.51 -5.82
C PRO B 14 -2.16 58.24 -4.41
N PRO B 15 -1.29 58.40 -3.43
CA PRO B 15 -1.60 58.01 -2.06
C PRO B 15 -2.53 59.02 -1.41
N GLU B 16 -3.60 58.54 -0.79
CA GLU B 16 -4.52 59.37 -0.02
C GLU B 16 -4.74 58.68 1.33
N ASN B 17 -4.48 59.40 2.41
CA ASN B 17 -4.68 58.84 3.76
C ASN B 17 -6.09 58.31 3.91
N GLY B 18 -6.21 57.08 4.42
CA GLY B 18 -7.50 56.44 4.66
C GLY B 18 -8.07 55.67 3.47
N LYS B 19 -7.45 55.78 2.30
CA LYS B 19 -7.86 55.07 1.09
C LYS B 19 -6.91 53.90 0.80
N PRO B 20 -7.44 52.66 0.76
CA PRO B 20 -6.64 51.49 0.38
C PRO B 20 -5.90 51.69 -0.95
N ASN B 21 -4.73 51.08 -1.06
CA ASN B 21 -3.78 51.32 -2.15
C ASN B 21 -2.93 50.06 -2.27
N ILE B 22 -1.93 50.06 -3.14
CA ILE B 22 -0.95 48.99 -3.22
C ILE B 22 0.43 49.62 -3.05
N LEU B 23 1.25 49.02 -2.20
CA LEU B 23 2.61 49.48 -1.98
C LEU B 23 3.52 48.55 -2.72
N ASN B 24 4.41 49.11 -3.53
CA ASN B 24 5.37 48.35 -4.31
C ASN B 24 6.75 48.46 -3.73
N CYS B 25 7.54 47.40 -3.88
CA CYS B 25 8.98 47.46 -3.66
C CYS B 25 9.62 46.82 -4.88
N TYR B 26 10.23 47.64 -5.73
CA TYR B 26 10.77 47.21 -7.00
C TYR B 26 12.26 47.07 -6.78
N VAL B 27 12.76 45.83 -6.92
CA VAL B 27 14.16 45.52 -6.72
C VAL B 27 14.77 45.03 -8.02
N THR B 28 15.77 45.78 -8.51
CA THR B 28 16.38 45.54 -9.82
C THR B 28 17.90 45.41 -9.77
N GLN B 29 18.45 45.04 -10.91
CA GLN B 29 19.86 45.16 -11.20
C GLN B 29 20.77 44.29 -10.30
N PHE B 30 20.27 43.13 -9.87
CA PHE B 30 21.02 42.26 -8.97
C PHE B 30 21.47 40.90 -9.56
N HIS B 31 22.39 40.25 -8.86
CA HIS B 31 22.97 38.96 -9.24
C HIS B 31 23.83 38.50 -8.06
N PRO B 32 23.71 37.24 -7.62
CA PRO B 32 22.86 36.19 -8.19
C PRO B 32 21.37 36.35 -7.85
N PRO B 33 20.52 35.58 -8.54
CA PRO B 33 19.06 35.73 -8.44
C PRO B 33 18.42 35.44 -7.08
N HIS B 34 19.11 34.69 -6.21
CA HIS B 34 18.61 34.44 -4.85
C HIS B 34 18.57 35.76 -4.07
N ILE B 35 17.42 36.09 -3.51
CA ILE B 35 17.24 37.34 -2.75
C ILE B 35 16.13 37.24 -1.70
N GLU B 36 16.25 38.01 -0.64
CA GLU B 36 15.24 38.11 0.40
C GLU B 36 14.68 39.51 0.47
N ILE B 37 13.36 39.60 0.31
CA ILE B 37 12.65 40.87 0.33
C ILE B 37 11.54 40.76 1.39
N GLN B 38 11.53 41.71 2.32
CA GLN B 38 10.42 41.90 3.26
C GLN B 38 9.94 43.32 3.15
N MET B 39 8.64 43.50 3.18
CA MET B 39 8.05 44.82 3.30
C MET B 39 7.67 45.01 4.77
N LEU B 40 7.80 46.24 5.27
CA LEU B 40 7.66 46.54 6.70
C LEU B 40 6.67 47.66 6.94
N LYS B 41 5.88 47.49 8.00
CA LYS B 41 5.05 48.54 8.54
C LYS B 41 5.50 48.77 9.97
N ASN B 42 5.94 50.00 10.26
CA ASN B 42 6.43 50.37 11.58
C ASN B 42 7.51 49.40 12.06
N GLY B 43 8.38 49.00 11.12
CA GLY B 43 9.51 48.15 11.42
C GLY B 43 9.23 46.67 11.45
N LYS B 44 7.96 46.27 11.41
CA LYS B 44 7.56 44.87 11.45
C LYS B 44 7.17 44.33 10.05
N LYS B 45 7.63 43.11 9.78
CA LYS B 45 7.29 42.39 8.55
C LYS B 45 5.78 42.38 8.32
N ILE B 46 5.36 42.79 7.12
CA ILE B 46 3.98 42.61 6.68
C ILE B 46 3.83 41.16 6.18
N PRO B 47 2.95 40.37 6.80
CA PRO B 47 2.93 38.91 6.57
C PRO B 47 2.55 38.33 5.21
N LYS B 48 1.79 39.00 4.34
CA LYS B 48 1.31 38.33 3.09
C LYS B 48 1.74 39.05 1.79
N VAL B 49 3.04 39.15 1.57
CA VAL B 49 3.55 39.96 0.46
C VAL B 49 3.57 39.15 -0.83
N GLU B 50 2.97 39.71 -1.88
CA GLU B 50 2.95 39.08 -3.19
C GLU B 50 4.31 39.27 -3.83
N MET B 51 4.80 38.23 -4.47
CA MET B 51 6.11 38.27 -5.12
C MET B 51 5.94 37.88 -6.58
N SER B 52 6.31 38.78 -7.49
CA SER B 52 6.28 38.46 -8.90
C SER B 52 7.34 37.39 -9.19
N ASP B 53 7.27 36.77 -10.36
CA ASP B 53 8.22 35.71 -10.69
C ASP B 53 9.58 36.32 -11.02
N MET B 54 10.63 35.49 -11.02
CA MET B 54 11.99 35.98 -11.28
C MET B 54 12.10 36.26 -12.77
N SER B 55 12.58 37.45 -13.12
CA SER B 55 12.84 37.78 -14.52
C SER B 55 14.20 38.46 -14.63
N PHE B 56 14.72 38.61 -15.85
CA PHE B 56 15.98 39.33 -16.03
C PHE B 56 15.99 40.28 -17.23
N SER B 57 16.83 41.30 -17.15
CA SER B 57 16.92 42.34 -18.18
C SER B 57 17.91 41.97 -19.28
N LYS B 58 17.94 42.74 -20.36
CA LYS B 58 18.86 42.45 -21.45
C LYS B 58 20.34 42.60 -21.05
N ASP B 59 20.61 43.20 -19.89
CA ASP B 59 21.99 43.23 -19.35
C ASP B 59 22.30 42.04 -18.40
N TRP B 60 21.38 41.07 -18.36
CA TRP B 60 21.49 39.80 -17.64
C TRP B 60 21.11 39.89 -16.18
N SER B 61 20.91 41.09 -15.67
CA SER B 61 20.66 41.29 -14.23
C SER B 61 19.21 41.00 -13.91
N PHE B 62 18.96 40.56 -12.67
CA PHE B 62 17.62 40.13 -12.26
C PHE B 62 16.80 41.25 -11.63
N TYR B 63 15.49 41.09 -11.64
CA TYR B 63 14.60 42.06 -11.01
C TYR B 63 13.34 41.38 -10.52
N ILE B 64 12.72 42.00 -9.52
CA ILE B 64 11.52 41.49 -8.89
C ILE B 64 10.64 42.66 -8.45
N LEU B 65 9.34 42.50 -8.62
CA LEU B 65 8.37 43.40 -7.99
C LEU B 65 7.69 42.68 -6.84
N ALA B 66 7.82 43.25 -5.64
CA ALA B 66 7.07 42.80 -4.48
C ALA B 66 5.95 43.81 -4.28
N HIS B 67 4.77 43.37 -3.82
CA HIS B 67 3.72 44.32 -3.48
C HIS B 67 2.81 43.83 -2.35
N THR B 68 2.08 44.77 -1.76
CA THR B 68 1.11 44.42 -0.75
C THR B 68 0.00 45.45 -0.67
N GLU B 69 -1.15 45.02 -0.20
CA GLU B 69 -2.23 45.97 0.08
C GLU B 69 -1.83 46.78 1.30
N PHE B 70 -2.21 48.05 1.31
CA PHE B 70 -2.01 48.92 2.48
C PHE B 70 -2.87 50.16 2.40
N THR B 71 -3.05 50.78 3.56
CA THR B 71 -3.82 51.99 3.67
C THR B 71 -2.91 53.05 4.29
N PRO B 72 -2.42 53.99 3.49
CA PRO B 72 -1.55 55.03 4.04
C PRO B 72 -2.25 55.84 5.11
N THR B 73 -1.54 56.15 6.20
CA THR B 73 -2.00 57.07 7.21
C THR B 73 -0.98 58.18 7.38
N GLU B 74 -1.31 59.15 8.19
CA GLU B 74 -0.40 60.27 8.44
C GLU B 74 0.79 59.83 9.31
N THR B 75 0.60 58.76 10.04
CA THR B 75 1.45 58.39 11.15
C THR B 75 2.33 57.16 10.88
N ASP B 76 1.76 56.12 10.27
CA ASP B 76 2.52 54.90 10.00
C ASP B 76 3.56 55.10 8.92
N THR B 77 4.68 54.39 9.06
CA THR B 77 5.72 54.45 8.05
C THR B 77 5.91 53.08 7.46
N TYR B 78 6.07 53.04 6.14
CA TYR B 78 6.32 51.78 5.44
C TYR B 78 7.71 51.77 4.87
N ALA B 79 8.23 50.56 4.65
CA ALA B 79 9.57 50.36 4.18
C ALA B 79 9.73 49.00 3.50
N CYS B 80 10.87 48.81 2.82
CA CYS B 80 11.23 47.54 2.22
C CYS B 80 12.64 47.21 2.64
N ARG B 81 12.88 45.99 3.07
CA ARG B 81 14.20 45.59 3.51
C ARG B 81 14.65 44.41 2.68
N VAL B 82 15.85 44.54 2.10
CA VAL B 82 16.38 43.60 1.13
C VAL B 82 17.68 42.97 1.61
N LYS B 83 17.72 41.64 1.63
CA LYS B 83 18.88 40.88 2.02
C LYS B 83 19.38 40.20 0.76
N HIS B 84 20.65 40.40 0.42
CA HIS B 84 21.25 39.81 -0.77
C HIS B 84 22.76 39.63 -0.56
N ASP B 85 23.37 38.69 -1.27
CA ASP B 85 24.76 38.32 -1.00
C ASP B 85 25.78 39.42 -1.34
N SER B 86 25.38 40.38 -2.17
CA SER B 86 26.21 41.53 -2.52
C SER B 86 26.40 42.51 -1.36
N MET B 87 25.61 42.35 -0.31
CA MET B 87 25.66 43.27 0.82
C MET B 87 25.94 42.49 2.08
N ALA B 88 26.89 42.97 2.86
CA ALA B 88 27.18 42.38 4.17
C ALA B 88 26.00 42.57 5.16
N GLU B 89 25.20 43.62 4.98
CA GLU B 89 24.01 43.86 5.81
C GLU B 89 22.79 44.17 4.97
N PRO B 90 21.59 43.97 5.52
CA PRO B 90 20.37 44.31 4.78
C PRO B 90 20.27 45.81 4.44
N LYS B 91 19.59 46.14 3.35
CA LYS B 91 19.37 47.52 2.95
C LYS B 91 17.88 47.85 3.06
N THR B 92 17.56 48.88 3.83
CA THR B 92 16.20 49.37 4.02
C THR B 92 15.99 50.62 3.19
N VAL B 93 14.89 50.72 2.47
CA VAL B 93 14.42 52.04 2.06
C VAL B 93 12.99 52.32 2.48
N TYR B 94 12.77 53.56 2.88
CA TYR B 94 11.51 53.98 3.46
C TYR B 94 10.66 54.60 2.38
N TRP B 95 9.35 54.37 2.47
CA TRP B 95 8.38 54.98 1.59
C TRP B 95 8.27 56.45 1.89
N ASP B 96 8.44 57.23 0.83
CA ASP B 96 8.16 58.66 0.81
C ASP B 96 7.06 58.88 -0.23
N ARG B 97 5.91 59.38 0.20
CA ARG B 97 4.74 59.54 -0.68
C ARG B 97 4.91 60.56 -1.81
N ASP B 98 5.88 61.45 -1.69
CA ASP B 98 6.24 62.44 -2.72
C ASP B 98 7.29 61.94 -3.71
N MET B 99 7.73 60.68 -3.58
CA MET B 99 8.84 60.26 -4.41
C MET B 99 9.02 58.76 -4.46
N LYS C 1 7.31 30.20 -30.13
CA LYS C 1 8.00 28.90 -30.30
C LYS C 1 9.41 28.96 -29.74
N ALA C 2 9.73 28.04 -28.85
CA ALA C 2 11.02 28.04 -28.20
C ALA C 2 12.07 27.45 -29.13
N VAL C 3 13.29 27.99 -29.02
CA VAL C 3 14.47 27.44 -29.65
C VAL C 3 14.81 26.15 -28.94
N PHE C 4 15.37 25.20 -29.69
CA PHE C 4 16.05 24.09 -29.05
C PHE C 4 17.54 24.12 -29.43
N ASN C 5 18.37 23.89 -28.43
CA ASN C 5 19.79 24.13 -28.61
C ASN C 5 20.46 22.92 -29.27
N PHE C 6 21.59 23.20 -29.90
CA PHE C 6 22.36 22.23 -30.67
C PHE C 6 23.36 21.62 -29.69
N ALA C 7 24.66 21.71 -29.97
CA ALA C 7 25.66 21.12 -29.12
C ALA C 7 25.65 21.83 -27.77
N THR C 8 25.93 21.06 -26.72
CA THR C 8 26.13 21.64 -25.40
C THR C 8 27.40 22.49 -25.41
N MET C 9 27.57 23.28 -24.37
CA MET C 9 28.74 24.13 -24.26
C MET C 9 30.01 23.33 -24.01
N GLY D 1 25.76 -28.07 -16.07
CA GLY D 1 25.11 -29.18 -15.30
C GLY D 1 25.92 -30.47 -15.29
N PRO D 2 27.15 -30.42 -14.76
CA PRO D 2 27.97 -31.63 -14.58
C PRO D 2 27.37 -32.60 -13.57
N HIS D 3 27.77 -33.87 -13.60
CA HIS D 3 27.25 -34.90 -12.68
C HIS D 3 28.35 -35.86 -12.26
N SER D 4 28.04 -36.75 -11.32
CA SER D 4 29.02 -37.68 -10.81
C SER D 4 28.41 -38.86 -10.07
N MET D 5 29.17 -39.94 -9.97
CA MET D 5 28.81 -41.05 -9.13
C MET D 5 30.04 -41.53 -8.37
N ARG D 6 29.85 -41.92 -7.12
CA ARG D 6 30.93 -42.45 -6.29
C ARG D 6 30.43 -43.57 -5.39
N TYR D 7 31.26 -44.58 -5.20
CA TYR D 7 31.13 -45.53 -4.11
C TYR D 7 32.33 -45.39 -3.16
N PHE D 8 32.04 -45.19 -1.88
CA PHE D 8 33.05 -45.01 -0.86
C PHE D 8 33.04 -46.24 0.05
N GLU D 9 34.11 -47.02 0.05
CA GLU D 9 34.11 -48.31 0.74
C GLU D 9 35.10 -48.31 1.87
N THR D 10 34.78 -49.01 2.95
CA THR D 10 35.62 -49.02 4.16
C THR D 10 35.62 -50.39 4.77
N ALA D 11 36.79 -50.92 5.13
CA ALA D 11 36.90 -52.07 6.02
C ALA D 11 37.78 -51.74 7.23
N VAL D 12 37.28 -52.06 8.41
CA VAL D 12 38.01 -51.79 9.64
C VAL D 12 38.19 -53.06 10.42
N SER D 13 39.44 -53.39 10.75
CA SER D 13 39.74 -54.53 11.60
C SER D 13 40.06 -54.03 12.99
N ARG D 14 39.74 -54.86 13.99
CA ARG D 14 40.12 -54.63 15.39
C ARG D 14 40.56 -55.96 16.02
N PRO D 15 41.30 -55.88 17.14
CA PRO D 15 41.66 -57.07 17.92
C PRO D 15 40.46 -57.94 18.34
N GLY D 16 39.30 -57.33 18.61
CA GLY D 16 38.11 -58.04 19.07
C GLY D 16 37.64 -59.23 18.22
N LEU D 17 36.59 -59.02 17.41
CA LEU D 17 36.02 -60.09 16.58
C LEU D 17 36.98 -60.44 15.43
N GLU D 18 36.90 -61.69 14.98
CA GLU D 18 37.77 -62.16 13.90
C GLU D 18 37.50 -61.49 12.54
N GLU D 19 36.36 -60.83 12.36
CA GLU D 19 35.97 -60.34 11.03
C GLU D 19 35.83 -58.80 10.93
N PRO D 20 36.51 -58.21 9.96
CA PRO D 20 36.36 -56.76 9.69
C PRO D 20 34.94 -56.36 9.38
N ARG D 21 34.57 -55.18 9.84
CA ARG D 21 33.34 -54.57 9.42
C ARG D 21 33.61 -53.91 8.05
N TYR D 22 32.73 -54.13 7.08
CA TYR D 22 32.83 -53.54 5.76
C TYR D 22 31.60 -52.68 5.50
N ILE D 23 31.81 -51.47 5.02
CA ILE D 23 30.71 -50.54 4.71
C ILE D 23 30.93 -49.94 3.32
N SER D 24 29.91 -49.98 2.48
CA SER D 24 29.95 -49.29 1.20
C SER D 24 28.80 -48.28 1.14
N VAL D 25 29.10 -47.06 0.68
CA VAL D 25 28.10 -46.02 0.44
C VAL D 25 28.22 -45.51 -0.99
N GLY D 26 27.10 -45.46 -1.71
CA GLY D 26 27.06 -44.90 -3.05
C GLY D 26 26.51 -43.49 -3.03
N TYR D 27 26.99 -42.65 -3.94
CA TYR D 27 26.52 -41.27 -4.09
C TYR D 27 26.31 -40.94 -5.56
N VAL D 28 25.23 -40.22 -5.85
CA VAL D 28 25.07 -39.51 -7.14
C VAL D 28 25.00 -38.01 -6.83
N ASP D 29 25.81 -37.21 -7.52
CA ASP D 29 25.87 -35.76 -7.30
C ASP D 29 26.04 -35.42 -5.81
N ASN D 30 27.00 -36.10 -5.19
CA ASN D 30 27.38 -35.92 -3.78
C ASN D 30 26.29 -36.24 -2.75
N LYS D 31 25.21 -36.87 -3.18
CA LYS D 31 24.12 -37.24 -2.28
C LYS D 31 24.01 -38.76 -2.20
N GLU D 32 23.86 -39.25 -0.98
CA GLU D 32 23.82 -40.67 -0.69
C GLU D 32 22.59 -41.34 -1.27
N PHE D 33 22.76 -42.43 -2.01
CA PHE D 33 21.62 -43.17 -2.59
C PHE D 33 21.55 -44.66 -2.29
N VAL D 34 22.68 -45.32 -2.04
CA VAL D 34 22.68 -46.72 -1.58
C VAL D 34 23.70 -46.94 -0.47
N ARG D 35 23.54 -48.05 0.25
CA ARG D 35 24.40 -48.32 1.38
C ARG D 35 24.38 -49.78 1.79
N PHE D 36 25.56 -50.33 2.02
CA PHE D 36 25.73 -51.69 2.53
C PHE D 36 26.55 -51.62 3.80
N ASP D 37 26.23 -52.47 4.76
CA ASP D 37 26.89 -52.47 6.05
C ASP D 37 26.84 -53.88 6.63
N SER D 38 28.00 -54.50 6.80
CA SER D 38 28.05 -55.90 7.25
C SER D 38 27.65 -56.09 8.71
N ASP D 39 27.53 -55.01 9.47
CA ASP D 39 26.99 -55.08 10.83
C ASP D 39 25.46 -55.22 10.91
N ALA D 40 24.77 -54.89 9.83
CA ALA D 40 23.32 -55.06 9.76
C ALA D 40 22.92 -56.52 9.97
N GLU D 41 21.63 -56.71 10.19
CA GLU D 41 21.07 -57.97 10.64
C GLU D 41 21.17 -58.96 9.47
N ASN D 42 20.50 -58.40 8.32
CA ASN D 42 20.57 -59.06 7.03
C ASN D 42 21.37 -58.16 6.09
N PRO D 43 22.70 -58.32 6.08
CA PRO D 43 23.56 -57.44 5.28
C PRO D 43 23.12 -57.38 3.82
N ARG D 44 22.74 -56.18 3.41
CA ARG D 44 22.12 -55.94 2.12
C ARG D 44 22.39 -54.50 1.68
N TYR D 45 22.54 -54.26 0.37
CA TYR D 45 22.49 -52.89 -0.15
C TYR D 45 21.03 -52.43 -0.01
N GLU D 46 20.82 -51.27 0.61
CA GLU D 46 19.48 -50.74 0.85
C GLU D 46 19.36 -49.36 0.20
N PRO D 47 18.18 -49.03 -0.31
CA PRO D 47 17.96 -47.71 -0.91
C PRO D 47 18.11 -46.63 0.15
N ARG D 48 18.57 -45.45 -0.25
CA ARG D 48 18.86 -44.39 0.70
C ARG D 48 18.24 -43.07 0.32
N ALA D 49 17.69 -43.00 -0.88
CA ALA D 49 16.80 -41.92 -1.29
C ALA D 49 15.54 -42.56 -1.92
N PRO D 50 14.40 -41.87 -1.82
CA PRO D 50 13.13 -42.39 -2.34
C PRO D 50 13.14 -42.81 -3.81
N TRP D 51 13.86 -42.11 -4.67
CA TRP D 51 13.84 -42.42 -6.11
C TRP D 51 14.49 -43.76 -6.47
N MET D 52 15.30 -44.29 -5.56
CA MET D 52 15.93 -45.59 -5.76
C MET D 52 14.99 -46.77 -5.49
N GLU D 53 13.88 -46.51 -4.81
CA GLU D 53 12.87 -47.54 -4.56
C GLU D 53 12.26 -48.08 -5.87
N GLN D 54 12.41 -47.33 -6.96
CA GLN D 54 12.03 -47.81 -8.30
C GLN D 54 12.62 -49.19 -8.62
N GLU D 55 13.91 -49.38 -8.37
CA GLU D 55 14.65 -50.59 -8.74
C GLU D 55 14.06 -51.89 -8.17
N GLY D 56 14.02 -52.93 -9.01
CA GLY D 56 13.42 -54.20 -8.63
C GLY D 56 14.32 -55.04 -7.74
N PRO D 57 13.79 -56.12 -7.20
CA PRO D 57 14.58 -56.99 -6.31
C PRO D 57 15.86 -57.54 -6.96
N GLU D 58 15.88 -57.64 -8.29
CA GLU D 58 17.01 -58.27 -9.00
C GLU D 58 18.25 -57.40 -8.98
N TYR D 59 18.03 -56.09 -9.05
CA TYR D 59 19.08 -55.11 -8.89
C TYR D 59 19.72 -55.22 -7.50
N TRP D 60 18.89 -55.30 -6.45
CA TRP D 60 19.40 -55.38 -5.07
C TRP D 60 20.17 -56.67 -4.79
N GLU D 61 19.64 -57.81 -5.25
CA GLU D 61 20.35 -59.10 -5.13
C GLU D 61 21.75 -59.05 -5.71
N ARG D 62 21.88 -58.44 -6.89
CA ARG D 62 23.15 -58.41 -7.64
C ARG D 62 24.16 -57.54 -6.96
N GLU D 63 23.75 -56.31 -6.64
CA GLU D 63 24.62 -55.36 -5.93
C GLU D 63 25.05 -55.95 -4.60
N THR D 64 24.12 -56.52 -3.86
CA THR D 64 24.41 -57.19 -2.59
C THR D 64 25.45 -58.30 -2.72
N GLN D 65 25.36 -59.08 -3.79
CA GLN D 65 26.32 -60.14 -4.07
C GLN D 65 27.71 -59.57 -4.34
N LYS D 66 27.75 -58.46 -5.08
CA LYS D 66 28.99 -57.74 -5.30
C LYS D 66 29.59 -57.27 -3.98
N ALA D 67 28.77 -56.65 -3.14
CA ALA D 67 29.20 -56.20 -1.82
C ALA D 67 29.82 -57.35 -1.02
N LYS D 68 29.23 -58.54 -1.08
CA LYS D 68 29.78 -59.66 -0.31
C LYS D 68 31.15 -60.06 -0.85
N GLY D 69 31.33 -59.94 -2.16
CA GLY D 69 32.62 -60.17 -2.77
C GLY D 69 33.64 -59.12 -2.35
N GLN D 70 33.25 -57.85 -2.30
CA GLN D 70 34.13 -56.77 -1.85
C GLN D 70 34.59 -57.03 -0.41
N GLU D 71 33.66 -57.36 0.46
CA GLU D 71 33.96 -57.65 1.87
C GLU D 71 35.10 -58.66 1.99
N GLN D 72 35.04 -59.74 1.20
CA GLN D 72 36.09 -60.77 1.22
C GLN D 72 37.39 -60.25 0.59
N TRP D 73 37.27 -59.42 -0.43
CA TRP D 73 38.41 -58.76 -1.05
C TRP D 73 39.15 -57.85 -0.03
N PHE D 74 38.39 -57.08 0.73
CA PHE D 74 38.97 -56.17 1.70
C PHE D 74 39.61 -56.96 2.81
N ARG D 75 39.01 -58.09 3.15
CA ARG D 75 39.45 -58.91 4.26
C ARG D 75 40.82 -59.49 3.92
N VAL D 76 40.94 -60.02 2.71
CA VAL D 76 42.21 -60.53 2.20
C VAL D 76 43.29 -59.43 2.04
N SER D 77 42.88 -58.28 1.51
CA SER D 77 43.81 -57.17 1.28
C SER D 77 44.39 -56.62 2.58
N LEU D 78 43.55 -56.55 3.61
CA LEU D 78 43.94 -56.12 4.95
C LEU D 78 45.00 -57.06 5.51
N ARG D 79 44.77 -58.36 5.34
CA ARG D 79 45.71 -59.38 5.76
C ARG D 79 47.07 -59.16 5.06
N ASN D 80 47.02 -58.89 3.76
CA ASN D 80 48.23 -58.76 2.95
C ASN D 80 49.01 -57.50 3.35
N LEU D 81 48.29 -56.43 3.69
CA LEU D 81 48.94 -55.15 4.03
C LEU D 81 49.66 -55.23 5.36
N LEU D 82 49.10 -56.01 6.27
CA LEU D 82 49.71 -56.30 7.55
C LEU D 82 51.11 -56.89 7.34
N GLY D 83 51.24 -57.83 6.41
CA GLY D 83 52.54 -58.35 6.03
C GLY D 83 53.44 -57.32 5.33
N TYR D 84 52.88 -56.57 4.38
CA TYR D 84 53.66 -55.61 3.62
C TYR D 84 54.33 -54.57 4.49
N TYR D 85 53.63 -54.17 5.56
CA TYR D 85 54.10 -53.11 6.47
C TYR D 85 54.70 -53.64 7.78
N ASN D 86 54.84 -54.97 7.87
CA ASN D 86 55.44 -55.63 9.03
C ASN D 86 54.75 -55.16 10.31
N GLN D 87 53.42 -55.21 10.30
CA GLN D 87 52.62 -54.84 11.46
C GLN D 87 52.26 -56.14 12.16
N SER D 88 52.26 -56.12 13.47
CA SER D 88 51.91 -57.34 14.19
C SER D 88 50.42 -57.31 14.51
N ALA D 89 49.96 -58.37 15.18
CA ALA D 89 48.58 -58.47 15.66
C ALA D 89 48.36 -57.52 16.82
N GLY D 90 47.10 -57.20 17.09
CA GLY D 90 46.73 -56.36 18.23
C GLY D 90 46.61 -54.88 17.95
N GLY D 91 46.42 -54.51 16.68
CA GLY D 91 46.11 -53.14 16.32
C GLY D 91 44.78 -53.05 15.60
N SER D 92 44.33 -51.84 15.31
CA SER D 92 43.21 -51.59 14.41
C SER D 92 43.75 -51.02 13.10
N HIS D 93 43.13 -51.45 11.99
CA HIS D 93 43.55 -51.01 10.66
C HIS D 93 42.37 -50.65 9.78
N THR D 94 42.62 -49.74 8.86
CA THR D 94 41.58 -49.22 7.98
C THR D 94 42.02 -49.34 6.52
N LEU D 95 41.11 -49.78 5.68
CA LEU D 95 41.34 -49.80 4.25
C LEU D 95 40.15 -49.12 3.60
N GLN D 96 40.40 -48.09 2.79
CA GLN D 96 39.32 -47.36 2.15
C GLN D 96 39.55 -47.32 0.65
N GLN D 97 38.46 -47.18 -0.09
CA GLN D 97 38.46 -47.09 -1.53
C GLN D 97 37.44 -46.03 -1.99
N MET D 98 37.82 -45.21 -2.97
CA MET D 98 36.88 -44.37 -3.68
C MET D 98 36.96 -44.75 -5.16
N SER D 99 35.81 -44.93 -5.79
CA SER D 99 35.77 -45.20 -7.21
C SER D 99 34.55 -44.53 -7.78
N GLY D 100 34.60 -44.23 -9.08
CA GLY D 100 33.45 -43.69 -9.78
C GLY D 100 33.81 -42.79 -10.95
N CYS D 101 32.83 -41.99 -11.40
CA CYS D 101 33.05 -41.17 -12.60
C CYS D 101 32.44 -39.76 -12.53
N ASP D 102 33.10 -38.82 -13.19
CA ASP D 102 32.56 -37.49 -13.43
C ASP D 102 32.05 -37.39 -14.86
N LEU D 103 30.81 -36.94 -15.02
CA LEU D 103 30.26 -36.55 -16.31
C LEU D 103 30.24 -35.03 -16.49
N GLY D 104 30.47 -34.60 -17.72
CA GLY D 104 30.30 -33.20 -18.09
C GLY D 104 28.83 -32.89 -18.25
N SER D 105 28.51 -31.64 -18.60
CA SER D 105 27.11 -31.26 -18.87
C SER D 105 26.52 -31.98 -20.10
N ASP D 106 27.38 -32.44 -21.00
CA ASP D 106 26.98 -33.26 -22.16
C ASP D 106 26.77 -34.75 -21.81
N TRP D 107 26.92 -35.08 -20.53
CA TRP D 107 26.77 -36.44 -20.01
C TRP D 107 27.86 -37.42 -20.48
N ARG D 108 28.93 -36.90 -21.08
CA ARG D 108 30.08 -37.71 -21.48
C ARG D 108 31.03 -37.84 -20.30
N LEU D 109 31.77 -38.95 -20.27
CA LEU D 109 32.82 -39.19 -19.29
C LEU D 109 33.91 -38.11 -19.32
N LEU D 110 34.10 -37.43 -18.20
CA LEU D 110 35.16 -36.44 -18.05
C LEU D 110 36.40 -37.09 -17.39
N ARG D 111 36.17 -38.02 -16.46
CA ARG D 111 37.27 -38.57 -15.67
C ARG D 111 36.80 -39.74 -14.81
N GLY D 112 37.58 -40.82 -14.81
CA GLY D 112 37.35 -41.94 -13.92
C GLY D 112 38.19 -41.81 -12.68
N TYR D 113 37.77 -42.46 -11.59
CA TYR D 113 38.46 -42.41 -10.30
C TYR D 113 38.54 -43.78 -9.66
N LEU D 114 39.74 -44.13 -9.20
CA LEU D 114 39.95 -45.36 -8.43
C LEU D 114 41.13 -45.09 -7.49
N GLN D 115 40.87 -45.04 -6.19
CA GLN D 115 41.88 -44.63 -5.22
C GLN D 115 41.73 -45.49 -3.99
N PHE D 116 42.85 -45.85 -3.37
CA PHE D 116 42.81 -46.62 -2.15
C PHE D 116 43.65 -45.92 -1.09
N ALA D 117 43.25 -46.08 0.17
CA ALA D 117 44.00 -45.57 1.30
C ALA D 117 44.12 -46.66 2.35
N TYR D 118 45.26 -46.70 3.02
CA TYR D 118 45.48 -47.59 4.16
C TYR D 118 45.85 -46.75 5.38
N GLU D 119 45.17 -47.00 6.50
CA GLU D 119 45.32 -46.22 7.72
C GLU D 119 45.01 -44.76 7.48
N GLY D 120 44.13 -44.47 6.54
CA GLY D 120 43.77 -43.10 6.24
C GLY D 120 44.74 -42.36 5.34
N ARG D 121 45.67 -43.07 4.68
CA ARG D 121 46.70 -42.43 3.86
C ARG D 121 46.84 -43.08 2.50
N ASP D 122 47.14 -42.25 1.50
CA ASP D 122 47.18 -42.71 0.11
C ASP D 122 48.02 -43.97 0.02
N TYR D 123 47.47 -45.01 -0.60
CA TYR D 123 48.17 -46.27 -0.78
C TYR D 123 48.45 -46.42 -2.27
N ILE D 124 47.41 -46.54 -3.07
CA ILE D 124 47.56 -46.64 -4.51
C ILE D 124 46.35 -46.09 -5.24
N ALA D 125 46.58 -45.57 -6.44
CA ALA D 125 45.53 -44.98 -7.24
C ALA D 125 45.77 -45.24 -8.72
N LEU D 126 44.68 -45.38 -9.45
CA LEU D 126 44.70 -45.43 -10.91
C LEU D 126 44.81 -43.98 -11.40
N ASN D 127 45.74 -43.73 -12.32
CA ASN D 127 45.94 -42.38 -12.85
C ASN D 127 44.79 -41.98 -13.78
N GLU D 128 44.76 -40.73 -14.21
CA GLU D 128 43.63 -40.23 -14.99
C GLU D 128 43.55 -40.90 -16.37
N ASP D 129 44.67 -41.45 -16.84
CA ASP D 129 44.72 -42.14 -18.13
C ASP D 129 44.07 -43.52 -18.08
N LEU D 130 43.72 -43.97 -16.88
CA LEU D 130 43.03 -45.24 -16.64
C LEU D 130 43.89 -46.43 -17.12
N LYS D 131 45.20 -46.25 -17.10
CA LYS D 131 46.15 -47.25 -17.58
C LYS D 131 47.30 -47.52 -16.63
N THR D 132 47.77 -46.50 -15.91
CA THR D 132 48.94 -46.63 -15.02
C THR D 132 48.57 -46.27 -13.58
N TRP D 133 49.43 -46.72 -12.66
CA TRP D 133 49.20 -46.63 -11.23
C TRP D 133 50.24 -45.72 -10.55
N THR D 134 49.77 -44.92 -9.61
CA THR D 134 50.62 -44.17 -8.68
C THR D 134 50.56 -44.83 -7.30
N ALA D 135 51.73 -45.14 -6.76
CA ALA D 135 51.89 -45.66 -5.41
C ALA D 135 53.14 -45.06 -4.80
N ALA D 136 52.99 -44.23 -3.78
CA ALA D 136 54.14 -43.60 -3.13
C ALA D 136 54.94 -44.55 -2.20
N ASP D 137 54.28 -45.32 -1.33
CA ASP D 137 54.97 -46.09 -0.29
C ASP D 137 55.82 -47.23 -0.84
N MET D 138 56.98 -47.44 -0.26
CA MET D 138 57.79 -48.56 -0.67
C MET D 138 57.01 -49.86 -0.52
N ALA D 139 56.22 -49.94 0.53
CA ALA D 139 55.36 -51.09 0.79
C ALA D 139 54.33 -51.28 -0.31
N ALA D 140 53.80 -50.17 -0.82
CA ALA D 140 52.79 -50.17 -1.87
C ALA D 140 53.29 -50.66 -3.23
N GLN D 141 54.62 -50.77 -3.41
CA GLN D 141 55.17 -51.19 -4.69
C GLN D 141 54.91 -52.67 -4.99
N ILE D 142 54.71 -53.51 -3.98
CA ILE D 142 54.35 -54.91 -4.23
C ILE D 142 53.00 -54.96 -4.97
N THR D 143 52.04 -54.18 -4.50
CA THR D 143 50.71 -54.10 -5.11
C THR D 143 50.74 -53.50 -6.51
N ARG D 144 51.45 -52.40 -6.67
CA ARG D 144 51.58 -51.77 -7.97
C ARG D 144 52.08 -52.79 -8.98
N ARG D 145 53.14 -53.52 -8.62
CA ARG D 145 53.76 -54.53 -9.51
C ARG D 145 52.76 -55.65 -9.84
N LYS D 146 52.09 -56.17 -8.82
CA LYS D 146 51.10 -57.22 -8.97
C LYS D 146 50.00 -56.79 -9.95
N TRP D 147 49.52 -55.56 -9.81
CA TRP D 147 48.41 -55.08 -10.59
C TRP D 147 48.80 -54.75 -12.03
N GLU D 148 50.04 -54.33 -12.22
CA GLU D 148 50.57 -54.08 -13.56
C GLU D 148 50.67 -55.39 -14.36
N GLN D 149 51.17 -56.42 -13.70
CA GLN D 149 51.35 -57.74 -14.30
C GLN D 149 50.03 -58.49 -14.54
N SER D 150 48.97 -58.17 -13.82
CA SER D 150 47.72 -58.93 -13.94
C SER D 150 46.71 -58.29 -14.88
N GLY D 151 47.01 -57.09 -15.39
CA GLY D 151 46.08 -56.36 -16.23
C GLY D 151 44.91 -55.73 -15.49
N ALA D 152 45.11 -55.36 -14.22
CA ALA D 152 44.05 -54.82 -13.41
C ALA D 152 43.48 -53.49 -13.93
N ALA D 153 44.32 -52.60 -14.43
CA ALA D 153 43.84 -51.31 -14.91
C ALA D 153 42.76 -51.48 -15.98
N GLU D 154 42.97 -52.43 -16.89
CA GLU D 154 42.01 -52.70 -17.98
C GLU D 154 40.63 -53.03 -17.43
N HIS D 155 40.57 -53.85 -16.38
CA HIS D 155 39.28 -54.21 -15.78
C HIS D 155 38.60 -53.00 -15.14
N TYR D 156 39.35 -52.17 -14.41
CA TYR D 156 38.77 -51.00 -13.76
C TYR D 156 38.30 -49.97 -14.77
N LYS D 157 39.04 -49.82 -15.87
CA LYS D 157 38.72 -48.89 -16.95
C LYS D 157 37.41 -49.26 -17.63
N ALA D 158 37.16 -50.56 -17.80
CA ALA D 158 35.90 -51.00 -18.41
C ALA D 158 34.70 -50.65 -17.52
N TYR D 159 34.85 -50.82 -16.21
CA TYR D 159 33.80 -50.35 -15.30
C TYR D 159 33.64 -48.83 -15.40
N LEU D 160 34.74 -48.09 -15.35
CA LEU D 160 34.67 -46.63 -15.29
C LEU D 160 34.06 -46.00 -16.54
N GLU D 161 34.42 -46.52 -17.71
CA GLU D 161 33.94 -46.02 -19.01
C GLU D 161 32.61 -46.61 -19.45
N GLY D 162 32.25 -47.76 -18.85
CA GLY D 162 31.09 -48.53 -19.25
C GLY D 162 29.97 -48.43 -18.24
N GLU D 163 29.86 -49.42 -17.35
CA GLU D 163 28.81 -49.49 -16.33
C GLU D 163 28.58 -48.17 -15.59
N CYS D 164 29.66 -47.60 -15.05
CA CYS D 164 29.58 -46.40 -14.22
C CYS D 164 28.86 -45.28 -14.95
N VAL D 165 29.22 -45.07 -16.21
CA VAL D 165 28.61 -44.03 -17.02
C VAL D 165 27.16 -44.43 -17.28
N GLU D 166 26.97 -45.60 -17.86
CA GLU D 166 25.66 -46.05 -18.29
C GLU D 166 24.65 -46.07 -17.13
N TRP D 167 25.06 -46.51 -15.95
CA TRP D 167 24.15 -46.61 -14.82
C TRP D 167 23.91 -45.26 -14.14
N LEU D 168 24.90 -44.37 -14.18
CA LEU D 168 24.70 -42.99 -13.74
C LEU D 168 23.70 -42.30 -14.65
N HIS D 169 23.76 -42.53 -15.97
CA HIS D 169 22.76 -41.97 -16.89
C HIS D 169 21.37 -42.41 -16.45
N ARG D 170 21.24 -43.68 -16.09
CA ARG D 170 19.93 -44.25 -15.73
C ARG D 170 19.40 -43.74 -14.39
N TYR D 171 20.30 -43.39 -13.46
CA TYR D 171 19.90 -42.87 -12.16
C TYR D 171 19.45 -41.41 -12.30
N LEU D 172 20.08 -40.69 -13.21
CA LEU D 172 19.74 -39.29 -13.48
C LEU D 172 18.35 -39.17 -14.12
N LYS D 173 18.02 -40.06 -15.05
CA LYS D 173 16.67 -40.14 -15.63
C LYS D 173 15.65 -40.54 -14.56
N ASN D 174 16.01 -41.51 -13.71
CA ASN D 174 15.10 -42.07 -12.71
C ASN D 174 14.76 -41.13 -11.55
N GLY D 175 15.54 -40.07 -11.37
CA GLY D 175 15.23 -39.06 -10.38
C GLY D 175 15.73 -37.69 -10.82
N ASN D 176 15.14 -37.14 -11.88
CA ASN D 176 15.56 -35.85 -12.41
C ASN D 176 15.05 -34.69 -11.53
N ALA D 177 13.78 -34.76 -11.12
CA ALA D 177 13.18 -33.74 -10.25
C ALA D 177 13.75 -33.74 -8.81
N THR D 178 14.48 -34.79 -8.43
CA THR D 178 15.09 -34.87 -7.10
C THR D 178 16.55 -34.38 -7.12
N LEU D 179 17.42 -35.09 -7.86
CA LEU D 179 18.87 -34.79 -7.94
C LEU D 179 19.25 -33.80 -9.06
N LEU D 180 18.46 -32.73 -9.19
CA LEU D 180 18.84 -31.57 -10.00
C LEU D 180 18.55 -30.25 -9.25
N ARG D 181 18.27 -30.37 -7.95
CA ARG D 181 17.95 -29.20 -7.14
C ARG D 181 19.23 -28.50 -6.72
N THR D 182 19.19 -27.18 -6.68
CA THR D 182 20.23 -26.38 -6.07
C THR D 182 19.56 -25.28 -5.28
N ASP D 183 19.55 -25.42 -3.96
CA ASP D 183 19.01 -24.40 -3.08
C ASP D 183 19.98 -23.24 -2.95
N SER D 184 19.49 -22.05 -3.25
CA SER D 184 20.31 -20.85 -3.19
C SER D 184 20.45 -20.44 -1.73
N PRO D 185 21.57 -19.79 -1.38
CA PRO D 185 21.73 -19.27 -0.02
C PRO D 185 20.85 -18.08 0.24
N LYS D 186 20.23 -18.05 1.41
CA LYS D 186 19.63 -16.84 1.96
C LYS D 186 20.69 -16.34 2.91
N ALA D 187 21.00 -15.05 2.83
CA ALA D 187 22.07 -14.48 3.64
C ALA D 187 21.57 -13.27 4.41
N HIS D 188 22.09 -13.11 5.61
CA HIS D 188 21.79 -11.96 6.44
C HIS D 188 23.00 -11.65 7.29
N VAL D 189 23.18 -10.37 7.60
CA VAL D 189 24.25 -9.95 8.48
C VAL D 189 23.65 -9.73 9.88
N THR D 190 24.33 -10.22 10.90
CA THR D 190 23.94 -9.96 12.29
C THR D 190 25.00 -9.10 12.94
N HIS D 191 24.58 -8.41 14.00
CA HIS D 191 25.35 -7.36 14.62
C HIS D 191 25.55 -7.75 16.07
N HIS D 192 26.79 -7.71 16.53
CA HIS D 192 27.17 -8.32 17.79
C HIS D 192 28.17 -7.45 18.55
N PRO D 193 27.92 -7.21 19.84
CA PRO D 193 28.93 -6.55 20.69
C PRO D 193 30.25 -7.32 20.64
N ARG D 194 31.35 -6.59 20.54
CA ARG D 194 32.66 -7.22 20.44
C ARG D 194 33.64 -6.59 21.41
N SER D 195 33.83 -5.28 21.31
CA SER D 195 34.81 -4.56 22.13
C SER D 195 34.35 -3.12 22.41
N LYS D 196 35.23 -2.30 22.98
CA LYS D 196 35.00 -0.85 23.04
C LYS D 196 35.12 -0.25 21.64
N GLY D 197 34.03 0.36 21.16
CA GLY D 197 34.01 1.00 19.85
C GLY D 197 34.22 0.07 18.67
N GLU D 198 33.81 -1.20 18.81
CA GLU D 198 34.01 -2.23 17.78
C GLU D 198 32.91 -3.31 17.84
N VAL D 199 32.19 -3.53 16.74
CA VAL D 199 31.15 -4.57 16.66
C VAL D 199 31.52 -5.69 15.70
N THR D 200 30.95 -6.87 15.92
CA THR D 200 31.11 -8.01 15.03
C THR D 200 29.96 -8.05 14.01
N LEU D 201 30.33 -8.00 12.73
CA LEU D 201 29.40 -8.26 11.65
C LEU D 201 29.62 -9.71 11.19
N ARG D 202 28.55 -10.48 11.20
CA ARG D 202 28.62 -11.89 10.88
C ARG D 202 27.71 -12.12 9.70
N CYS D 203 28.31 -12.35 8.53
CA CYS D 203 27.56 -12.71 7.35
C CYS D 203 27.24 -14.20 7.38
N TRP D 204 25.95 -14.50 7.37
CA TRP D 204 25.44 -15.85 7.40
C TRP D 204 24.95 -16.23 6.03
N ALA D 205 25.14 -17.48 5.65
CA ALA D 205 24.45 -18.06 4.51
C ALA D 205 23.80 -19.33 5.01
N LEU D 206 22.55 -19.55 4.62
CA LEU D 206 21.72 -20.59 5.20
C LEU D 206 20.83 -21.25 4.16
N GLY D 207 20.41 -22.47 4.45
CA GLY D 207 19.53 -23.21 3.55
C GLY D 207 20.05 -23.35 2.13
N PHE D 208 21.34 -23.60 1.94
CA PHE D 208 21.88 -23.80 0.58
C PHE D 208 22.30 -25.24 0.27
N TYR D 209 22.21 -25.59 -1.01
CA TYR D 209 22.67 -26.89 -1.49
C TYR D 209 23.03 -26.72 -2.97
N PRO D 210 24.17 -27.24 -3.44
CA PRO D 210 25.17 -27.99 -2.65
C PRO D 210 26.05 -27.17 -1.70
N ALA D 211 26.88 -27.88 -0.95
CA ALA D 211 27.70 -27.33 0.13
C ALA D 211 28.74 -26.29 -0.28
N ASP D 212 29.25 -26.41 -1.50
CA ASP D 212 30.32 -25.54 -2.00
C ASP D 212 29.83 -24.10 -2.08
N ILE D 213 30.52 -23.21 -1.39
CA ILE D 213 30.10 -21.82 -1.29
C ILE D 213 31.31 -20.96 -0.92
N THR D 214 31.25 -19.67 -1.24
CA THR D 214 32.28 -18.74 -0.81
C THR D 214 31.67 -17.45 -0.24
N LEU D 215 32.29 -16.95 0.82
CA LEU D 215 31.87 -15.73 1.52
C LEU D 215 33.10 -14.85 1.66
N THR D 216 32.95 -13.58 1.30
CA THR D 216 34.01 -12.60 1.44
C THR D 216 33.45 -11.37 2.13
N TRP D 217 34.32 -10.65 2.84
CA TRP D 217 33.96 -9.35 3.38
C TRP D 217 34.80 -8.31 2.65
N GLN D 218 34.20 -7.15 2.39
CA GLN D 218 34.86 -6.07 1.64
C GLN D 218 34.69 -4.75 2.38
N LEU D 219 35.77 -3.98 2.48
CA LEU D 219 35.70 -2.58 2.93
C LEU D 219 36.10 -1.72 1.73
N ASN D 220 35.12 -1.02 1.15
CA ASN D 220 35.36 -0.11 0.03
C ASN D 220 36.06 -0.76 -1.18
N GLY D 221 35.62 -1.97 -1.55
CA GLY D 221 36.10 -2.61 -2.77
C GLY D 221 37.12 -3.72 -2.59
N GLU D 222 38.03 -3.58 -1.62
CA GLU D 222 39.10 -4.55 -1.40
C GLU D 222 38.69 -5.65 -0.42
N GLU D 223 38.91 -6.90 -0.82
CA GLU D 223 38.56 -8.06 0.01
C GLU D 223 39.46 -8.13 1.24
N LEU D 224 39.08 -8.98 2.20
CA LEU D 224 39.74 -9.01 3.52
C LEU D 224 40.21 -10.43 3.87
N THR D 225 41.48 -10.72 3.56
CA THR D 225 42.14 -11.95 4.00
C THR D 225 42.71 -11.83 5.42
N GLN D 226 43.04 -10.60 5.84
CA GLN D 226 43.47 -10.34 7.22
C GLN D 226 42.35 -10.74 8.16
N ASP D 227 42.72 -11.34 9.28
CA ASP D 227 41.79 -11.89 10.28
C ASP D 227 40.29 -11.65 9.99
N MET D 228 39.77 -12.38 9.00
CA MET D 228 38.33 -12.58 8.86
C MET D 228 38.10 -13.94 9.49
N GLU D 229 37.12 -14.04 10.39
CA GLU D 229 36.79 -15.32 11.01
C GLU D 229 35.77 -16.04 10.14
N LEU D 230 36.00 -17.31 9.88
CA LEU D 230 34.99 -18.14 9.21
C LEU D 230 34.77 -19.46 9.95
N VAL D 231 33.84 -20.26 9.46
CA VAL D 231 33.68 -21.63 9.92
C VAL D 231 33.61 -22.59 8.73
N GLU D 232 34.00 -23.82 8.96
CA GLU D 232 33.85 -24.84 7.93
C GLU D 232 32.36 -25.01 7.66
N THR D 233 32.02 -25.19 6.40
CA THR D 233 30.66 -25.44 5.98
C THR D 233 30.11 -26.67 6.69
N ARG D 234 28.85 -26.56 7.13
CA ARG D 234 28.26 -27.54 8.04
C ARG D 234 26.83 -27.90 7.64
N PRO D 235 26.41 -29.13 7.88
CA PRO D 235 25.03 -29.52 7.61
C PRO D 235 24.03 -28.97 8.62
N ALA D 236 23.00 -28.29 8.13
CA ALA D 236 21.81 -27.99 8.92
C ALA D 236 21.19 -29.25 9.49
N GLY D 237 21.26 -30.34 8.73
CA GLY D 237 20.66 -31.61 9.08
C GLY D 237 19.37 -31.89 8.31
N ASP D 238 18.98 -30.97 7.43
CA ASP D 238 17.75 -31.10 6.66
C ASP D 238 18.05 -31.22 5.17
N GLY D 239 19.27 -31.65 4.83
CA GLY D 239 19.78 -31.65 3.46
C GLY D 239 20.56 -30.39 3.07
N THR D 240 20.22 -29.25 3.68
CA THR D 240 20.92 -27.99 3.39
C THR D 240 22.13 -27.76 4.30
N PHE D 241 22.86 -26.68 3.99
CA PHE D 241 24.13 -26.38 4.62
C PHE D 241 24.19 -24.94 5.14
N GLN D 242 25.18 -24.68 6.00
CA GLN D 242 25.37 -23.38 6.62
C GLN D 242 26.85 -23.01 6.62
N LYS D 243 27.11 -21.73 6.50
CA LYS D 243 28.44 -21.19 6.72
C LYS D 243 28.28 -19.79 7.25
N TRP D 244 29.28 -19.31 7.97
CA TRP D 244 29.36 -17.89 8.20
C TRP D 244 30.76 -17.33 8.13
N ALA D 245 30.81 -16.04 7.87
CA ALA D 245 32.04 -15.29 7.85
C ALA D 245 31.77 -13.99 8.60
N SER D 246 32.73 -13.61 9.45
CA SER D 246 32.59 -12.44 10.30
C SER D 246 33.86 -11.59 10.27
N VAL D 247 33.70 -10.33 10.63
CA VAL D 247 34.80 -9.38 10.51
C VAL D 247 34.72 -8.34 11.64
N VAL D 248 35.87 -7.79 12.01
CA VAL D 248 36.01 -6.91 13.19
C VAL D 248 36.01 -5.42 12.78
N VAL D 249 34.91 -4.72 13.11
CA VAL D 249 34.55 -3.41 12.50
C VAL D 249 34.21 -2.33 13.54
N PRO D 250 34.61 -1.07 13.34
CA PRO D 250 34.28 0.00 14.30
C PRO D 250 32.79 0.38 14.37
N LEU D 251 32.32 0.73 15.57
CA LEU D 251 30.97 1.28 15.75
C LEU D 251 30.83 2.60 14.98
N GLY D 252 29.81 2.69 14.14
CA GLY D 252 29.58 3.86 13.32
C GLY D 252 30.00 3.70 11.87
N LYS D 253 31.08 2.96 11.63
CA LYS D 253 31.60 2.72 10.27
C LYS D 253 30.96 1.46 9.68
N GLU D 254 29.70 1.24 10.02
CA GLU D 254 29.03 -0.04 9.86
C GLU D 254 28.67 -0.32 8.41
N GLN D 255 28.21 0.73 7.74
CA GLN D 255 27.56 0.60 6.44
C GLN D 255 28.55 0.47 5.29
N ASN D 256 29.83 0.75 5.56
CA ASN D 256 30.86 0.62 4.50
C ASN D 256 31.47 -0.78 4.37
N TYR D 257 31.02 -1.72 5.23
CA TYR D 257 31.41 -3.14 5.19
C TYR D 257 30.38 -3.96 4.43
N THR D 258 30.85 -4.73 3.45
CA THR D 258 30.00 -5.44 2.51
C THR D 258 30.32 -6.93 2.51
N CYS D 259 29.26 -7.75 2.52
CA CYS D 259 29.42 -9.18 2.35
C CYS D 259 28.93 -9.67 1.01
N ARG D 260 29.64 -10.65 0.44
CA ARG D 260 29.24 -11.28 -0.82
C ARG D 260 29.23 -12.80 -0.71
N VAL D 261 28.22 -13.42 -1.32
CA VAL D 261 27.99 -14.86 -1.28
C VAL D 261 27.99 -15.43 -2.69
N TYR D 262 28.89 -16.37 -2.95
CA TYR D 262 29.02 -17.01 -4.26
C TYR D 262 28.58 -18.46 -4.14
N HIS D 263 27.65 -18.86 -4.97
CA HIS D 263 27.09 -20.21 -4.95
C HIS D 263 26.46 -20.50 -6.30
N GLU D 264 26.56 -21.75 -6.73
CA GLU D 264 26.16 -22.14 -8.07
C GLU D 264 24.66 -21.97 -8.34
N GLY D 265 23.86 -21.86 -7.30
CA GLY D 265 22.43 -21.70 -7.48
C GLY D 265 22.00 -20.27 -7.68
N LEU D 266 22.77 -19.30 -7.16
CA LEU D 266 22.52 -17.89 -7.44
C LEU D 266 22.61 -17.58 -8.94
N PRO D 267 21.71 -16.73 -9.45
CA PRO D 267 21.86 -16.18 -10.80
C PRO D 267 23.10 -15.29 -10.90
N GLU D 268 23.39 -14.60 -9.80
CA GLU D 268 24.60 -13.80 -9.62
C GLU D 268 24.92 -13.71 -8.12
N PRO D 269 26.16 -13.36 -7.76
CA PRO D 269 26.54 -13.27 -6.33
C PRO D 269 25.65 -12.34 -5.50
N LEU D 270 25.38 -12.72 -4.25
CA LEU D 270 24.66 -11.83 -3.33
C LEU D 270 25.57 -10.72 -2.85
N THR D 271 25.01 -9.52 -2.77
CA THR D 271 25.65 -8.38 -2.13
C THR D 271 24.73 -7.96 -0.98
N LEU D 272 25.31 -7.62 0.17
CA LEU D 272 24.51 -7.40 1.39
C LEU D 272 25.35 -6.80 2.51
N ARG D 273 24.71 -5.99 3.35
CA ARG D 273 25.37 -5.46 4.53
C ARG D 273 24.44 -5.45 5.74
N TRP D 274 24.98 -5.02 6.88
CA TRP D 274 24.19 -4.79 8.08
C TRP D 274 23.09 -3.77 7.77
N GLU D 275 21.86 -4.17 8.02
CA GLU D 275 20.71 -3.28 7.91
C GLU D 275 20.14 -3.11 9.33
N PRO D 276 20.36 -1.94 9.93
CA PRO D 276 19.75 -1.63 11.23
C PRO D 276 18.23 -1.82 11.20
N ILE E 1 47.69 -43.41 11.67
CA ILE E 1 47.91 -42.46 12.79
C ILE E 1 46.77 -41.45 12.97
N GLN E 2 46.74 -40.84 14.16
CA GLN E 2 45.57 -40.08 14.58
C GLN E 2 45.40 -38.80 13.75
N LYS E 3 44.16 -38.50 13.40
CA LYS E 3 43.73 -37.16 12.98
C LYS E 3 42.75 -36.66 14.05
N THR E 4 42.98 -35.47 14.60
CA THR E 4 42.16 -35.01 15.74
C THR E 4 40.83 -34.41 15.24
N PRO E 5 39.72 -34.80 15.85
CA PRO E 5 38.41 -34.32 15.40
C PRO E 5 38.20 -32.82 15.64
N GLN E 6 37.57 -32.18 14.66
CA GLN E 6 37.13 -30.80 14.72
C GLN E 6 35.66 -30.84 15.03
N ILE E 7 35.20 -29.92 15.88
CA ILE E 7 33.86 -29.99 16.45
C ILE E 7 33.17 -28.66 16.27
N GLN E 8 31.99 -28.65 15.68
CA GLN E 8 31.10 -27.50 15.75
C GLN E 8 29.79 -27.89 16.42
N VAL E 9 29.29 -27.01 17.29
CA VAL E 9 27.97 -27.15 17.92
C VAL E 9 27.10 -25.97 17.50
N TYR E 10 25.95 -26.24 16.94
CA TYR E 10 25.12 -25.18 16.38
C TYR E 10 23.70 -25.69 16.18
N SER E 11 22.75 -24.78 16.08
CA SER E 11 21.35 -25.12 15.85
C SER E 11 21.03 -25.11 14.36
N ARG E 12 20.01 -25.89 14.00
CA ARG E 12 19.58 -26.04 12.63
C ARG E 12 18.89 -24.77 12.17
N HIS E 13 18.06 -24.20 13.03
CA HIS E 13 17.35 -22.98 12.71
C HIS E 13 17.93 -21.84 13.55
N PRO E 14 17.69 -20.60 13.13
CA PRO E 14 18.09 -19.45 13.95
C PRO E 14 17.50 -19.58 15.35
N PRO E 15 18.34 -19.54 16.38
CA PRO E 15 17.91 -19.82 17.75
C PRO E 15 17.05 -18.69 18.32
N GLU E 16 16.05 -19.06 19.10
CA GLU E 16 15.14 -18.11 19.74
C GLU E 16 14.66 -18.74 21.05
N ASN E 17 14.88 -18.06 22.17
CA ASN E 17 14.49 -18.64 23.47
C ASN E 17 13.01 -19.03 23.44
N GLY E 18 12.70 -20.26 23.85
CA GLY E 18 11.34 -20.75 23.88
C GLY E 18 10.88 -21.58 22.69
N LYS E 19 11.63 -21.59 21.59
CA LYS E 19 11.24 -22.24 20.34
C LYS E 19 11.91 -23.61 20.14
N PRO E 20 11.12 -24.67 20.00
CA PRO E 20 11.64 -25.97 19.53
C PRO E 20 12.56 -25.87 18.31
N ASN E 21 13.76 -26.44 18.44
CA ASN E 21 14.83 -26.33 17.45
C ASN E 21 15.58 -27.66 17.42
N ILE E 22 16.65 -27.73 16.62
CA ILE E 22 17.50 -28.92 16.59
C ILE E 22 18.90 -28.50 16.92
N LEU E 23 19.55 -29.18 17.87
CA LEU E 23 20.95 -28.91 18.18
C LEU E 23 21.82 -29.92 17.48
N ASN E 24 22.81 -29.42 16.74
CA ASN E 24 23.73 -30.25 15.99
C ASN E 24 25.10 -30.30 16.66
N CYS E 25 25.77 -31.44 16.56
CA CYS E 25 27.17 -31.55 16.90
C CYS E 25 27.83 -32.27 15.75
N TYR E 26 28.59 -31.50 14.96
CA TYR E 26 29.23 -31.96 13.74
C TYR E 26 30.68 -32.23 14.08
N VAL E 27 31.10 -33.48 13.86
CA VAL E 27 32.45 -33.92 14.17
C VAL E 27 33.13 -34.41 12.90
N THR E 28 34.16 -33.69 12.47
CA THR E 28 34.86 -33.99 11.21
C THR E 28 36.36 -34.24 11.38
N GLN E 29 36.99 -34.61 10.26
CA GLN E 29 38.46 -34.61 10.16
C GLN E 29 39.14 -35.63 11.06
N PHE E 30 38.47 -36.72 11.43
CA PHE E 30 39.05 -37.65 12.38
C PHE E 30 39.42 -39.04 11.85
N HIS E 31 40.39 -39.65 12.52
CA HIS E 31 40.86 -41.01 12.21
C HIS E 31 41.60 -41.56 13.44
N PRO E 32 41.35 -42.80 13.84
CA PRO E 32 40.48 -43.77 13.16
C PRO E 32 38.98 -43.48 13.35
N PRO E 33 38.12 -44.24 12.68
CA PRO E 33 36.69 -43.93 12.66
C PRO E 33 35.94 -44.25 13.95
N HIS E 34 36.53 -45.01 14.87
CA HIS E 34 35.88 -45.22 16.16
C HIS E 34 35.88 -43.92 16.95
N ILE E 35 34.72 -43.54 17.48
CA ILE E 35 34.55 -42.31 18.22
C ILE E 35 33.33 -42.37 19.15
N GLU E 36 33.37 -41.61 20.24
CA GLU E 36 32.24 -41.48 21.16
C GLU E 36 31.79 -40.03 21.24
N ILE E 37 30.49 -39.82 21.14
CA ILE E 37 29.93 -38.48 21.11
C ILE E 37 28.73 -38.35 22.06
N GLN E 38 28.81 -37.40 22.99
CA GLN E 38 27.70 -37.09 23.90
C GLN E 38 27.24 -35.65 23.70
N MET E 39 25.94 -35.43 23.79
CA MET E 39 25.39 -34.08 23.90
C MET E 39 24.82 -33.95 25.30
N LEU E 40 25.07 -32.79 25.92
CA LEU E 40 24.73 -32.56 27.33
C LEU E 40 23.90 -31.30 27.49
N LYS E 41 23.02 -31.34 28.48
CA LYS E 41 22.18 -30.21 28.85
C LYS E 41 22.42 -30.00 30.31
N ASN E 42 22.97 -28.83 30.65
CA ASN E 42 23.31 -28.49 32.02
C ASN E 42 24.15 -29.58 32.68
N GLY E 43 25.11 -30.12 31.92
CA GLY E 43 26.04 -31.12 32.41
C GLY E 43 25.48 -32.53 32.45
N LYS E 44 24.27 -32.70 31.93
CA LYS E 44 23.61 -34.00 31.91
C LYS E 44 23.53 -34.55 30.49
N LYS E 45 23.89 -35.81 30.34
CA LYS E 45 23.76 -36.51 29.08
C LYS E 45 22.30 -36.45 28.58
N ILE E 46 22.10 -35.96 27.35
CA ILE E 46 20.79 -35.99 26.72
C ILE E 46 20.57 -37.41 26.21
N PRO E 47 19.54 -38.10 26.68
CA PRO E 47 19.39 -39.54 26.39
C PRO E 47 19.09 -39.97 24.94
N LYS E 48 18.41 -39.15 24.15
CA LYS E 48 17.98 -39.58 22.81
C LYS E 48 18.59 -38.73 21.71
N VAL E 49 19.82 -39.08 21.35
CA VAL E 49 20.60 -38.34 20.39
C VAL E 49 20.72 -39.19 19.13
N GLU E 50 20.29 -38.62 18.00
CA GLU E 50 20.38 -39.30 16.71
C GLU E 50 21.79 -39.14 16.18
N MET E 51 22.33 -40.24 15.65
CA MET E 51 23.69 -40.30 15.16
C MET E 51 23.64 -40.78 13.71
N SER E 52 24.22 -40.01 12.79
CA SER E 52 24.27 -40.42 11.40
C SER E 52 25.27 -41.58 11.26
N ASP E 53 25.26 -42.25 10.11
CA ASP E 53 26.14 -43.38 9.84
C ASP E 53 27.52 -42.89 9.48
N MET E 54 28.51 -43.78 9.59
CA MET E 54 29.91 -43.48 9.30
C MET E 54 30.04 -43.07 7.83
N SER E 55 30.53 -41.87 7.58
CA SER E 55 30.94 -41.44 6.26
C SER E 55 32.37 -40.88 6.27
N PHE E 56 32.98 -40.78 5.08
CA PHE E 56 34.28 -40.15 4.96
C PHE E 56 34.35 -39.22 3.76
N SER E 57 35.29 -38.28 3.82
CA SER E 57 35.42 -37.24 2.82
C SER E 57 36.52 -37.63 1.89
N LYS E 58 36.68 -36.87 0.81
CA LYS E 58 37.66 -37.21 -0.22
C LYS E 58 39.12 -37.12 0.22
N ASP E 59 39.38 -36.50 1.37
CA ASP E 59 40.71 -36.56 1.99
C ASP E 59 40.92 -37.76 2.93
N TRP E 60 39.93 -38.66 2.96
CA TRP E 60 39.92 -39.94 3.67
C TRP E 60 39.43 -39.86 5.09
N SER E 61 39.29 -38.66 5.63
CA SER E 61 38.90 -38.46 7.03
C SER E 61 37.41 -38.66 7.23
N PHE E 62 37.05 -39.11 8.44
CA PHE E 62 35.67 -39.44 8.80
C PHE E 62 34.93 -38.27 9.42
N TYR E 63 33.62 -38.30 9.28
CA TYR E 63 32.74 -37.30 9.88
C TYR E 63 31.44 -37.94 10.30
N ILE E 64 30.70 -37.22 11.12
CA ILE E 64 29.56 -37.78 11.81
C ILE E 64 28.76 -36.59 12.32
N LEU E 65 27.45 -36.58 12.06
CA LEU E 65 26.55 -35.55 12.60
C LEU E 65 25.68 -36.17 13.68
N ALA E 66 25.82 -35.66 14.91
CA ALA E 66 24.94 -35.98 16.01
C ALA E 66 23.92 -34.84 16.11
N HIS E 67 22.69 -35.15 16.52
CA HIS E 67 21.66 -34.13 16.64
C HIS E 67 20.56 -34.52 17.62
N THR E 68 19.87 -33.51 18.15
CA THR E 68 18.83 -33.76 19.12
C THR E 68 17.84 -32.60 19.20
N GLU E 69 16.60 -32.93 19.52
CA GLU E 69 15.57 -31.92 19.76
C GLU E 69 15.93 -31.17 21.02
N PHE E 70 15.68 -29.87 21.02
CA PHE E 70 16.04 -29.01 22.14
C PHE E 70 15.35 -27.66 22.06
N THR E 71 15.14 -27.03 23.21
CA THR E 71 14.56 -25.69 23.26
C THR E 71 15.48 -24.76 24.02
N PRO E 72 16.19 -23.89 23.31
CA PRO E 72 17.11 -22.97 23.99
C PRO E 72 16.38 -22.02 24.95
N THR E 73 17.11 -21.57 25.96
CA THR E 73 16.66 -20.54 26.86
C THR E 73 17.87 -19.69 27.20
N GLU E 74 17.67 -18.64 27.98
CA GLU E 74 18.77 -17.79 28.41
C GLU E 74 19.75 -18.54 29.31
N THR E 75 19.24 -19.56 30.01
CA THR E 75 19.89 -20.17 31.17
C THR E 75 20.53 -21.55 30.92
N ASP E 76 19.92 -22.35 30.04
CA ASP E 76 20.38 -23.71 29.84
C ASP E 76 21.65 -23.71 29.03
N THR E 77 22.64 -24.51 29.41
CA THR E 77 23.84 -24.59 28.59
C THR E 77 23.93 -25.96 27.92
N TYR E 78 24.27 -25.96 26.64
CA TYR E 78 24.38 -27.16 25.85
C TYR E 78 25.81 -27.30 25.42
N ALA E 79 26.24 -28.55 25.34
CA ALA E 79 27.61 -28.89 25.01
C ALA E 79 27.69 -30.20 24.23
N CYS E 80 28.80 -30.38 23.54
CA CYS E 80 29.11 -31.63 22.92
C CYS E 80 30.43 -32.07 23.48
N ARG E 81 30.52 -33.34 23.86
CA ARG E 81 31.73 -33.93 24.38
C ARG E 81 32.17 -35.10 23.51
N VAL E 82 33.42 -35.11 23.10
CA VAL E 82 33.89 -36.08 22.15
C VAL E 82 35.09 -36.79 22.72
N LYS E 83 35.05 -38.12 22.74
CA LYS E 83 36.19 -38.93 23.13
C LYS E 83 36.70 -39.61 21.88
N HIS E 84 38.01 -39.54 21.66
CA HIS E 84 38.62 -40.12 20.48
C HIS E 84 40.08 -40.36 20.78
N ASP E 85 40.64 -41.42 20.21
CA ASP E 85 42.01 -41.84 20.55
C ASP E 85 43.10 -40.79 20.27
N SER E 86 42.85 -39.83 19.40
CA SER E 86 43.80 -38.75 19.10
C SER E 86 43.99 -37.78 20.26
N MET E 87 43.01 -37.72 21.17
CA MET E 87 43.07 -36.82 22.32
C MET E 87 43.28 -37.61 23.60
N ALA E 88 44.12 -37.08 24.49
CA ALA E 88 44.38 -37.71 25.78
C ALA E 88 43.16 -37.69 26.66
N GLU E 89 42.44 -36.56 26.65
CA GLU E 89 41.17 -36.41 27.37
C GLU E 89 40.03 -36.07 26.43
N PRO E 90 38.80 -36.30 26.86
CA PRO E 90 37.62 -35.82 26.13
C PRO E 90 37.68 -34.33 25.83
N LYS E 91 37.12 -33.90 24.70
CA LYS E 91 36.93 -32.48 24.42
C LYS E 91 35.46 -32.10 24.49
N THR E 92 35.18 -30.98 25.16
CA THR E 92 33.83 -30.44 25.30
C THR E 92 33.79 -29.12 24.53
N VAL E 93 32.85 -28.93 23.62
CA VAL E 93 32.60 -27.57 23.15
C VAL E 93 31.18 -27.13 23.48
N TYR E 94 31.05 -25.89 23.93
CA TYR E 94 29.80 -25.33 24.36
C TYR E 94 29.11 -24.64 23.21
N TRP E 95 27.79 -24.74 23.20
CA TRP E 95 26.99 -24.02 22.24
C TRP E 95 27.02 -22.54 22.52
N ASP E 96 27.26 -21.79 21.46
CA ASP E 96 27.21 -20.34 21.43
C ASP E 96 26.11 -20.02 20.41
N ARG E 97 25.07 -19.33 20.84
CA ARG E 97 23.90 -19.05 19.98
C ARG E 97 24.24 -18.16 18.77
N ASP E 98 25.36 -17.45 18.83
CA ASP E 98 25.76 -16.49 17.79
C ASP E 98 26.77 -17.04 16.80
N MET E 99 27.31 -18.23 17.04
CA MET E 99 28.48 -18.62 16.28
C MET E 99 28.74 -20.10 16.28
N LYS F 1 25.59 -48.25 -9.85
CA LYS F 1 26.10 -49.65 -9.84
C LYS F 1 27.55 -49.60 -9.41
N ALA F 2 27.90 -50.49 -8.50
CA ALA F 2 29.20 -50.52 -7.87
C ALA F 2 30.24 -51.25 -8.71
N VAL F 3 31.48 -50.80 -8.59
CA VAL F 3 32.64 -51.53 -9.08
C VAL F 3 32.75 -52.84 -8.31
N PHE F 4 33.40 -53.83 -8.94
CA PHE F 4 33.92 -55.00 -8.23
C PHE F 4 35.40 -55.14 -8.54
N ASN F 5 36.19 -55.47 -7.52
CA ASN F 5 37.64 -55.36 -7.65
C ASN F 5 38.23 -56.61 -8.29
N PHE F 6 39.44 -56.47 -8.79
CA PHE F 6 40.17 -57.48 -9.51
C PHE F 6 41.10 -58.20 -8.53
N ALA F 7 42.41 -58.23 -8.79
CA ALA F 7 43.36 -58.84 -7.87
C ALA F 7 43.42 -58.09 -6.53
N THR F 8 43.64 -58.87 -5.48
CA THR F 8 43.79 -58.33 -4.15
C THR F 8 45.11 -57.59 -4.04
N MET F 9 45.23 -56.76 -3.00
CA MET F 9 46.43 -55.99 -2.80
C MET F 9 47.64 -56.87 -2.56
N GLY G 1 -35.81 -16.28 53.21
CA GLY G 1 -36.79 -17.41 53.13
C GLY G 1 -37.85 -17.20 52.06
N PRO G 2 -38.79 -16.27 52.29
CA PRO G 2 -39.90 -16.09 51.36
C PRO G 2 -39.46 -15.49 50.02
N HIS G 3 -40.24 -15.81 48.98
CA HIS G 3 -40.01 -15.29 47.65
C HIS G 3 -41.33 -14.95 46.98
N SER G 4 -41.24 -14.22 45.87
CA SER G 4 -42.42 -13.80 45.13
C SER G 4 -42.10 -13.47 43.70
N MET G 5 -43.11 -13.57 42.86
CA MET G 5 -43.05 -13.06 41.50
C MET G 5 -44.27 -12.22 41.21
N ARG G 6 -44.10 -11.10 40.51
CA ARG G 6 -45.22 -10.33 40.00
C ARG G 6 -44.99 -9.81 38.59
N TYR G 7 -46.07 -9.68 37.83
CA TYR G 7 -46.09 -8.87 36.63
C TYR G 7 -47.11 -7.73 36.81
N PHE G 8 -46.62 -6.50 36.58
CA PHE G 8 -47.41 -5.29 36.74
C PHE G 8 -47.59 -4.76 35.35
N GLU G 9 -48.83 -4.72 34.86
CA GLU G 9 -49.10 -4.35 33.47
C GLU G 9 -49.95 -3.09 33.46
N THR G 10 -49.74 -2.27 32.45
CA THR G 10 -50.44 -0.99 32.34
C THR G 10 -50.74 -0.76 30.90
N ALA G 11 -51.93 -0.27 30.60
CA ALA G 11 -52.20 0.25 29.29
C ALA G 11 -52.86 1.60 29.49
N VAL G 12 -52.28 2.62 28.88
CA VAL G 12 -52.72 3.99 29.07
C VAL G 12 -53.11 4.59 27.74
N SER G 13 -54.27 5.21 27.74
CA SER G 13 -54.76 5.93 26.58
C SER G 13 -54.73 7.43 26.87
N ARG G 14 -54.39 8.21 25.85
CA ARG G 14 -54.35 9.68 25.95
C ARG G 14 -55.14 10.28 24.80
N PRO G 15 -55.79 11.41 25.03
CA PRO G 15 -56.75 11.98 24.07
C PRO G 15 -56.14 12.32 22.71
N GLY G 16 -54.84 12.57 22.63
CA GLY G 16 -54.22 12.77 21.33
C GLY G 16 -54.02 11.50 20.49
N LEU G 17 -53.70 10.39 21.18
CA LEU G 17 -53.02 9.28 20.53
C LEU G 17 -53.94 8.26 19.87
N GLU G 18 -53.38 7.60 18.85
CA GLU G 18 -54.10 6.57 18.13
C GLU G 18 -54.36 5.42 19.09
N GLU G 19 -53.28 4.78 19.55
CA GLU G 19 -53.37 3.58 20.36
C GLU G 19 -52.79 3.79 21.75
N PRO G 20 -53.23 3.01 22.72
CA PRO G 20 -52.70 3.14 24.08
C PRO G 20 -51.34 2.49 24.15
N ARG G 21 -50.52 2.98 25.09
CA ARG G 21 -49.22 2.41 25.34
C ARG G 21 -49.37 1.29 26.36
N TYR G 22 -48.75 0.14 26.10
CA TYR G 22 -48.77 -1.02 26.97
C TYR G 22 -47.38 -1.27 27.53
N ILE G 23 -47.29 -1.42 28.85
CA ILE G 23 -46.05 -1.73 29.51
C ILE G 23 -46.26 -2.86 30.51
N SER G 24 -45.35 -3.82 30.53
CA SER G 24 -45.37 -4.93 31.46
C SER G 24 -44.05 -4.94 32.20
N VAL G 25 -44.09 -5.19 33.51
CA VAL G 25 -42.85 -5.23 34.29
C VAL G 25 -42.87 -6.42 35.24
N GLY G 26 -41.88 -7.30 35.09
CA GLY G 26 -41.75 -8.48 35.91
C GLY G 26 -40.83 -8.23 37.08
N TYR G 27 -41.16 -8.84 38.21
CA TYR G 27 -40.36 -8.76 39.42
C TYR G 27 -40.17 -10.15 40.07
N VAL G 28 -38.99 -10.38 40.59
CA VAL G 28 -38.73 -11.48 41.51
C VAL G 28 -38.24 -10.83 42.81
N ASP G 29 -38.86 -11.17 43.93
CA ASP G 29 -38.46 -10.63 45.23
C ASP G 29 -38.37 -9.09 45.14
N ASN G 30 -39.39 -8.49 44.53
CA ASN G 30 -39.55 -7.03 44.40
C ASN G 30 -38.47 -6.31 43.57
N LYS G 31 -37.61 -7.07 42.89
CA LYS G 31 -36.58 -6.54 42.02
C LYS G 31 -37.03 -6.66 40.56
N GLU G 32 -36.88 -5.59 39.80
CA GLU G 32 -37.24 -5.64 38.39
C GLU G 32 -36.30 -6.59 37.67
N PHE G 33 -36.85 -7.58 36.96
CA PHE G 33 -36.04 -8.51 36.16
C PHE G 33 -36.37 -8.58 34.68
N VAL G 34 -37.58 -8.18 34.26
CA VAL G 34 -37.90 -8.04 32.85
C VAL G 34 -38.82 -6.89 32.57
N ARG G 35 -38.95 -6.53 31.30
CA ARG G 35 -39.71 -5.36 30.92
C ARG G 35 -40.03 -5.32 29.43
N PHE G 36 -41.27 -4.95 29.12
CA PHE G 36 -41.76 -4.79 27.75
C PHE G 36 -42.41 -3.42 27.65
N ASP G 37 -42.17 -2.75 26.54
CA ASP G 37 -42.70 -1.43 26.31
C ASP G 37 -43.02 -1.29 24.82
N SER G 38 -44.30 -1.12 24.52
CA SER G 38 -44.80 -1.02 23.14
C SER G 38 -44.38 0.27 22.43
N ASP G 39 -43.91 1.28 23.17
CA ASP G 39 -43.36 2.52 22.61
C ASP G 39 -41.96 2.39 22.00
N ALA G 40 -41.24 1.32 22.28
CA ALA G 40 -39.90 1.11 21.71
C ALA G 40 -39.99 0.79 20.23
N GLU G 41 -38.88 0.99 19.53
CA GLU G 41 -38.82 0.79 18.07
C GLU G 41 -39.04 -0.67 17.65
N ASN G 42 -38.39 -1.59 18.36
CA ASN G 42 -38.65 -3.03 18.17
C ASN G 42 -39.16 -3.63 19.49
N PRO G 43 -40.47 -3.60 19.72
CA PRO G 43 -41.02 -3.92 21.04
C PRO G 43 -40.77 -5.37 21.44
N ARG G 44 -40.10 -5.56 22.57
CA ARG G 44 -39.77 -6.88 23.09
C ARG G 44 -39.56 -6.83 24.58
N TYR G 45 -39.77 -7.97 25.24
CA TYR G 45 -39.31 -8.15 26.61
C TYR G 45 -37.78 -8.17 26.59
N GLU G 46 -37.16 -7.41 27.49
CA GLU G 46 -35.71 -7.37 27.68
C GLU G 46 -35.35 -7.61 29.16
N PRO G 47 -34.15 -8.12 29.43
CA PRO G 47 -33.73 -8.34 30.82
C PRO G 47 -33.37 -7.04 31.53
N ARG G 48 -33.51 -7.06 32.85
CA ARG G 48 -33.44 -5.86 33.68
C ARG G 48 -32.48 -5.97 34.87
N ALA G 49 -32.05 -7.20 35.17
CA ALA G 49 -30.96 -7.45 36.10
C ALA G 49 -29.92 -8.32 35.39
N PRO G 50 -28.65 -8.25 35.82
CA PRO G 50 -27.59 -9.00 35.14
C PRO G 50 -27.80 -10.51 35.17
N TRP G 51 -28.41 -11.05 36.21
CA TRP G 51 -28.65 -12.51 36.27
C TRP G 51 -29.60 -13.01 35.17
N MET G 52 -30.53 -12.16 34.77
CA MET G 52 -31.49 -12.48 33.70
C MET G 52 -30.87 -12.27 32.33
N GLU G 53 -29.79 -11.50 32.25
CA GLU G 53 -29.04 -11.32 31.00
C GLU G 53 -28.41 -12.63 30.50
N GLN G 54 -28.64 -13.72 31.23
CA GLN G 54 -28.20 -15.06 30.83
C GLN G 54 -29.11 -15.69 29.77
N GLU G 55 -30.43 -15.57 29.96
CA GLU G 55 -31.42 -16.34 29.20
C GLU G 55 -31.26 -16.30 27.69
N GLY G 56 -31.73 -17.36 27.03
CA GLY G 56 -31.51 -17.54 25.61
C GLY G 56 -32.51 -16.79 24.74
N PRO G 57 -32.28 -16.77 23.43
CA PRO G 57 -33.19 -16.14 22.45
C PRO G 57 -34.66 -16.59 22.50
N GLU G 58 -34.94 -17.87 22.67
CA GLU G 58 -36.33 -18.38 22.58
C GLU G 58 -37.20 -18.08 23.82
N TYR G 59 -36.58 -17.88 24.97
CA TYR G 59 -37.28 -17.36 26.14
C TYR G 59 -37.79 -15.93 25.84
N TRP G 60 -36.97 -15.12 25.18
CA TRP G 60 -37.35 -13.75 24.86
C TRP G 60 -38.36 -13.65 23.73
N GLU G 61 -38.27 -14.55 22.76
CA GLU G 61 -39.22 -14.58 21.66
C GLU G 61 -40.63 -14.91 22.17
N ARG G 62 -40.73 -15.91 23.03
CA ARG G 62 -42.01 -16.47 23.44
C ARG G 62 -42.76 -15.51 24.35
N GLU G 63 -42.02 -14.90 25.25
CA GLU G 63 -42.58 -13.92 26.18
C GLU G 63 -43.01 -12.67 25.44
N THR G 64 -42.35 -12.36 24.33
CA THR G 64 -42.73 -11.20 23.52
C THR G 64 -44.06 -11.42 22.81
N GLN G 65 -44.29 -12.63 22.28
CA GLN G 65 -45.57 -12.94 21.65
C GLN G 65 -46.69 -12.96 22.69
N LYS G 66 -46.33 -13.36 23.91
CA LYS G 66 -47.25 -13.30 25.03
C LYS G 66 -47.67 -11.84 25.21
N ALA G 67 -46.70 -10.94 25.29
CA ALA G 67 -46.94 -9.51 25.52
C ALA G 67 -47.71 -8.82 24.40
N LYS G 68 -47.49 -9.23 23.15
CA LYS G 68 -48.26 -8.70 22.04
C LYS G 68 -49.74 -9.11 22.12
N GLY G 69 -50.02 -10.31 22.63
CA GLY G 69 -51.39 -10.72 22.89
C GLY G 69 -52.02 -9.95 24.06
N GLN G 70 -51.24 -9.72 25.12
CA GLN G 70 -51.67 -8.91 26.26
C GLN G 70 -51.98 -7.48 25.84
N GLU G 71 -51.20 -6.94 24.92
CA GLU G 71 -51.44 -5.58 24.44
C GLU G 71 -52.80 -5.47 23.73
N GLN G 72 -53.12 -6.46 22.92
CA GLN G 72 -54.44 -6.48 22.26
C GLN G 72 -55.56 -6.65 23.27
N TRP G 73 -55.33 -7.50 24.27
CA TRP G 73 -56.31 -7.76 25.31
C TRP G 73 -56.66 -6.44 25.99
N PHE G 74 -55.63 -5.62 26.25
CA PHE G 74 -55.79 -4.37 27.00
C PHE G 74 -56.47 -3.31 26.16
N ARG G 75 -56.14 -3.23 24.87
CA ARG G 75 -56.79 -2.36 23.92
C ARG G 75 -58.30 -2.67 23.81
N VAL G 76 -58.66 -3.95 23.77
CA VAL G 76 -60.07 -4.36 23.70
C VAL G 76 -60.82 -4.02 24.99
N SER G 77 -60.21 -4.32 26.13
CA SER G 77 -60.80 -4.04 27.43
C SER G 77 -60.97 -2.55 27.67
N LEU G 78 -59.92 -1.78 27.40
CA LEU G 78 -60.00 -0.31 27.52
C LEU G 78 -61.25 0.24 26.79
N ARG G 79 -61.47 -0.24 25.58
CA ARG G 79 -62.60 0.16 24.73
C ARG G 79 -63.93 -0.18 25.38
N ASN G 80 -64.05 -1.40 25.89
CA ASN G 80 -65.26 -1.82 26.58
C ASN G 80 -65.57 -1.03 27.84
N LEU G 81 -64.55 -0.76 28.65
CA LEU G 81 -64.69 0.04 29.86
C LEU G 81 -65.24 1.44 29.61
N LEU G 82 -64.85 2.05 28.50
CA LEU G 82 -65.39 3.35 28.08
C LEU G 82 -66.92 3.28 28.03
N GLY G 83 -67.43 2.25 27.36
CA GLY G 83 -68.86 2.01 27.28
C GLY G 83 -69.50 1.67 28.62
N TYR G 84 -68.89 0.72 29.35
CA TYR G 84 -69.35 0.35 30.69
C TYR G 84 -69.55 1.60 31.60
N TYR G 85 -68.66 2.59 31.55
CA TYR G 85 -68.75 3.76 32.42
C TYR G 85 -69.30 5.03 31.73
N ASN G 86 -69.80 4.89 30.49
CA ASN G 86 -70.45 5.99 29.75
C ASN G 86 -69.52 7.18 29.70
N GLN G 87 -68.27 6.89 29.36
CA GLN G 87 -67.21 7.86 29.25
C GLN G 87 -67.11 8.26 27.80
N SER G 88 -66.97 9.54 27.53
CA SER G 88 -66.82 9.97 26.15
C SER G 88 -65.32 10.07 25.77
N ALA G 89 -65.08 10.57 24.56
CA ALA G 89 -63.75 10.79 24.02
C ALA G 89 -63.20 12.10 24.57
N GLY G 90 -61.88 12.19 24.70
CA GLY G 90 -61.24 13.39 25.22
C GLY G 90 -60.57 13.19 26.57
N GLY G 91 -60.70 11.98 27.13
CA GLY G 91 -60.08 11.65 28.40
C GLY G 91 -58.83 10.82 28.24
N SER G 92 -58.02 10.83 29.30
CA SER G 92 -56.99 9.85 29.52
C SER G 92 -57.58 8.75 30.39
N HIS G 93 -57.22 7.52 30.07
CA HIS G 93 -57.69 6.35 30.79
C HIS G 93 -56.58 5.34 31.05
N THR G 94 -56.73 4.58 32.12
CA THR G 94 -55.69 3.71 32.60
C THR G 94 -56.28 2.37 32.97
N LEU G 95 -55.62 1.32 32.55
CA LEU G 95 -55.97 -0.03 32.99
C LEU G 95 -54.72 -0.69 33.52
N GLN G 96 -54.78 -1.25 34.72
CA GLN G 96 -53.63 -1.87 35.35
C GLN G 96 -53.97 -3.29 35.85
N GLN G 97 -52.95 -4.13 35.93
CA GLN G 97 -53.09 -5.49 36.37
C GLN G 97 -51.87 -5.83 37.22
N MET G 98 -52.09 -6.55 38.32
CA MET G 98 -51.00 -7.15 39.08
C MET G 98 -51.29 -8.63 39.19
N SER G 99 -50.31 -9.46 38.85
CA SER G 99 -50.49 -10.89 39.00
C SER G 99 -49.17 -11.59 39.32
N GLY G 100 -49.29 -12.74 39.98
CA GLY G 100 -48.14 -13.55 40.34
C GLY G 100 -48.38 -14.37 41.59
N CYS G 101 -47.30 -14.84 42.21
CA CYS G 101 -47.41 -15.75 43.34
C CYS G 101 -46.40 -15.49 44.44
N ASP G 102 -46.76 -15.92 45.63
CA ASP G 102 -45.95 -15.78 46.83
C ASP G 102 -45.60 -17.19 47.27
N LEU G 103 -44.31 -17.48 47.41
CA LEU G 103 -43.87 -18.73 48.01
C LEU G 103 -43.37 -18.53 49.42
N GLY G 104 -43.67 -19.48 50.30
CA GLY G 104 -43.06 -19.52 51.62
C GLY G 104 -41.59 -19.90 51.52
N SER G 105 -40.93 -19.95 52.68
CA SER G 105 -39.52 -20.33 52.75
C SER G 105 -39.29 -21.80 52.37
N ASP G 106 -40.34 -22.62 52.44
CA ASP G 106 -40.32 -23.99 51.90
C ASP G 106 -40.50 -24.07 50.37
N TRP G 107 -40.71 -22.92 49.73
CA TRP G 107 -40.84 -22.78 48.26
C TRP G 107 -42.19 -23.22 47.68
N ARG G 108 -43.17 -23.41 48.55
CA ARG G 108 -44.52 -23.83 48.18
C ARG G 108 -45.39 -22.62 48.03
N LEU G 109 -46.39 -22.71 47.17
CA LEU G 109 -47.34 -21.64 46.99
C LEU G 109 -48.00 -21.26 48.31
N LEU G 110 -47.78 -20.03 48.73
CA LEU G 110 -48.48 -19.43 49.87
C LEU G 110 -49.74 -18.72 49.39
N ARG G 111 -49.66 -18.00 48.28
CA ARG G 111 -50.78 -17.15 47.81
C ARG G 111 -50.67 -16.77 46.34
N GLY G 112 -51.79 -16.86 45.62
CA GLY G 112 -51.88 -16.40 44.24
C GLY G 112 -52.50 -15.02 44.19
N TYR G 113 -52.10 -14.22 43.19
CA TYR G 113 -52.64 -12.86 43.01
C TYR G 113 -53.06 -12.56 41.58
N LEU G 114 -54.25 -11.98 41.43
CA LEU G 114 -54.74 -11.46 40.17
C LEU G 114 -55.68 -10.28 40.47
N GLN G 115 -55.26 -9.06 40.14
CA GLN G 115 -56.07 -7.86 40.43
C GLN G 115 -55.99 -6.88 39.26
N PHE G 116 -57.08 -6.16 39.05
CA PHE G 116 -57.20 -5.18 37.99
C PHE G 116 -57.73 -3.88 38.57
N ALA G 117 -57.27 -2.76 38.03
CA ALA G 117 -57.74 -1.44 38.40
C ALA G 117 -57.96 -0.64 37.16
N TYR G 118 -59.02 0.17 37.18
CA TYR G 118 -59.34 1.11 36.12
C TYR G 118 -59.36 2.52 36.71
N GLU G 119 -58.77 3.46 35.99
CA GLU G 119 -58.51 4.82 36.51
C GLU G 119 -57.90 4.85 37.90
N GLY G 120 -57.03 3.89 38.21
CA GLY G 120 -56.30 3.88 39.47
C GLY G 120 -57.08 3.33 40.65
N ARG G 121 -58.17 2.62 40.34
CA ARG G 121 -59.19 2.19 41.30
C ARG G 121 -59.50 0.72 41.09
N ASP G 122 -59.68 -0.04 42.18
CA ASP G 122 -60.00 -1.46 42.10
C ASP G 122 -61.21 -1.69 41.20
N TYR G 123 -61.05 -2.58 40.24
CA TYR G 123 -62.11 -2.92 39.30
C TYR G 123 -62.64 -4.33 39.58
N ILE G 124 -61.76 -5.31 39.49
CA ILE G 124 -62.11 -6.71 39.73
C ILE G 124 -60.85 -7.45 40.19
N ALA G 125 -61.00 -8.40 41.09
CA ALA G 125 -59.88 -9.14 41.65
C ALA G 125 -60.29 -10.58 41.92
N LEU G 126 -59.40 -11.51 41.62
CA LEU G 126 -59.60 -12.92 41.96
C LEU G 126 -59.39 -13.03 43.45
N ASN G 127 -60.34 -13.61 44.18
CA ASN G 127 -60.13 -13.82 45.62
C ASN G 127 -59.05 -14.87 45.90
N GLU G 128 -58.64 -14.97 47.16
CA GLU G 128 -57.53 -15.81 47.59
C GLU G 128 -57.79 -17.31 47.38
N ASP G 129 -59.05 -17.72 47.41
CA ASP G 129 -59.45 -19.09 47.02
C ASP G 129 -59.17 -19.43 45.55
N LEU G 130 -58.79 -18.43 44.76
CA LEU G 130 -58.58 -18.60 43.31
C LEU G 130 -59.79 -19.19 42.58
N LYS G 131 -60.99 -18.88 43.08
CA LYS G 131 -62.24 -19.43 42.56
C LYS G 131 -63.32 -18.38 42.28
N THR G 132 -63.39 -17.35 43.12
CA THR G 132 -64.43 -16.32 43.01
C THR G 132 -63.84 -14.92 42.84
N TRP G 133 -64.71 -14.00 42.45
CA TRP G 133 -64.29 -12.66 42.09
C TRP G 133 -64.93 -11.61 42.99
N THR G 134 -64.13 -10.64 43.39
CA THR G 134 -64.60 -9.42 44.04
C THR G 134 -64.64 -8.30 42.98
N ALA G 135 -65.76 -7.61 42.91
CA ALA G 135 -65.92 -6.51 42.00
C ALA G 135 -66.99 -5.61 42.57
N ALA G 136 -66.60 -4.42 42.99
CA ALA G 136 -67.47 -3.51 43.71
C ALA G 136 -68.43 -2.71 42.82
N ASP G 137 -67.90 -2.16 41.73
CA ASP G 137 -68.66 -1.21 40.94
C ASP G 137 -69.85 -1.87 40.25
N MET G 138 -70.89 -1.09 40.02
CA MET G 138 -72.02 -1.58 39.26
C MET G 138 -71.60 -1.87 37.79
N ALA G 139 -70.72 -1.04 37.24
CA ALA G 139 -70.19 -1.25 35.89
C ALA G 139 -69.29 -2.48 35.80
N ALA G 140 -68.76 -2.93 36.93
CA ALA G 140 -67.83 -4.03 36.95
C ALA G 140 -68.55 -5.39 37.02
N GLN G 141 -69.84 -5.37 37.32
CA GLN G 141 -70.65 -6.59 37.41
C GLN G 141 -70.70 -7.34 36.08
N ILE G 142 -70.61 -6.60 34.98
CA ILE G 142 -70.66 -7.16 33.63
C ILE G 142 -69.45 -8.10 33.45
N THR G 143 -68.27 -7.58 33.76
CA THR G 143 -67.06 -8.36 33.73
C THR G 143 -67.11 -9.60 34.66
N ARG G 144 -67.62 -9.44 35.88
CA ARG G 144 -67.72 -10.58 36.81
C ARG G 144 -68.53 -11.72 36.21
N ARG G 145 -69.73 -11.41 35.71
CA ARG G 145 -70.58 -12.41 35.05
C ARG G 145 -69.88 -13.08 33.87
N LYS G 146 -69.38 -12.28 32.93
CA LYS G 146 -68.67 -12.81 31.77
C LYS G 146 -67.55 -13.79 32.22
N TRP G 147 -66.80 -13.40 33.24
CA TRP G 147 -65.65 -14.19 33.71
C TRP G 147 -66.07 -15.46 34.50
N GLU G 148 -67.18 -15.37 35.24
CA GLU G 148 -67.74 -16.55 35.92
C GLU G 148 -68.27 -17.56 34.91
N GLN G 149 -68.88 -17.04 33.85
CA GLN G 149 -69.51 -17.85 32.81
C GLN G 149 -68.48 -18.53 31.88
N SER G 150 -67.29 -17.97 31.79
CA SER G 150 -66.27 -18.47 30.87
C SER G 150 -65.24 -19.33 31.59
N GLY G 151 -65.43 -19.57 32.89
CA GLY G 151 -64.42 -20.26 33.70
C GLY G 151 -63.05 -19.55 33.75
N ALA G 152 -63.02 -18.22 33.70
CA ALA G 152 -61.77 -17.49 33.77
C ALA G 152 -60.91 -17.90 34.98
N ALA G 153 -61.52 -17.93 36.16
CA ALA G 153 -60.82 -18.26 37.40
C ALA G 153 -60.00 -19.55 37.31
N GLU G 154 -60.57 -20.58 36.69
CA GLU G 154 -59.88 -21.86 36.53
C GLU G 154 -58.60 -21.69 35.70
N HIS G 155 -58.69 -20.96 34.60
CA HIS G 155 -57.52 -20.66 33.77
C HIS G 155 -56.44 -19.96 34.59
N TYR G 156 -56.76 -18.86 35.26
CA TYR G 156 -55.78 -18.13 36.07
C TYR G 156 -55.24 -18.95 37.25
N LYS G 157 -56.08 -19.76 37.87
CA LYS G 157 -55.65 -20.66 38.93
C LYS G 157 -54.55 -21.65 38.43
N ALA G 158 -54.70 -22.20 37.23
CA ALA G 158 -53.69 -23.11 36.67
C ALA G 158 -52.37 -22.39 36.43
N TYR G 159 -52.42 -21.15 35.94
CA TYR G 159 -51.21 -20.35 35.78
C TYR G 159 -50.56 -20.11 37.15
N LEU G 160 -51.33 -19.61 38.09
CA LEU G 160 -50.81 -19.16 39.38
C LEU G 160 -50.21 -20.27 40.22
N GLU G 161 -50.76 -21.47 40.12
CA GLU G 161 -50.36 -22.63 40.94
C GLU G 161 -49.29 -23.49 40.24
N GLY G 162 -49.14 -23.30 38.93
CA GLY G 162 -48.26 -24.10 38.13
C GLY G 162 -47.12 -23.28 37.57
N GLU G 163 -47.32 -22.78 36.35
CA GLU G 163 -46.34 -21.94 35.65
C GLU G 163 -45.65 -20.92 36.54
N CYS G 164 -46.43 -20.05 37.18
CA CYS G 164 -45.88 -18.97 38.02
C CYS G 164 -44.95 -19.53 39.09
N VAL G 165 -45.35 -20.64 39.70
CA VAL G 165 -44.52 -21.28 40.70
C VAL G 165 -43.30 -21.91 40.04
N GLU G 166 -43.52 -22.65 38.96
CA GLU G 166 -42.46 -23.40 38.28
C GLU G 166 -41.35 -22.47 37.82
N TRP G 167 -41.72 -21.31 37.31
CA TRP G 167 -40.75 -20.38 36.75
C TRP G 167 -40.08 -19.55 37.86
N LEU G 168 -40.81 -19.18 38.91
CA LEU G 168 -40.17 -18.54 40.06
C LEU G 168 -39.07 -19.46 40.64
N HIS G 169 -39.36 -20.74 40.84
CA HIS G 169 -38.33 -21.71 41.29
C HIS G 169 -37.08 -21.61 40.41
N ARG G 170 -37.29 -21.68 39.11
CA ARG G 170 -36.22 -21.65 38.11
C ARG G 170 -35.42 -20.34 38.16
N TYR G 171 -36.10 -19.21 38.27
CA TYR G 171 -35.42 -17.92 38.37
C TYR G 171 -34.61 -17.80 39.66
N LEU G 172 -35.10 -18.38 40.76
CA LEU G 172 -34.40 -18.35 42.05
C LEU G 172 -33.09 -19.14 42.02
N LYS G 173 -33.02 -20.20 41.22
CA LYS G 173 -31.77 -20.95 41.02
C LYS G 173 -30.86 -20.21 40.03
N ASN G 174 -31.40 -19.83 38.87
CA ASN G 174 -30.68 -19.09 37.82
C ASN G 174 -29.86 -17.90 38.34
N GLY G 175 -30.27 -17.32 39.47
CA GLY G 175 -29.52 -16.26 40.12
C GLY G 175 -29.65 -16.26 41.63
N ASN G 176 -29.11 -17.31 42.27
CA ASN G 176 -29.19 -17.48 43.73
C ASN G 176 -28.22 -16.56 44.50
N ALA G 177 -27.18 -16.09 43.82
CA ALA G 177 -26.22 -15.15 44.41
C ALA G 177 -26.79 -13.72 44.49
N THR G 178 -27.16 -13.17 43.33
CA THR G 178 -27.57 -11.74 43.22
C THR G 178 -28.96 -11.41 43.78
N LEU G 179 -29.64 -12.37 44.42
CA LEU G 179 -31.03 -12.17 44.87
C LEU G 179 -31.39 -12.82 46.23
N LEU G 180 -30.40 -13.40 46.91
CA LEU G 180 -30.57 -13.95 48.27
C LEU G 180 -30.02 -12.98 49.31
N ARG G 181 -29.26 -11.98 48.85
CA ARG G 181 -28.60 -11.03 49.73
C ARG G 181 -29.60 -10.02 50.31
N THR G 182 -29.28 -9.57 51.51
CA THR G 182 -29.84 -8.35 52.05
C THR G 182 -28.66 -7.47 52.42
N ASP G 183 -28.85 -6.17 52.36
CA ASP G 183 -27.86 -5.24 52.87
C ASP G 183 -28.42 -4.65 54.14
N SER G 184 -27.66 -4.73 55.23
CA SER G 184 -28.10 -4.15 56.49
C SER G 184 -28.01 -2.63 56.43
N PRO G 185 -28.85 -1.94 57.18
CA PRO G 185 -28.77 -0.49 57.26
C PRO G 185 -27.58 -0.06 58.11
N LYS G 186 -26.94 1.02 57.70
CA LYS G 186 -25.93 1.69 58.51
C LYS G 186 -26.60 2.94 59.03
N ALA G 187 -26.65 3.07 60.35
CA ALA G 187 -27.45 4.10 61.01
C ALA G 187 -26.58 5.10 61.76
N HIS G 188 -26.97 6.37 61.77
CA HIS G 188 -26.28 7.39 62.58
C HIS G 188 -27.22 8.57 62.90
N VAL G 189 -26.86 9.36 63.91
CA VAL G 189 -27.67 10.51 64.33
C VAL G 189 -26.96 11.85 64.11
N THR G 190 -27.72 12.86 63.68
CA THR G 190 -27.19 14.19 63.43
C THR G 190 -27.93 15.22 64.27
N HIS G 191 -27.19 16.25 64.68
CA HIS G 191 -27.69 17.31 65.55
C HIS G 191 -28.00 18.55 64.73
N HIS G 192 -29.13 19.19 65.02
CA HIS G 192 -29.57 20.38 64.30
C HIS G 192 -30.34 21.33 65.20
N PRO G 193 -29.67 22.31 65.80
CA PRO G 193 -30.33 23.20 66.77
C PRO G 193 -31.27 24.19 66.08
N ARG G 194 -32.51 24.28 66.56
CA ARG G 194 -33.53 25.16 65.97
C ARG G 194 -33.78 26.39 66.86
N SER G 195 -35.05 26.70 67.14
CA SER G 195 -35.41 27.82 68.01
C SER G 195 -34.76 27.67 69.40
N LYS G 196 -34.55 28.80 70.06
CA LYS G 196 -33.81 28.85 71.32
C LYS G 196 -34.17 27.68 72.26
N GLY G 197 -33.14 26.96 72.70
CA GLY G 197 -33.30 25.89 73.68
C GLY G 197 -34.12 24.71 73.21
N GLU G 198 -33.95 24.34 71.94
CA GLU G 198 -34.68 23.20 71.36
C GLU G 198 -34.06 22.76 70.03
N VAL G 199 -33.68 21.48 69.97
CA VAL G 199 -32.91 20.94 68.84
C VAL G 199 -33.55 19.70 68.23
N THR G 200 -33.11 19.35 67.02
CA THR G 200 -33.61 18.19 66.29
C THR G 200 -32.60 17.06 66.30
N LEU G 201 -33.11 15.85 66.55
CA LEU G 201 -32.32 14.64 66.45
C LEU G 201 -32.82 13.90 65.22
N ARG G 202 -31.93 13.67 64.25
CA ARG G 202 -32.29 13.03 62.98
C ARG G 202 -31.56 11.68 62.82
N CYS G 203 -32.28 10.60 63.06
CA CYS G 203 -31.75 9.23 62.87
C CYS G 203 -31.85 8.73 61.43
N TRP G 204 -30.72 8.40 60.83
CA TRP G 204 -30.65 8.03 59.43
C TRP G 204 -30.51 6.52 59.31
N ALA G 205 -31.02 5.97 58.22
CA ALA G 205 -30.74 4.60 57.80
C ALA G 205 -30.38 4.66 56.34
N LEU G 206 -29.20 4.11 56.00
CA LEU G 206 -28.64 4.20 54.66
C LEU G 206 -28.10 2.84 54.20
N GLY G 207 -28.14 2.62 52.88
CA GLY G 207 -27.56 1.45 52.24
C GLY G 207 -28.25 0.12 52.51
N PHE G 208 -29.54 0.14 52.84
CA PHE G 208 -30.24 -1.11 53.18
C PHE G 208 -31.10 -1.67 52.03
N TYR G 209 -31.22 -3.00 52.01
CA TYR G 209 -32.11 -3.69 51.07
C TYR G 209 -32.61 -4.99 51.70
N PRO G 210 -33.90 -5.33 51.60
CA PRO G 210 -34.93 -4.56 50.89
C PRO G 210 -35.38 -3.28 51.59
N ALA G 211 -36.32 -2.61 50.94
CA ALA G 211 -36.79 -1.30 51.34
C ALA G 211 -37.50 -1.26 52.69
N ASP G 212 -38.08 -2.37 53.12
CA ASP G 212 -38.92 -2.36 54.32
C ASP G 212 -38.05 -2.16 55.54
N ILE G 213 -38.44 -1.22 56.39
CA ILE G 213 -37.62 -0.82 57.52
C ILE G 213 -38.45 -0.02 58.52
N THR G 214 -38.02 0.05 59.78
CA THR G 214 -38.74 0.83 60.78
C THR G 214 -37.74 1.58 61.65
N LEU G 215 -38.01 2.86 61.83
CA LEU G 215 -37.28 3.70 62.78
C LEU G 215 -38.21 4.06 63.93
N THR G 216 -37.67 4.15 65.14
CA THR G 216 -38.42 4.65 66.29
C THR G 216 -37.54 5.54 67.13
N TRP G 217 -38.16 6.44 67.89
CA TRP G 217 -37.45 7.22 68.90
C TRP G 217 -38.05 6.90 70.26
N GLN G 218 -37.21 6.92 71.29
CA GLN G 218 -37.63 6.56 72.64
C GLN G 218 -37.10 7.53 73.68
N LEU G 219 -37.96 7.86 74.64
CA LEU G 219 -37.56 8.56 75.85
C LEU G 219 -37.80 7.57 76.99
N ASN G 220 -36.73 7.18 77.69
CA ASN G 220 -36.80 6.18 78.75
C ASN G 220 -37.57 4.94 78.22
N GLY G 221 -38.56 4.47 78.99
CA GLY G 221 -39.52 3.46 78.58
C GLY G 221 -39.52 2.92 77.15
N GLU G 222 -40.64 3.11 76.45
CA GLU G 222 -40.90 2.38 75.21
C GLU G 222 -41.66 3.15 74.12
N GLU G 223 -41.82 4.46 74.27
CA GLU G 223 -42.62 5.23 73.31
C GLU G 223 -42.07 6.62 73.01
N LEU G 224 -42.20 7.02 71.74
CA LEU G 224 -42.13 8.43 71.36
C LEU G 224 -42.74 8.65 69.97
N THR G 225 -44.07 8.81 69.94
CA THR G 225 -44.79 9.19 68.73
C THR G 225 -45.40 10.60 68.85
N GLN G 226 -44.88 11.40 69.79
CA GLN G 226 -45.21 12.82 69.90
C GLN G 226 -44.63 13.56 68.68
N ASP G 227 -45.49 13.80 67.69
CA ASP G 227 -45.10 14.45 66.43
C ASP G 227 -43.72 14.00 65.90
N MET G 228 -43.47 12.71 65.92
CA MET G 228 -42.28 12.16 65.28
C MET G 228 -42.34 12.51 63.78
N GLU G 229 -41.28 13.15 63.28
CA GLU G 229 -41.16 13.45 61.85
C GLU G 229 -40.34 12.38 61.15
N LEU G 230 -40.85 11.88 60.04
CA LEU G 230 -40.07 10.96 59.21
C LEU G 230 -40.16 11.32 57.73
N VAL G 231 -39.52 10.52 56.89
CA VAL G 231 -39.76 10.57 55.44
C VAL G 231 -40.08 9.18 54.89
N GLU G 232 -40.79 9.16 53.80
CA GLU G 232 -41.03 7.93 53.08
C GLU G 232 -39.68 7.37 52.63
N THR G 233 -39.60 6.04 52.58
CA THR G 233 -38.39 5.34 52.18
C THR G 233 -38.08 5.59 50.71
N ARG G 234 -36.85 5.94 50.42
CA ARG G 234 -36.47 6.47 49.12
C ARG G 234 -35.33 5.65 48.53
N PRO G 235 -35.34 5.44 47.23
CA PRO G 235 -34.20 4.77 46.60
C PRO G 235 -32.98 5.71 46.50
N ALA G 236 -31.82 5.18 46.91
CA ALA G 236 -30.55 5.85 46.74
C ALA G 236 -30.22 5.97 45.26
N GLY G 237 -30.66 4.99 44.47
CA GLY G 237 -30.42 4.92 43.04
C GLY G 237 -29.48 3.80 42.66
N ASP G 238 -28.79 3.24 43.66
CA ASP G 238 -27.79 2.18 43.48
C ASP G 238 -28.31 0.80 43.87
N GLY G 239 -29.64 0.66 43.98
CA GLY G 239 -30.24 -0.59 44.43
C GLY G 239 -30.63 -0.63 45.91
N THR G 240 -30.06 0.26 46.73
CA THR G 240 -30.39 0.34 48.15
C THR G 240 -31.33 1.52 48.42
N PHE G 241 -31.75 1.66 49.67
CA PHE G 241 -32.72 2.67 50.06
C PHE G 241 -32.24 3.49 51.27
N GLN G 242 -32.97 4.57 51.53
CA GLN G 242 -32.66 5.50 52.62
C GLN G 242 -33.91 5.92 53.38
N LYS G 243 -33.72 6.35 54.61
CA LYS G 243 -34.82 6.82 55.46
C LYS G 243 -34.31 7.55 56.71
N TRP G 244 -35.05 8.56 57.17
CA TRP G 244 -34.77 9.13 58.46
C TRP G 244 -36.01 9.38 59.27
N ALA G 245 -35.80 9.51 60.58
CA ALA G 245 -36.83 9.90 61.51
C ALA G 245 -36.23 10.88 62.52
N SER G 246 -36.94 11.96 62.82
CA SER G 246 -36.46 12.96 63.77
C SER G 246 -37.47 13.22 64.89
N VAL G 247 -36.98 13.85 65.95
CA VAL G 247 -37.80 14.14 67.13
C VAL G 247 -37.29 15.38 67.87
N VAL G 248 -38.21 16.12 68.49
CA VAL G 248 -37.86 17.34 69.23
C VAL G 248 -37.41 17.02 70.66
N VAL G 249 -36.34 17.68 71.09
CA VAL G 249 -35.64 17.38 72.34
C VAL G 249 -35.04 18.66 72.95
N PRO G 250 -35.17 18.87 74.26
CA PRO G 250 -34.49 20.01 74.92
C PRO G 250 -32.97 19.98 74.78
N LEU G 251 -32.37 21.15 74.61
CA LEU G 251 -30.91 21.26 74.45
C LEU G 251 -30.22 21.09 75.79
N GLY G 252 -29.09 20.39 75.78
CA GLY G 252 -28.38 20.01 77.00
C GLY G 252 -28.65 18.54 77.29
N LYS G 253 -29.62 18.28 78.16
CA LYS G 253 -30.05 16.91 78.46
C LYS G 253 -30.72 16.31 77.21
N GLU G 254 -29.93 15.55 76.45
CA GLU G 254 -30.39 14.93 75.20
C GLU G 254 -29.70 13.59 74.92
N GLN G 255 -29.14 12.98 75.97
CA GLN G 255 -28.54 11.66 75.90
C GLN G 255 -29.55 10.61 76.39
N ASN G 256 -30.69 11.07 76.93
CA ASN G 256 -31.80 10.19 77.28
C ASN G 256 -32.80 10.11 76.11
N TYR G 257 -32.25 9.87 74.92
CA TYR G 257 -33.01 9.74 73.69
C TYR G 257 -32.34 8.71 72.78
N THR G 258 -33.11 7.71 72.36
CA THR G 258 -32.57 6.50 71.72
C THR G 258 -33.35 6.13 70.46
N CYS G 259 -32.65 6.16 69.33
CA CYS G 259 -33.20 5.70 68.06
C CYS G 259 -33.01 4.19 67.90
N ARG G 260 -33.99 3.55 67.29
CA ARG G 260 -33.96 2.11 67.04
C ARG G 260 -34.34 1.82 65.60
N VAL G 261 -33.57 0.95 64.96
CA VAL G 261 -33.73 0.60 63.55
C VAL G 261 -34.03 -0.90 63.44
N TYR G 262 -35.08 -1.26 62.69
CA TYR G 262 -35.50 -2.64 62.52
C TYR G 262 -35.48 -2.99 61.03
N HIS G 263 -34.75 -4.04 60.69
CA HIS G 263 -34.59 -4.44 59.29
C HIS G 263 -34.21 -5.91 59.20
N GLU G 264 -34.72 -6.58 58.19
CA GLU G 264 -34.67 -8.04 58.11
C GLU G 264 -33.25 -8.57 57.91
N GLY G 265 -32.31 -7.70 57.54
CA GLY G 265 -30.92 -8.05 57.39
C GLY G 265 -30.08 -7.97 58.66
N LEU G 266 -30.60 -7.33 59.71
CA LEU G 266 -29.89 -7.23 60.99
C LEU G 266 -30.04 -8.53 61.77
N PRO G 267 -29.00 -8.91 62.52
CA PRO G 267 -29.11 -10.03 63.47
C PRO G 267 -29.96 -9.65 64.66
N GLU G 268 -29.96 -8.36 64.97
CA GLU G 268 -30.93 -7.77 65.89
C GLU G 268 -31.04 -6.27 65.64
N PRO G 269 -32.11 -5.64 66.11
CA PRO G 269 -32.28 -4.20 65.91
C PRO G 269 -31.11 -3.33 66.42
N LEU G 270 -30.82 -2.25 65.69
CA LEU G 270 -29.81 -1.28 66.12
C LEU G 270 -30.32 -0.41 67.24
N THR G 271 -29.44 -0.04 68.15
CA THR G 271 -29.72 0.98 69.15
C THR G 271 -28.66 2.07 69.01
N LEU G 272 -29.09 3.33 69.12
CA LEU G 272 -28.32 4.46 68.63
C LEU G 272 -28.69 5.75 69.36
N ARG G 273 -27.72 6.65 69.50
CA ARG G 273 -28.00 7.99 70.01
C ARG G 273 -27.04 9.02 69.44
N TRP G 274 -27.27 10.28 69.78
CA TRP G 274 -26.37 11.36 69.40
C TRP G 274 -25.07 11.20 70.16
N GLU G 275 -23.98 10.98 69.41
CA GLU G 275 -22.65 10.91 69.98
C GLU G 275 -21.82 12.08 69.44
N PRO G 276 -21.67 13.13 70.26
CA PRO G 276 -20.82 14.27 69.90
C PRO G 276 -19.34 13.97 70.16
N ILE H 1 -59.48 9.26 38.58
CA ILE H 1 -59.38 10.63 39.15
C ILE H 1 -57.99 10.85 39.77
N GLN H 2 -57.58 12.11 39.88
CA GLN H 2 -56.16 12.39 40.09
C GLN H 2 -55.63 12.30 41.53
N LYS H 3 -54.34 11.94 41.62
CA LYS H 3 -53.58 11.90 42.85
C LYS H 3 -52.34 12.77 42.66
N THR H 4 -52.03 13.61 43.63
CA THR H 4 -50.94 14.58 43.43
C THR H 4 -49.60 14.02 43.86
N PRO H 5 -48.56 14.25 43.07
CA PRO H 5 -47.23 13.73 43.39
C PRO H 5 -46.65 14.23 44.70
N GLN H 6 -46.11 13.28 45.45
CA GLN H 6 -45.22 13.55 46.56
C GLN H 6 -43.81 13.56 45.97
N ILE H 7 -42.96 14.44 46.50
CA ILE H 7 -41.67 14.70 45.93
C ILE H 7 -40.60 14.78 47.01
N GLN H 8 -39.50 14.05 46.83
CA GLN H 8 -38.32 14.17 47.69
C GLN H 8 -37.09 14.45 46.85
N VAL H 9 -36.28 15.40 47.31
CA VAL H 9 -35.05 15.78 46.63
C VAL H 9 -33.92 15.56 47.61
N TYR H 10 -32.92 14.79 47.22
CA TYR H 10 -31.89 14.32 48.16
C TYR H 10 -30.73 13.71 47.38
N SER H 11 -29.57 13.70 48.02
CA SER H 11 -28.36 13.15 47.43
C SER H 11 -28.27 11.67 47.75
N ARG H 12 -27.74 10.90 46.79
CA ARG H 12 -27.43 9.48 46.96
C ARG H 12 -26.44 9.21 48.09
N HIS H 13 -25.40 10.03 48.17
CA HIS H 13 -24.34 9.84 49.15
C HIS H 13 -24.37 11.03 50.10
N PRO H 14 -23.85 10.85 51.32
CA PRO H 14 -23.70 11.96 52.27
C PRO H 14 -23.06 13.17 51.61
N PRO H 15 -23.72 14.33 51.63
CA PRO H 15 -23.27 15.51 50.90
C PRO H 15 -22.01 16.16 51.48
N GLU H 16 -21.06 16.45 50.60
CA GLU H 16 -19.79 17.04 50.96
C GLU H 16 -19.43 18.06 49.89
N ASN H 17 -19.43 19.35 50.27
CA ASN H 17 -19.12 20.43 49.35
C ASN H 17 -17.79 20.21 48.62
N GLY H 18 -17.84 20.25 47.28
CA GLY H 18 -16.68 20.08 46.43
C GLY H 18 -16.49 18.65 45.89
N LYS H 19 -17.39 17.75 46.26
CA LYS H 19 -17.21 16.32 46.03
C LYS H 19 -18.34 15.78 45.12
N PRO H 20 -17.99 15.18 43.97
CA PRO H 20 -19.00 14.58 43.07
C PRO H 20 -20.02 13.68 43.78
N ASN H 21 -21.29 13.89 43.49
CA ASN H 21 -22.40 13.16 44.13
C ASN H 21 -23.49 12.93 43.07
N ILE H 22 -24.60 12.32 43.46
CA ILE H 22 -25.78 12.25 42.60
C ILE H 22 -27.00 12.79 43.31
N LEU H 23 -27.69 13.74 42.68
CA LEU H 23 -28.95 14.28 43.20
C LEU H 23 -30.14 13.54 42.61
N ASN H 24 -31.04 13.11 43.49
CA ASN H 24 -32.23 12.38 43.13
C ASN H 24 -33.47 13.27 43.30
N CYS H 25 -34.43 13.09 42.41
CA CYS H 25 -35.77 13.61 42.63
C CYS H 25 -36.74 12.46 42.45
N TYR H 26 -37.39 12.11 43.55
CA TYR H 26 -38.20 10.90 43.67
C TYR H 26 -39.63 11.35 43.80
N VAL H 27 -40.41 11.04 42.76
CA VAL H 27 -41.80 11.42 42.66
C VAL H 27 -42.68 10.17 42.74
N THR H 28 -43.54 10.12 43.76
CA THR H 28 -44.43 9.01 44.01
C THR H 28 -45.89 9.42 44.16
N GLN H 29 -46.76 8.41 44.16
CA GLN H 29 -48.14 8.53 44.62
C GLN H 29 -49.04 9.37 43.70
N PHE H 30 -48.77 9.30 42.41
CA PHE H 30 -49.48 10.13 41.46
C PHE H 30 -50.35 9.35 40.44
N HIS H 31 -51.37 10.02 39.93
CA HIS H 31 -52.23 9.47 38.88
C HIS H 31 -52.91 10.63 38.20
N PRO H 32 -53.01 10.62 36.87
CA PRO H 32 -52.52 9.58 35.96
C PRO H 32 -51.00 9.57 35.74
N PRO H 33 -50.48 8.55 35.06
CA PRO H 33 -49.02 8.38 34.94
C PRO H 33 -48.29 9.48 34.14
N HIS H 34 -48.99 10.24 33.31
CA HIS H 34 -48.29 11.31 32.58
C HIS H 34 -47.80 12.38 33.55
N ILE H 35 -46.53 12.74 33.39
CA ILE H 35 -45.85 13.66 34.28
C ILE H 35 -44.62 14.27 33.60
N GLU H 36 -44.28 15.50 33.98
CA GLU H 36 -43.07 16.17 33.50
C GLU H 36 -42.21 16.57 34.70
N ILE H 37 -40.93 16.21 34.61
CA ILE H 37 -39.98 16.46 35.68
C ILE H 37 -38.76 17.20 35.10
N GLN H 38 -38.38 18.30 35.74
CA GLN H 38 -37.10 19.00 35.45
C GLN H 38 -36.33 19.19 36.75
N MET H 39 -35.01 19.00 36.69
CA MET H 39 -34.15 19.36 37.81
C MET H 39 -33.46 20.66 37.41
N LEU H 40 -33.31 21.57 38.37
CA LEU H 40 -32.78 22.90 38.11
C LEU H 40 -31.59 23.22 39.02
N LYS H 41 -30.59 23.88 38.46
CA LYS H 41 -29.46 24.40 39.21
C LYS H 41 -29.49 25.91 39.08
N ASN H 42 -29.65 26.59 40.22
CA ASN H 42 -29.76 28.04 40.25
C ASN H 42 -30.84 28.53 39.30
N GLY H 43 -31.98 27.83 39.31
CA GLY H 43 -33.16 28.21 38.54
C GLY H 43 -33.17 27.82 37.07
N LYS H 44 -32.13 27.11 36.64
CA LYS H 44 -31.86 26.85 35.24
C LYS H 44 -31.92 25.34 35.01
N LYS H 45 -32.57 24.93 33.92
CA LYS H 45 -32.69 23.51 33.56
C LYS H 45 -31.33 22.82 33.46
N ILE H 46 -31.21 21.66 34.11
CA ILE H 46 -30.01 20.83 34.04
C ILE H 46 -30.24 19.85 32.89
N PRO H 47 -29.38 19.85 31.87
CA PRO H 47 -29.66 19.12 30.63
C PRO H 47 -29.52 17.60 30.71
N LYS H 48 -28.52 17.08 31.43
CA LYS H 48 -28.36 15.63 31.48
C LYS H 48 -29.03 15.11 32.75
N VAL H 49 -30.30 14.74 32.60
CA VAL H 49 -31.11 14.24 33.71
C VAL H 49 -31.67 12.88 33.35
N GLU H 50 -31.13 11.84 34.00
CA GLU H 50 -31.57 10.47 33.79
C GLU H 50 -32.94 10.28 34.44
N MET H 51 -33.81 9.55 33.74
CA MET H 51 -35.17 9.28 34.17
C MET H 51 -35.34 7.78 34.15
N SER H 52 -35.84 7.21 35.26
CA SER H 52 -36.14 5.78 35.31
C SER H 52 -37.42 5.54 34.53
N ASP H 53 -37.76 4.28 34.27
CA ASP H 53 -38.98 3.96 33.56
C ASP H 53 -40.19 3.98 34.50
N MET H 54 -41.39 4.13 33.93
CA MET H 54 -42.60 4.28 34.72
C MET H 54 -42.83 2.98 35.51
N SER H 55 -43.03 3.09 36.83
CA SER H 55 -43.49 1.94 37.60
C SER H 55 -44.72 2.32 38.43
N PHE H 56 -45.43 1.33 38.95
CA PHE H 56 -46.49 1.59 39.90
C PHE H 56 -46.44 0.67 41.10
N SER H 57 -46.94 1.16 42.23
CA SER H 57 -46.88 0.46 43.51
C SER H 57 -48.13 -0.36 43.68
N LYS H 58 -48.18 -1.15 44.73
CA LYS H 58 -49.31 -2.05 44.90
C LYS H 58 -50.62 -1.34 45.32
N ASP H 59 -50.56 -0.05 45.61
CA ASP H 59 -51.79 0.74 45.76
C ASP H 59 -52.24 1.40 44.44
N TRP H 60 -51.53 1.08 43.34
CA TRP H 60 -51.89 1.41 41.94
C TRP H 60 -51.26 2.71 41.47
N SER H 61 -50.68 3.49 42.40
CA SER H 61 -50.14 4.81 42.09
C SER H 61 -48.74 4.72 41.49
N PHE H 62 -48.41 5.66 40.62
CA PHE H 62 -47.17 5.61 39.87
C PHE H 62 -46.02 6.30 40.59
N TYR H 63 -44.81 5.84 40.33
CA TYR H 63 -43.62 6.48 40.86
C TYR H 63 -42.53 6.54 39.81
N ILE H 64 -41.59 7.42 40.02
CA ILE H 64 -40.54 7.64 39.06
C ILE H 64 -39.36 8.31 39.79
N LEU H 65 -38.14 7.91 39.42
CA LEU H 65 -36.90 8.47 39.97
C LEU H 65 -36.14 9.22 38.88
N ALA H 66 -35.82 10.46 39.18
CA ALA H 66 -35.01 11.30 38.31
C ALA H 66 -33.71 11.53 39.02
N HIS H 67 -32.60 11.56 38.30
CA HIS H 67 -31.32 11.86 38.92
C HIS H 67 -30.34 12.46 37.92
N THR H 68 -29.32 13.14 38.46
CA THR H 68 -28.30 13.83 37.69
C THR H 68 -27.02 13.88 38.51
N GLU H 69 -25.89 14.02 37.85
CA GLU H 69 -24.62 14.24 38.57
C GLU H 69 -24.58 15.66 39.13
N PHE H 70 -23.87 15.84 40.25
CA PHE H 70 -23.73 17.17 40.84
C PHE H 70 -22.59 17.27 41.85
N THR H 71 -22.04 18.48 41.98
CA THR H 71 -21.02 18.75 42.96
C THR H 71 -21.53 19.88 43.85
N PRO H 72 -21.97 19.54 45.05
CA PRO H 72 -22.47 20.56 45.99
C PRO H 72 -21.44 21.63 46.29
N THR H 73 -21.92 22.85 46.47
CA THR H 73 -21.15 23.93 47.06
C THR H 73 -22.02 24.56 48.13
N GLU H 74 -21.49 25.62 48.75
CA GLU H 74 -22.19 26.27 49.84
C GLU H 74 -23.44 26.97 49.31
N THR H 75 -23.38 27.39 48.06
CA THR H 75 -24.26 28.43 47.55
C THR H 75 -25.20 27.97 46.40
N ASP H 76 -24.79 27.00 45.59
CA ASP H 76 -25.66 26.51 44.51
C ASP H 76 -26.96 25.94 45.06
N THR H 77 -28.08 26.41 44.54
CA THR H 77 -29.37 25.82 44.86
C THR H 77 -29.74 24.81 43.81
N TYR H 78 -30.26 23.68 44.27
CA TYR H 78 -30.81 22.65 43.42
C TYR H 78 -32.28 22.47 43.76
N ALA H 79 -33.07 22.11 42.75
CA ALA H 79 -34.48 21.93 42.94
C ALA H 79 -34.98 20.90 41.95
N CYS H 80 -36.21 20.48 42.15
CA CYS H 80 -36.89 19.60 41.22
C CYS H 80 -38.25 20.23 40.94
N ARG H 81 -38.62 20.33 39.66
CA ARG H 81 -39.84 20.99 39.23
C ARG H 81 -40.75 19.99 38.53
N VAL H 82 -41.94 19.79 39.08
CA VAL H 82 -42.83 18.73 38.66
C VAL H 82 -44.14 19.32 38.13
N LYS H 83 -44.54 18.91 36.92
CA LYS H 83 -45.82 19.33 36.38
C LYS H 83 -46.69 18.08 36.22
N HIS H 84 -47.88 18.15 36.81
CA HIS H 84 -48.84 17.08 36.78
C HIS H 84 -50.23 17.70 36.73
N ASP H 85 -51.17 16.98 36.12
CA ASP H 85 -52.55 17.44 35.97
C ASP H 85 -53.30 17.66 37.29
N SER H 86 -52.82 17.02 38.36
CA SER H 86 -53.39 17.20 39.70
C SER H 86 -53.10 18.59 40.28
N MET H 87 -52.26 19.36 39.59
CA MET H 87 -51.83 20.66 40.07
C MET H 87 -52.03 21.72 39.01
N ALA H 88 -52.69 22.82 39.39
CA ALA H 88 -52.88 23.95 38.50
C ALA H 88 -51.54 24.44 37.98
N GLU H 89 -50.53 24.42 38.87
CA GLU H 89 -49.19 24.95 38.57
C GLU H 89 -48.09 23.94 38.91
N PRO H 90 -46.98 23.97 38.18
CA PRO H 90 -45.83 23.13 38.53
C PRO H 90 -45.37 23.36 39.98
N LYS H 91 -44.90 22.31 40.65
CA LYS H 91 -44.40 22.42 42.01
C LYS H 91 -42.91 22.26 42.02
N THR H 92 -42.25 23.21 42.66
CA THR H 92 -40.80 23.21 42.78
C THR H 92 -40.48 22.85 44.21
N VAL H 93 -39.61 21.88 44.41
CA VAL H 93 -39.09 21.61 45.75
C VAL H 93 -37.55 21.62 45.74
N TYR H 94 -37.01 22.33 46.72
CA TYR H 94 -35.59 22.59 46.83
C TYR H 94 -34.89 21.50 47.60
N TRP H 95 -33.68 21.15 47.16
CA TRP H 95 -32.81 20.30 47.95
C TRP H 95 -32.40 20.98 49.24
N ASP H 96 -32.59 20.25 50.33
CA ASP H 96 -32.12 20.61 51.65
C ASP H 96 -31.13 19.52 52.06
N ARG H 97 -29.86 19.88 52.22
CA ARG H 97 -28.79 18.90 52.41
C ARG H 97 -28.82 18.10 53.72
N ASP H 98 -29.60 18.56 54.71
CA ASP H 98 -29.77 17.86 55.99
C ASP H 98 -31.06 17.02 56.05
N MET H 99 -31.72 16.82 54.91
CA MET H 99 -33.07 16.26 54.95
C MET H 99 -33.54 15.71 53.62
N LYS I 1 -42.06 -16.15 33.95
CA LYS I 1 -43.05 -16.25 32.84
C LYS I 1 -44.31 -15.51 33.23
N ALA I 2 -44.78 -14.67 32.31
CA ALA I 2 -45.93 -13.82 32.57
C ALA I 2 -47.25 -14.53 32.34
N VAL I 3 -48.29 -13.93 32.89
CA VAL I 3 -49.66 -14.39 32.72
C VAL I 3 -50.17 -14.14 31.30
N PHE I 4 -50.98 -15.07 30.82
CA PHE I 4 -51.76 -14.95 29.59
C PHE I 4 -53.14 -14.62 30.10
N ASN I 5 -53.73 -13.50 29.69
CA ASN I 5 -55.10 -13.23 30.12
C ASN I 5 -56.09 -14.02 29.25
N PHE I 6 -57.29 -14.18 29.81
CA PHE I 6 -58.34 -15.02 29.26
C PHE I 6 -59.41 -14.11 28.62
N ALA I 7 -60.66 -14.17 29.09
CA ALA I 7 -61.71 -13.27 28.61
C ALA I 7 -61.36 -11.82 28.88
N THR I 8 -61.62 -10.96 27.90
CA THR I 8 -61.46 -9.51 28.08
C THR I 8 -62.56 -9.02 28.98
N MET I 9 -62.47 -7.75 29.34
CA MET I 9 -63.40 -7.20 30.30
C MET I 9 -64.75 -6.97 29.70
N GLY J 1 3.63 -28.76 -19.99
CA GLY J 1 3.02 -27.43 -20.29
C GLY J 1 2.17 -27.48 -21.56
N PRO J 2 1.07 -26.73 -21.60
CA PRO J 2 0.13 -26.79 -22.72
C PRO J 2 0.70 -26.21 -24.02
N HIS J 3 0.02 -26.46 -25.13
CA HIS J 3 0.37 -25.87 -26.42
C HIS J 3 -0.88 -25.37 -27.16
N SER J 4 -0.68 -24.65 -28.26
CA SER J 4 -1.78 -24.12 -29.06
C SER J 4 -1.40 -23.87 -30.51
N MET J 5 -2.41 -23.90 -31.38
CA MET J 5 -2.25 -23.43 -32.75
C MET J 5 -3.41 -22.52 -33.11
N ARG J 6 -3.13 -21.45 -33.84
CA ARG J 6 -4.18 -20.55 -34.29
C ARG J 6 -3.91 -20.11 -35.71
N TYR J 7 -4.98 -19.94 -36.49
CA TYR J 7 -4.91 -19.13 -37.71
C TYR J 7 -5.80 -17.90 -37.55
N PHE J 8 -5.25 -16.72 -37.87
CA PHE J 8 -5.98 -15.46 -37.80
C PHE J 8 -6.08 -14.93 -39.24
N GLU J 9 -7.28 -14.81 -39.76
CA GLU J 9 -7.50 -14.48 -41.17
C GLU J 9 -8.25 -13.18 -41.24
N THR J 10 -7.93 -12.38 -42.25
CA THR J 10 -8.54 -11.08 -42.46
C THR J 10 -8.85 -10.87 -43.93
N ALA J 11 -10.04 -10.34 -44.21
CA ALA J 11 -10.35 -9.83 -45.53
C ALA J 11 -10.89 -8.42 -45.39
N VAL J 12 -10.33 -7.50 -46.17
CA VAL J 12 -10.62 -6.08 -46.05
C VAL J 12 -10.98 -5.52 -47.43
N SER J 13 -12.11 -4.82 -47.48
CA SER J 13 -12.53 -4.08 -48.65
C SER J 13 -12.39 -2.59 -48.36
N ARG J 14 -12.01 -1.86 -49.39
CA ARG J 14 -11.78 -0.42 -49.29
C ARG J 14 -12.38 0.16 -50.58
N PRO J 15 -12.94 1.38 -50.54
CA PRO J 15 -13.57 1.96 -51.73
C PRO J 15 -12.66 2.16 -52.96
N GLY J 16 -11.35 2.03 -52.77
CA GLY J 16 -10.39 2.31 -53.82
C GLY J 16 -10.06 1.12 -54.69
N LEU J 17 -10.21 -0.11 -54.15
CA LEU J 17 -9.83 -1.31 -54.89
C LEU J 17 -11.04 -2.18 -55.23
N GLU J 18 -10.96 -2.84 -56.39
CA GLU J 18 -12.01 -3.71 -56.89
C GLU J 18 -12.21 -4.87 -55.91
N GLU J 19 -11.12 -5.59 -55.61
CA GLU J 19 -11.19 -6.79 -54.78
C GLU J 19 -10.55 -6.61 -53.39
N PRO J 20 -11.02 -7.36 -52.40
CA PRO J 20 -10.46 -7.28 -51.05
C PRO J 20 -9.08 -7.90 -50.93
N ARG J 21 -8.32 -7.41 -49.96
CA ARG J 21 -7.05 -8.00 -49.57
C ARG J 21 -7.30 -9.12 -48.54
N TYR J 22 -6.76 -10.29 -48.78
CA TYR J 22 -6.91 -11.41 -47.86
C TYR J 22 -5.55 -11.75 -47.23
N ILE J 23 -5.48 -11.80 -45.89
CA ILE J 23 -4.26 -12.15 -45.18
C ILE J 23 -4.50 -13.29 -44.17
N SER J 24 -3.65 -14.30 -44.18
CA SER J 24 -3.72 -15.36 -43.19
C SER J 24 -2.38 -15.53 -42.44
N VAL J 25 -2.45 -15.54 -41.11
CA VAL J 25 -1.26 -15.68 -40.28
C VAL J 25 -1.48 -16.90 -39.40
N GLY J 26 -0.58 -17.86 -39.46
CA GLY J 26 -0.63 -19.02 -38.59
C GLY J 26 0.30 -18.82 -37.41
N TYR J 27 -0.06 -19.42 -36.28
CA TYR J 27 0.68 -19.30 -35.03
C TYR J 27 0.76 -20.64 -34.33
N VAL J 28 1.96 -21.02 -33.87
CA VAL J 28 2.10 -22.10 -32.91
C VAL J 28 2.64 -21.51 -31.61
N ASP J 29 1.99 -21.82 -30.50
CA ASP J 29 2.32 -21.26 -29.19
C ASP J 29 2.39 -19.73 -29.19
N ASN J 30 1.40 -19.10 -29.81
CA ASN J 30 1.31 -17.63 -29.95
C ASN J 30 2.52 -16.98 -30.64
N LYS J 31 3.16 -17.74 -31.54
CA LYS J 31 4.33 -17.29 -32.29
C LYS J 31 4.15 -17.62 -33.76
N GLU J 32 4.29 -16.60 -34.61
CA GLU J 32 4.01 -16.69 -36.03
C GLU J 32 4.90 -17.72 -36.71
N PHE J 33 4.32 -18.59 -37.53
CA PHE J 33 5.08 -19.61 -38.25
C PHE J 33 4.74 -19.76 -39.74
N VAL J 34 3.60 -19.24 -40.17
CA VAL J 34 3.28 -19.18 -41.59
C VAL J 34 2.51 -17.91 -41.93
N ARG J 35 2.46 -17.56 -43.20
CA ARG J 35 1.78 -16.33 -43.63
C ARG J 35 1.52 -16.29 -45.13
N PHE J 36 0.28 -15.93 -45.47
CA PHE J 36 -0.15 -15.71 -46.83
C PHE J 36 -0.70 -14.30 -46.92
N ASP J 37 -0.45 -13.64 -48.04
CA ASP J 37 -0.86 -12.25 -48.24
C ASP J 37 -1.14 -11.99 -49.72
N SER J 38 -2.41 -11.75 -50.05
CA SER J 38 -2.86 -11.69 -51.44
C SER J 38 -2.30 -10.49 -52.22
N ASP J 39 -1.77 -9.49 -51.50
CA ASP J 39 -1.17 -8.32 -52.12
C ASP J 39 0.24 -8.59 -52.62
N ALA J 40 0.93 -9.56 -52.02
CA ALA J 40 2.25 -9.96 -52.51
C ALA J 40 2.24 -10.18 -54.02
N GLU J 41 3.42 -10.02 -54.60
CA GLU J 41 3.64 -10.22 -56.04
C GLU J 41 2.78 -11.35 -56.64
N ASN J 42 3.67 -12.67 -55.96
CA ASN J 42 3.19 -14.04 -56.22
C ASN J 42 2.59 -14.58 -54.93
N PRO J 43 1.29 -14.33 -54.71
CA PRO J 43 0.67 -14.69 -53.44
C PRO J 43 0.87 -16.17 -53.10
N ARG J 44 1.36 -16.40 -51.90
CA ARG J 44 1.75 -17.73 -51.48
C ARG J 44 1.89 -17.82 -49.96
N TYR J 45 1.55 -18.98 -49.40
CA TYR J 45 1.89 -19.27 -48.00
C TYR J 45 3.41 -19.38 -47.93
N GLU J 46 3.98 -18.80 -46.88
CA GLU J 46 5.41 -18.69 -46.68
C GLU J 46 5.78 -19.00 -45.22
N PRO J 47 6.94 -19.63 -45.00
CA PRO J 47 7.41 -19.88 -43.64
C PRO J 47 7.87 -18.61 -42.94
N ARG J 48 7.54 -18.48 -41.66
CA ARG J 48 7.90 -17.32 -40.86
C ARG J 48 8.78 -17.67 -39.66
N ALA J 49 9.13 -18.94 -39.53
CA ALA J 49 10.11 -19.37 -38.53
C ALA J 49 11.09 -20.36 -39.15
N PRO J 50 12.33 -20.35 -38.68
CA PRO J 50 13.37 -21.27 -39.15
C PRO J 50 12.94 -22.73 -39.26
N TRP J 51 12.30 -23.24 -38.20
CA TRP J 51 11.92 -24.66 -38.12
C TRP J 51 10.92 -25.15 -39.18
N MET J 52 10.25 -24.23 -39.88
CA MET J 52 9.26 -24.58 -40.89
C MET J 52 9.82 -24.76 -42.31
N GLU J 53 11.05 -24.31 -42.52
CA GLU J 53 11.74 -24.50 -43.80
C GLU J 53 11.90 -26.00 -44.10
N GLN J 54 11.84 -26.83 -43.04
CA GLN J 54 11.76 -28.28 -43.15
C GLN J 54 10.74 -28.79 -44.16
N GLU J 55 9.52 -28.28 -44.09
CA GLU J 55 8.41 -28.79 -44.89
C GLU J 55 8.70 -28.66 -46.37
N GLY J 56 8.22 -29.63 -47.15
CA GLY J 56 8.58 -29.74 -48.55
C GLY J 56 7.69 -28.97 -49.50
N PRO J 57 8.05 -28.94 -50.79
CA PRO J 57 7.28 -28.20 -51.80
C PRO J 57 5.80 -28.56 -51.86
N GLU J 58 5.42 -29.82 -51.62
CA GLU J 58 4.00 -30.21 -51.69
C GLU J 58 3.14 -29.58 -50.59
N TYR J 59 3.73 -29.33 -49.43
CA TYR J 59 3.04 -28.69 -48.31
C TYR J 59 2.65 -27.25 -48.65
N TRP J 60 3.58 -26.49 -49.22
CA TRP J 60 3.35 -25.08 -49.57
C TRP J 60 2.39 -24.91 -50.74
N GLU J 61 2.49 -25.80 -51.74
CA GLU J 61 1.57 -25.79 -52.88
C GLU J 61 0.14 -26.11 -52.41
N ARG J 62 0.00 -27.14 -51.59
CA ARG J 62 -1.29 -27.56 -51.04
C ARG J 62 -1.95 -26.43 -50.23
N GLU J 63 -1.16 -25.84 -49.33
CA GLU J 63 -1.64 -24.83 -48.41
C GLU J 63 -1.96 -23.52 -49.13
N THR J 64 -1.14 -23.17 -50.12
CA THR J 64 -1.39 -22.00 -50.95
C THR J 64 -2.72 -22.09 -51.67
N GLN J 65 -2.99 -23.24 -52.29
CA GLN J 65 -4.24 -23.42 -53.02
C GLN J 65 -5.44 -23.38 -52.06
N LYS J 66 -5.22 -23.78 -50.81
CA LYS J 66 -6.24 -23.68 -49.78
C LYS J 66 -6.49 -22.21 -49.40
N ALA J 67 -5.42 -21.41 -49.34
CA ALA J 67 -5.53 -19.98 -49.06
C ALA J 67 -6.27 -19.28 -50.18
N LYS J 68 -6.09 -19.75 -51.40
CA LYS J 68 -6.73 -19.14 -52.54
C LYS J 68 -8.21 -19.46 -52.55
N GLY J 69 -8.61 -20.61 -52.00
CA GLY J 69 -10.02 -20.95 -51.86
C GLY J 69 -10.66 -20.16 -50.73
N GLN J 70 -9.96 -20.04 -49.60
CA GLN J 70 -10.37 -19.21 -48.51
C GLN J 70 -10.62 -17.76 -48.95
N GLU J 71 -9.77 -17.25 -49.83
CA GLU J 71 -9.93 -15.90 -50.31
C GLU J 71 -11.25 -15.72 -51.03
N GLN J 72 -11.62 -16.69 -51.86
CA GLN J 72 -12.91 -16.62 -52.55
C GLN J 72 -14.05 -16.69 -51.56
N TRP J 73 -13.90 -17.54 -50.56
CA TRP J 73 -14.88 -17.67 -49.50
C TRP J 73 -15.10 -16.34 -48.79
N PHE J 74 -14.01 -15.62 -48.52
CA PHE J 74 -14.07 -14.35 -47.85
C PHE J 74 -14.70 -13.30 -48.77
N ARG J 75 -14.40 -13.40 -50.06
CA ARG J 75 -14.94 -12.46 -51.03
C ARG J 75 -16.46 -12.57 -51.04
N VAL J 76 -16.93 -13.79 -51.26
CA VAL J 76 -18.36 -14.09 -51.31
C VAL J 76 -19.07 -13.73 -50.01
N SER J 77 -18.49 -14.13 -48.88
CA SER J 77 -19.02 -13.80 -47.56
C SER J 77 -19.17 -12.29 -47.34
N LEU J 78 -18.15 -11.53 -47.73
CA LEU J 78 -18.17 -10.06 -47.60
C LEU J 78 -19.32 -9.47 -48.38
N ARG J 79 -19.53 -10.01 -49.56
CA ARG J 79 -20.66 -9.64 -50.40
C ARG J 79 -21.97 -9.93 -49.68
N ASN J 80 -22.10 -11.16 -49.17
CA ASN J 80 -23.33 -11.58 -48.54
C ASN J 80 -23.65 -10.66 -47.37
N LEU J 81 -22.63 -10.30 -46.61
CA LEU J 81 -22.77 -9.49 -45.41
C LEU J 81 -23.25 -8.07 -45.72
N LEU J 82 -22.79 -7.54 -46.83
CA LEU J 82 -23.23 -6.26 -47.35
C LEU J 82 -24.74 -6.25 -47.54
N GLY J 83 -25.26 -7.30 -48.15
CA GLY J 83 -26.69 -7.46 -48.30
C GLY J 83 -27.40 -7.57 -46.96
N TYR J 84 -26.90 -8.44 -46.09
CA TYR J 84 -27.52 -8.68 -44.78
C TYR J 84 -27.67 -7.40 -43.97
N TYR J 85 -26.69 -6.50 -44.07
CA TYR J 85 -26.69 -5.26 -43.29
C TYR J 85 -27.15 -4.04 -44.07
N ASN J 86 -27.68 -4.25 -45.28
CA ASN J 86 -28.19 -3.17 -46.13
C ASN J 86 -27.21 -1.98 -46.20
N GLN J 87 -25.94 -2.34 -46.33
CA GLN J 87 -24.87 -1.39 -46.47
C GLN J 87 -24.73 -1.19 -47.97
N SER J 88 -24.49 0.02 -48.40
CA SER J 88 -24.40 0.20 -49.84
C SER J 88 -22.94 0.07 -50.31
N ALA J 89 -22.66 0.58 -51.50
CA ALA J 89 -21.32 0.57 -52.05
C ALA J 89 -20.59 1.79 -51.54
N GLY J 90 -19.27 1.72 -51.48
CA GLY J 90 -18.45 2.90 -51.21
C GLY J 90 -18.06 3.00 -49.74
N GLY J 91 -17.76 1.85 -49.15
CA GLY J 91 -17.37 1.78 -47.75
C GLY J 91 -16.16 0.90 -47.51
N SER J 92 -15.68 0.92 -46.27
CA SER J 92 -14.66 -0.01 -45.82
C SER J 92 -15.30 -1.08 -44.96
N HIS J 93 -14.98 -2.34 -45.27
CA HIS J 93 -15.49 -3.46 -44.51
C HIS J 93 -14.40 -4.47 -44.21
N THR J 94 -14.61 -5.20 -43.12
CA THR J 94 -13.67 -6.16 -42.58
C THR J 94 -14.39 -7.44 -42.16
N LEU J 95 -13.83 -8.58 -42.51
CA LEU J 95 -14.30 -9.85 -42.03
C LEU J 95 -13.09 -10.55 -41.45
N GLN J 96 -13.14 -10.94 -40.18
CA GLN J 96 -12.02 -11.62 -39.50
C GLN J 96 -12.44 -13.00 -39.02
N GLN J 97 -11.45 -13.88 -38.94
CA GLN J 97 -11.64 -15.23 -38.47
C GLN J 97 -10.50 -15.63 -37.54
N MET J 98 -10.85 -16.32 -36.47
CA MET J 98 -9.88 -16.95 -35.59
C MET J 98 -10.28 -18.42 -35.48
N SER J 99 -9.32 -19.31 -35.66
CA SER J 99 -9.59 -20.72 -35.55
C SER J 99 -8.36 -21.48 -35.10
N GLY J 100 -8.56 -22.61 -34.43
CA GLY J 100 -7.44 -23.44 -33.98
C GLY J 100 -7.77 -24.28 -32.77
N CYS J 101 -6.74 -24.90 -32.19
CA CYS J 101 -6.90 -25.77 -31.02
C CYS J 101 -5.95 -25.44 -29.88
N ASP J 102 -6.37 -25.77 -28.66
CA ASP J 102 -5.51 -25.74 -27.48
C ASP J 102 -5.32 -27.17 -27.02
N LEU J 103 -4.07 -27.58 -26.83
CA LEU J 103 -3.78 -28.86 -26.19
C LEU J 103 -3.42 -28.67 -24.73
N GLY J 104 -3.78 -29.63 -23.89
CA GLY J 104 -3.26 -29.68 -22.52
C GLY J 104 -1.83 -30.17 -22.55
N SER J 105 -1.16 -30.19 -21.40
CA SER J 105 0.21 -30.71 -21.33
C SER J 105 0.30 -32.20 -21.76
N ASP J 106 -0.82 -32.94 -21.66
CA ASP J 106 -0.91 -34.31 -22.18
C ASP J 106 -1.05 -34.40 -23.71
N TRP J 107 -1.00 -33.26 -24.39
CA TRP J 107 -1.11 -33.18 -25.87
C TRP J 107 -2.52 -33.50 -26.43
N ARG J 108 -3.51 -33.62 -25.56
CA ARG J 108 -4.88 -33.86 -26.02
C ARG J 108 -5.63 -32.53 -26.14
N LEU J 109 -6.63 -32.51 -27.01
CA LEU J 109 -7.46 -31.34 -27.22
C LEU J 109 -8.14 -30.93 -25.93
N LEU J 110 -7.81 -29.75 -25.44
CA LEU J 110 -8.54 -29.11 -24.34
C LEU J 110 -9.74 -28.37 -24.93
N ARG J 111 -9.53 -27.63 -26.02
CA ARG J 111 -10.56 -26.74 -26.54
C ARG J 111 -10.34 -26.34 -28.01
N GLY J 112 -11.39 -26.42 -28.81
CA GLY J 112 -11.35 -25.94 -30.20
C GLY J 112 -11.93 -24.54 -30.33
N TYR J 113 -11.52 -23.81 -31.37
CA TYR J 113 -11.97 -22.44 -31.59
C TYR J 113 -12.31 -22.16 -33.05
N LEU J 114 -13.46 -21.53 -33.23
CA LEU J 114 -13.93 -21.05 -34.51
C LEU J 114 -14.80 -19.81 -34.20
N GLN J 115 -14.34 -18.64 -34.63
CA GLN J 115 -15.03 -17.37 -34.33
C GLN J 115 -14.85 -16.43 -35.49
N PHE J 116 -15.88 -15.65 -35.76
CA PHE J 116 -15.84 -14.65 -36.81
C PHE J 116 -16.29 -13.26 -36.29
N ALA J 117 -15.72 -12.21 -36.86
CA ALA J 117 -16.13 -10.82 -36.60
C ALA J 117 -16.37 -10.10 -37.91
N TYR J 118 -17.42 -9.29 -37.95
CA TYR J 118 -17.68 -8.36 -39.03
C TYR J 118 -17.58 -6.93 -38.47
N GLU J 119 -16.82 -6.08 -39.17
CA GLU J 119 -16.54 -4.68 -38.77
C GLU J 119 -15.91 -4.58 -37.39
N GLY J 120 -15.15 -5.60 -37.01
CA GLY J 120 -14.46 -5.66 -35.73
C GLY J 120 -15.33 -6.12 -34.58
N ARG J 121 -16.52 -6.65 -34.90
CA ARG J 121 -17.54 -6.99 -33.90
C ARG J 121 -17.93 -8.46 -34.08
N ASP J 122 -18.11 -9.15 -32.97
CA ASP J 122 -18.55 -10.54 -32.94
C ASP J 122 -19.72 -10.80 -33.89
N TYR J 123 -19.56 -11.75 -34.79
CA TYR J 123 -20.62 -12.11 -35.71
C TYR J 123 -21.21 -13.47 -35.37
N ILE J 124 -20.39 -14.51 -35.50
CA ILE J 124 -20.80 -15.88 -35.17
C ILE J 124 -19.60 -16.63 -34.64
N ALA J 125 -19.81 -17.43 -33.61
CA ALA J 125 -18.78 -18.28 -33.03
C ALA J 125 -19.35 -19.68 -32.78
N LEU J 126 -18.49 -20.70 -32.92
CA LEU J 126 -18.79 -22.05 -32.52
C LEU J 126 -18.59 -22.17 -31.03
N ASN J 127 -19.58 -22.70 -30.33
CA ASN J 127 -19.45 -22.92 -28.88
C ASN J 127 -18.45 -24.04 -28.58
N GLU J 128 -17.94 -24.06 -27.35
CA GLU J 128 -16.93 -25.02 -26.90
C GLU J 128 -17.30 -26.50 -27.13
N ASP J 129 -18.60 -26.80 -27.12
CA ASP J 129 -19.12 -28.13 -27.46
C ASP J 129 -18.91 -28.53 -28.94
N LEU J 130 -18.54 -27.58 -29.79
CA LEU J 130 -18.28 -27.85 -31.22
C LEU J 130 -19.50 -28.38 -31.96
N LYS J 131 -20.70 -27.97 -31.49
CA LYS J 131 -21.98 -28.40 -32.05
C LYS J 131 -22.99 -27.29 -32.27
N THR J 132 -22.97 -26.25 -31.43
CA THR J 132 -23.95 -25.17 -31.52
C THR J 132 -23.20 -23.87 -31.70
N TRP J 133 -23.93 -22.85 -32.14
CA TRP J 133 -23.36 -21.57 -32.56
C TRP J 133 -23.93 -20.45 -31.71
N THR J 134 -23.10 -19.46 -31.39
CA THR J 134 -23.53 -18.23 -30.76
C THR J 134 -23.51 -17.14 -31.85
N ALA J 135 -24.64 -16.46 -32.03
CA ALA J 135 -24.79 -15.37 -32.99
C ALA J 135 -25.78 -14.37 -32.43
N ALA J 136 -25.28 -13.19 -32.05
CA ALA J 136 -26.11 -12.20 -31.38
C ALA J 136 -27.00 -11.40 -32.36
N ASP J 137 -26.42 -10.92 -33.45
CA ASP J 137 -27.11 -9.98 -34.33
C ASP J 137 -28.31 -10.62 -35.00
N MET J 138 -29.29 -9.78 -35.34
CA MET J 138 -30.45 -10.23 -36.06
C MET J 138 -30.01 -10.66 -37.44
N ALA J 139 -29.06 -9.94 -38.05
CA ALA J 139 -28.54 -10.30 -39.37
C ALA J 139 -27.76 -11.58 -39.33
N ALA J 140 -27.06 -11.82 -38.24
CA ALA J 140 -26.26 -13.03 -38.06
C ALA J 140 -27.11 -14.30 -37.93
N GLN J 141 -28.41 -14.15 -37.63
CA GLN J 141 -29.31 -15.31 -37.49
C GLN J 141 -29.50 -16.06 -38.80
N ILE J 142 -29.40 -15.33 -39.91
CA ILE J 142 -29.46 -15.90 -41.25
C ILE J 142 -28.31 -16.86 -41.44
N THR J 143 -27.10 -16.41 -41.13
CA THR J 143 -25.94 -17.28 -41.20
C THR J 143 -26.10 -18.49 -40.29
N ARG J 144 -26.51 -18.24 -39.05
CA ARG J 144 -26.67 -19.31 -38.07
C ARG J 144 -27.62 -20.40 -38.58
N ARG J 145 -28.71 -20.02 -39.23
CA ARG J 145 -29.65 -20.99 -39.77
C ARG J 145 -29.07 -21.73 -40.99
N LYS J 146 -28.43 -21.01 -41.90
CA LYS J 146 -27.73 -21.60 -43.05
C LYS J 146 -26.81 -22.72 -42.55
N TRP J 147 -26.01 -22.41 -41.54
CA TRP J 147 -24.93 -23.28 -41.09
C TRP J 147 -25.41 -24.45 -40.25
N GLU J 148 -26.49 -24.25 -39.52
CA GLU J 148 -27.16 -25.32 -38.77
C GLU J 148 -27.75 -26.33 -39.75
N GLN J 149 -28.42 -25.81 -40.76
CA GLN J 149 -29.07 -26.65 -41.76
C GLN J 149 -28.07 -27.42 -42.62
N SER J 150 -26.88 -26.88 -42.82
CA SER J 150 -25.90 -27.49 -43.71
C SER J 150 -24.95 -28.43 -42.99
N GLY J 151 -25.01 -28.45 -41.66
CA GLY J 151 -24.11 -29.26 -40.85
C GLY J 151 -22.70 -28.71 -40.75
N ALA J 152 -22.55 -27.39 -40.81
CA ALA J 152 -21.23 -26.76 -40.79
C ALA J 152 -20.44 -27.11 -39.53
N ALA J 153 -21.10 -27.21 -38.38
CA ALA J 153 -20.38 -27.46 -37.13
C ALA J 153 -19.62 -28.78 -37.17
N GLU J 154 -20.25 -29.80 -37.73
CA GLU J 154 -19.65 -31.12 -37.86
C GLU J 154 -18.37 -31.07 -38.67
N HIS J 155 -18.39 -30.36 -39.80
CA HIS J 155 -17.16 -30.13 -40.61
C HIS J 155 -16.04 -29.49 -39.77
N TYR J 156 -16.30 -28.34 -39.15
CA TYR J 156 -15.27 -27.69 -38.33
C TYR J 156 -14.81 -28.52 -37.14
N LYS J 157 -15.73 -29.24 -36.49
CA LYS J 157 -15.40 -30.15 -35.39
C LYS J 157 -14.39 -31.24 -35.83
N ALA J 158 -14.57 -31.78 -37.03
CA ALA J 158 -13.64 -32.77 -37.56
C ALA J 158 -12.26 -32.14 -37.79
N TYR J 159 -12.19 -30.93 -38.32
CA TYR J 159 -10.89 -30.26 -38.48
C TYR J 159 -10.24 -30.07 -37.11
N LEU J 160 -11.01 -29.50 -36.17
CA LEU J 160 -10.47 -29.13 -34.85
C LEU J 160 -10.00 -30.33 -34.03
N GLU J 161 -10.75 -31.43 -34.08
CA GLU J 161 -10.37 -32.66 -33.38
C GLU J 161 -9.35 -33.49 -34.15
N GLY J 162 -9.19 -33.22 -35.45
CA GLY J 162 -8.41 -34.06 -36.35
C GLY J 162 -7.14 -33.40 -36.83
N GLU J 163 -7.16 -32.79 -38.01
CA GLU J 163 -5.98 -32.11 -38.57
C GLU J 163 -5.33 -31.13 -37.60
N CYS J 164 -6.13 -30.26 -36.96
CA CYS J 164 -5.61 -29.24 -36.07
C CYS J 164 -4.71 -29.82 -35.00
N VAL J 165 -5.15 -30.92 -34.38
CA VAL J 165 -4.37 -31.60 -33.36
C VAL J 165 -3.17 -32.27 -34.02
N GLU J 166 -3.44 -33.04 -35.06
CA GLU J 166 -2.44 -33.84 -35.76
C GLU J 166 -1.30 -32.98 -36.24
N TRP J 167 -1.63 -31.93 -36.97
CA TRP J 167 -0.63 -31.06 -37.56
C TRP J 167 0.13 -30.24 -36.53
N LEU J 168 -0.53 -29.91 -35.42
CA LEU J 168 0.15 -29.23 -34.31
C LEU J 168 1.20 -30.15 -33.65
N HIS J 169 0.88 -31.43 -33.49
CA HIS J 169 1.84 -32.41 -32.94
C HIS J 169 3.10 -32.44 -33.79
N ARG J 170 2.91 -32.57 -35.11
CA ARG J 170 3.98 -32.60 -36.08
C ARG J 170 4.83 -31.32 -36.05
N TYR J 171 4.22 -30.17 -35.80
CA TYR J 171 4.95 -28.90 -35.73
C TYR J 171 5.75 -28.78 -34.45
N LEU J 172 5.24 -29.35 -33.36
CA LEU J 172 5.87 -29.19 -32.05
C LEU J 172 7.18 -29.96 -31.97
N LYS J 173 7.22 -31.15 -32.55
CA LYS J 173 8.45 -31.96 -32.59
C LYS J 173 9.54 -31.26 -33.41
N ASN J 174 9.13 -30.63 -34.50
CA ASN J 174 10.05 -29.99 -35.45
C ASN J 174 10.87 -28.82 -34.87
N GLY J 175 10.19 -27.87 -34.23
CA GLY J 175 10.85 -26.75 -33.58
C GLY J 175 10.67 -26.76 -32.08
N ASN J 176 11.06 -27.87 -31.44
CA ASN J 176 10.98 -28.01 -29.98
C ASN J 176 12.14 -27.29 -29.30
N ALA J 177 13.33 -27.40 -29.90
CA ALA J 177 14.54 -26.70 -29.44
C ALA J 177 14.58 -25.22 -29.88
N THR J 178 13.46 -24.71 -30.40
CA THR J 178 13.34 -23.31 -30.84
C THR J 178 12.40 -22.50 -29.95
N LEU J 179 11.24 -23.08 -29.62
CA LEU J 179 10.20 -22.41 -28.82
C LEU J 179 9.66 -23.27 -27.66
N LEU J 180 10.51 -23.52 -26.67
CA LEU J 180 10.10 -24.15 -25.40
C LEU J 180 10.75 -23.40 -24.23
N ARG J 181 10.39 -22.11 -24.12
CA ARG J 181 11.00 -21.21 -23.14
C ARG J 181 10.04 -20.10 -22.69
N THR J 182 10.17 -19.70 -21.42
CA THR J 182 9.44 -18.56 -20.88
C THR J 182 10.37 -17.72 -20.03
N ASP J 183 10.47 -16.43 -20.36
CA ASP J 183 11.42 -15.53 -19.70
C ASP J 183 10.76 -14.84 -18.52
N SER J 184 11.40 -14.92 -17.36
CA SER J 184 10.87 -14.27 -16.17
C SER J 184 11.05 -12.75 -16.25
N PRO J 185 10.23 -12.00 -15.52
CA PRO J 185 10.44 -10.56 -15.36
C PRO J 185 11.54 -10.26 -14.35
N LYS J 186 12.27 -9.17 -14.61
CA LYS J 186 13.32 -8.71 -13.72
C LYS J 186 12.94 -7.30 -13.31
N ALA J 187 12.10 -7.21 -12.29
CA ALA J 187 11.50 -5.96 -11.84
C ALA J 187 12.44 -5.14 -10.97
N HIS J 188 12.12 -3.85 -10.88
CA HIS J 188 12.81 -2.93 -9.99
C HIS J 188 11.91 -1.71 -9.75
N VAL J 189 12.35 -0.80 -8.88
CA VAL J 189 11.55 0.37 -8.52
C VAL J 189 12.28 1.68 -8.82
N THR J 190 11.53 2.74 -9.12
CA THR J 190 12.08 4.08 -9.32
C THR J 190 11.41 5.08 -8.37
N HIS J 191 11.85 6.33 -8.44
CA HIS J 191 11.51 7.37 -7.45
C HIS J 191 11.45 8.74 -8.14
N HIS J 192 10.24 9.27 -8.29
CA HIS J 192 10.02 10.54 -8.99
C HIS J 192 9.29 11.56 -8.10
N PRO J 193 10.02 12.38 -7.35
CA PRO J 193 9.39 13.40 -6.50
C PRO J 193 8.79 14.55 -7.31
N ARG J 194 7.45 14.65 -7.32
CA ARG J 194 6.74 15.66 -8.10
C ARG J 194 6.60 16.97 -7.31
N SER J 195 5.92 16.90 -6.17
CA SER J 195 5.73 18.05 -5.29
C SER J 195 6.27 17.75 -3.90
N LYS J 196 6.02 18.66 -2.97
CA LYS J 196 6.48 18.51 -1.59
C LYS J 196 5.74 17.36 -0.89
N GLY J 197 6.51 16.48 -0.26
CA GLY J 197 5.97 15.34 0.46
C GLY J 197 5.27 14.31 -0.41
N GLU J 198 5.62 14.28 -1.71
CA GLU J 198 4.95 13.41 -2.67
C GLU J 198 5.93 12.81 -3.68
N VAL J 199 5.89 11.48 -3.82
CA VAL J 199 6.67 10.75 -4.82
C VAL J 199 5.83 9.66 -5.49
N THR J 200 6.20 9.32 -6.73
CA THR J 200 5.46 8.32 -7.51
C THR J 200 6.34 7.10 -7.74
N LEU J 201 6.24 6.11 -6.85
CA LEU J 201 7.03 4.89 -6.94
C LEU J 201 6.58 4.03 -8.13
N ARG J 202 7.42 3.95 -9.16
CA ARG J 202 7.07 3.21 -10.38
C ARG J 202 7.67 1.79 -10.36
N CYS J 203 6.80 0.79 -10.25
CA CYS J 203 7.22 -0.60 -10.32
C CYS J 203 7.31 -1.07 -11.78
N TRP J 204 8.53 -1.11 -12.30
CA TRP J 204 8.77 -1.61 -13.66
C TRP J 204 8.88 -3.12 -13.66
N ALA J 205 8.56 -3.71 -14.82
CA ALA J 205 8.69 -5.14 -15.08
C ALA J 205 9.13 -5.26 -16.54
N LEU J 206 10.28 -5.90 -16.77
CA LEU J 206 10.88 -5.94 -18.11
C LEU J 206 11.42 -7.31 -18.47
N GLY J 207 11.56 -7.56 -19.77
CA GLY J 207 12.17 -8.76 -20.28
C GLY J 207 11.40 -10.06 -20.10
N PHE J 208 10.08 -9.99 -19.95
CA PHE J 208 9.28 -11.20 -19.66
C PHE J 208 8.53 -11.73 -20.88
N TYR J 209 8.16 -13.00 -20.81
CA TYR J 209 7.43 -13.67 -21.89
C TYR J 209 6.71 -14.90 -21.32
N PRO J 210 5.44 -15.14 -21.66
CA PRO J 210 4.61 -14.30 -22.54
C PRO J 210 4.13 -12.97 -21.92
N ALA J 211 3.31 -12.23 -22.67
CA ALA J 211 2.81 -10.92 -22.27
C ALA J 211 2.01 -10.91 -20.97
N ASP J 212 1.27 -11.99 -20.72
CA ASP J 212 0.38 -12.04 -19.55
C ASP J 212 1.14 -11.80 -18.26
N ILE J 213 0.76 -10.73 -17.56
CA ILE J 213 1.39 -10.33 -16.29
C ILE J 213 0.40 -9.49 -15.47
N THR J 214 0.63 -9.45 -14.16
CA THR J 214 -0.17 -8.61 -13.27
C THR J 214 0.73 -7.92 -12.24
N LEU J 215 0.63 -6.60 -12.14
CA LEU J 215 1.39 -5.83 -11.17
C LEU J 215 0.46 -5.25 -10.10
N THR J 216 0.75 -5.54 -8.83
CA THR J 216 -0.03 -5.01 -7.70
C THR J 216 0.83 -4.23 -6.72
N TRP J 217 0.16 -3.61 -5.75
CA TRP J 217 0.83 -2.89 -4.67
C TRP J 217 0.18 -3.23 -3.32
N GLN J 218 1.00 -3.24 -2.28
CA GLN J 218 0.53 -3.50 -0.92
C GLN J 218 0.99 -2.36 -0.02
N LEU J 219 0.16 -2.00 0.95
CA LEU J 219 0.54 -1.01 1.97
C LEU J 219 0.88 -1.76 3.26
N ASN J 220 1.71 -2.81 3.13
CA ASN J 220 1.91 -3.78 4.20
C ASN J 220 0.55 -4.35 4.61
N GLY J 221 -0.33 -4.51 3.62
CA GLY J 221 -1.74 -4.79 3.87
C GLY J 221 -2.39 -5.72 2.87
N GLU J 222 -3.69 -5.49 2.65
CA GLU J 222 -4.54 -6.44 1.92
C GLU J 222 -4.77 -6.02 0.46
N GLU J 223 -5.21 -4.78 0.28
CA GLU J 223 -5.56 -4.25 -1.05
C GLU J 223 -4.78 -2.98 -1.39
N LEU J 224 -4.73 -2.64 -2.68
CA LEU J 224 -4.31 -1.32 -3.14
C LEU J 224 -4.52 -1.13 -4.64
N THR J 225 -5.56 -0.37 -4.99
CA THR J 225 -5.79 0.13 -6.35
C THR J 225 -6.30 1.59 -6.25
N GLN J 226 -5.64 2.36 -5.38
CA GLN J 226 -6.07 3.70 -5.00
C GLN J 226 -5.28 4.76 -5.80
N ASP J 227 -5.74 5.02 -7.02
CA ASP J 227 -5.05 5.88 -7.99
C ASP J 227 -3.74 5.24 -8.45
N MET J 228 -3.77 3.93 -8.67
CA MET J 228 -2.64 3.20 -9.24
C MET J 228 -2.59 3.45 -10.74
N GLU J 229 -1.60 4.23 -11.18
CA GLU J 229 -1.38 4.47 -12.60
C GLU J 229 -0.74 3.23 -13.26
N LEU J 230 -1.06 2.99 -14.53
CA LEU J 230 -0.48 1.87 -15.30
C LEU J 230 -0.50 2.09 -16.82
N VAL J 231 0.33 1.33 -17.54
CA VAL J 231 0.31 1.32 -19.00
C VAL J 231 -0.08 -0.06 -19.50
N GLU J 232 -0.65 -0.10 -20.70
CA GLU J 232 -0.94 -1.37 -21.34
C GLU J 232 0.40 -2.02 -21.72
N THR J 233 0.42 -3.35 -21.60
CA THR J 233 1.60 -4.14 -21.86
C THR J 233 2.07 -4.00 -23.31
N ARG J 234 3.38 -3.86 -23.48
CA ARG J 234 3.97 -3.42 -24.74
C ARG J 234 5.18 -4.28 -25.08
N PRO J 235 5.37 -4.56 -26.36
CA PRO J 235 6.55 -5.33 -26.79
C PRO J 235 7.81 -4.45 -26.80
N ALA J 236 8.89 -4.97 -26.22
CA ALA J 236 10.23 -4.38 -26.36
C ALA J 236 10.71 -4.35 -27.81
N GLY J 237 10.17 -5.26 -28.62
CA GLY J 237 10.59 -5.46 -30.00
C GLY J 237 11.55 -6.63 -30.17
N ASP J 238 12.01 -7.21 -29.06
CA ASP J 238 13.01 -8.28 -29.07
C ASP J 238 12.42 -9.63 -28.67
N GLY J 239 11.09 -9.75 -28.70
CA GLY J 239 10.41 -10.95 -28.23
C GLY J 239 9.85 -10.86 -26.82
N THR J 240 10.38 -9.97 -25.98
CA THR J 240 9.90 -9.80 -24.60
C THR J 240 9.04 -8.57 -24.48
N PHE J 241 8.40 -8.43 -23.31
CA PHE J 241 7.45 -7.37 -23.03
C PHE J 241 7.81 -6.58 -21.78
N GLN J 242 7.19 -5.39 -21.67
CA GLN J 242 7.40 -4.42 -20.61
C GLN J 242 6.04 -3.96 -20.08
N LYS J 243 6.02 -3.57 -18.81
CA LYS J 243 4.85 -2.94 -18.19
C LYS J 243 5.26 -2.25 -16.87
N TRP J 244 4.60 -1.16 -16.53
CA TRP J 244 4.80 -0.55 -15.22
C TRP J 244 3.49 -0.18 -14.55
N ALA J 245 3.55 -0.09 -13.22
CA ALA J 245 2.43 0.32 -12.39
C ALA J 245 2.97 1.17 -11.23
N SER J 246 2.65 2.47 -11.28
CA SER J 246 3.10 3.43 -10.26
C SER J 246 1.96 3.80 -9.32
N VAL J 247 2.29 4.53 -8.27
CA VAL J 247 1.33 4.86 -7.22
C VAL J 247 1.85 6.03 -6.38
N VAL J 248 0.95 6.67 -5.62
CA VAL J 248 1.29 7.84 -4.81
C VAL J 248 1.51 7.50 -3.32
N VAL J 249 2.62 7.98 -2.78
CA VAL J 249 3.12 7.58 -1.45
C VAL J 249 3.88 8.76 -0.77
N PRO J 250 3.66 8.99 0.53
CA PRO J 250 4.37 10.06 1.24
C PRO J 250 5.86 9.76 1.46
N LEU J 251 6.71 10.78 1.32
CA LEU J 251 8.16 10.61 1.50
C LEU J 251 8.49 10.40 2.98
N GLY J 252 9.01 9.22 3.30
CA GLY J 252 9.20 8.79 4.68
C GLY J 252 8.73 7.37 4.83
N LYS J 253 7.41 7.18 4.91
CA LYS J 253 6.80 5.85 4.95
C LYS J 253 6.55 5.35 3.54
N GLU J 254 7.64 4.96 2.87
CA GLU J 254 7.58 4.38 1.52
C GLU J 254 8.30 3.03 1.45
N GLN J 255 9.05 2.67 2.49
CA GLN J 255 9.73 1.38 2.53
C GLN J 255 8.71 0.25 2.73
N ASN J 256 7.65 0.53 3.48
CA ASN J 256 6.57 -0.43 3.74
C ASN J 256 5.69 -0.76 2.51
N TYR J 257 5.76 0.05 1.46
CA TYR J 257 5.06 -0.24 0.21
C TYR J 257 5.80 -1.34 -0.55
N THR J 258 5.09 -2.43 -0.86
CA THR J 258 5.67 -3.60 -1.50
C THR J 258 4.92 -3.96 -2.79
N CYS J 259 5.53 -3.67 -3.93
CA CYS J 259 5.02 -4.10 -5.23
C CYS J 259 5.15 -5.62 -5.35
N ARG J 260 4.27 -6.23 -6.14
CA ARG J 260 4.33 -7.66 -6.40
C ARG J 260 4.16 -7.94 -7.91
N VAL J 261 4.83 -8.99 -8.37
CA VAL J 261 4.86 -9.34 -9.79
C VAL J 261 4.47 -10.80 -9.93
N TYR J 262 3.42 -11.06 -10.70
CA TYR J 262 2.91 -12.40 -10.92
C TYR J 262 3.04 -12.73 -12.40
N HIS J 263 3.64 -13.87 -12.69
CA HIS J 263 4.00 -14.25 -14.05
C HIS J 263 4.35 -15.73 -14.11
N GLU J 264 3.92 -16.40 -15.18
CA GLU J 264 4.11 -17.85 -15.31
C GLU J 264 5.55 -18.37 -15.24
N GLY J 265 6.53 -17.51 -15.53
CA GLY J 265 7.92 -17.91 -15.47
C GLY J 265 8.48 -17.96 -14.06
N LEU J 266 8.07 -16.99 -13.24
CA LEU J 266 8.45 -16.92 -11.83
C LEU J 266 8.24 -18.25 -11.10
N PRO J 267 9.24 -18.70 -10.32
CA PRO J 267 9.04 -19.85 -9.42
C PRO J 267 8.04 -19.52 -8.30
N GLU J 268 8.11 -18.28 -7.80
CA GLU J 268 7.05 -17.67 -6.99
C GLU J 268 6.98 -16.17 -7.27
N PRO J 269 5.85 -15.53 -6.99
CA PRO J 269 5.72 -14.09 -7.19
C PRO J 269 6.83 -13.26 -6.53
N LEU J 270 7.41 -12.32 -7.26
CA LEU J 270 8.42 -11.43 -6.70
C LEU J 270 7.76 -10.42 -5.76
N THR J 271 8.51 -10.04 -4.74
CA THR J 271 8.04 -9.06 -3.76
C THR J 271 9.17 -8.07 -3.48
N LEU J 272 9.13 -6.93 -4.16
CA LEU J 272 10.19 -5.93 -4.10
C LEU J 272 9.67 -4.52 -3.78
N ARG J 273 10.59 -3.64 -3.40
CA ARG J 273 10.27 -2.23 -3.13
C ARG J 273 11.47 -1.33 -3.43
N TRP J 274 11.34 -0.04 -3.11
CA TRP J 274 12.42 0.92 -3.35
C TRP J 274 13.67 0.57 -2.54
N GLU J 275 14.82 0.60 -3.21
CA GLU J 275 16.11 0.28 -2.60
C GLU J 275 17.01 1.52 -2.67
N PRO J 276 17.19 2.22 -1.54
CA PRO J 276 17.99 3.46 -1.51
C PRO J 276 19.37 3.36 -2.16
N ILE K 1 -17.51 -0.19 -36.82
CA ILE K 1 -17.26 1.26 -36.58
C ILE K 1 -15.79 1.48 -36.20
N GLN K 2 -15.45 2.75 -36.00
CA GLN K 2 -14.09 3.19 -35.81
C GLN K 2 -13.64 3.00 -34.35
N LYS K 3 -12.47 2.41 -34.17
CA LYS K 3 -11.80 2.36 -32.89
C LYS K 3 -10.55 3.24 -33.02
N THR K 4 -10.41 4.24 -32.15
CA THR K 4 -9.32 5.20 -32.32
C THR K 4 -8.00 4.62 -31.77
N PRO K 5 -6.90 4.74 -32.51
CA PRO K 5 -5.65 4.09 -32.13
C PRO K 5 -5.04 4.59 -30.84
N GLN K 6 -4.71 3.68 -29.93
CA GLN K 6 -3.96 4.00 -28.72
C GLN K 6 -2.49 3.88 -29.09
N ILE K 7 -1.69 4.84 -28.63
CA ILE K 7 -0.35 5.06 -29.07
C ILE K 7 0.56 5.19 -27.86
N GLN K 8 1.68 4.46 -27.88
CA GLN K 8 2.73 4.56 -26.87
C GLN K 8 4.06 4.72 -27.59
N VAL K 9 4.85 5.71 -27.21
CA VAL K 9 6.17 5.91 -27.78
C VAL K 9 7.15 5.72 -26.64
N TYR K 10 8.06 4.75 -26.78
CA TYR K 10 8.95 4.36 -25.69
C TYR K 10 10.20 3.66 -26.25
N SER K 11 11.29 3.72 -25.48
CA SER K 11 12.54 3.11 -25.90
C SER K 11 12.54 1.64 -25.47
N ARG K 12 13.18 0.80 -26.27
CA ARG K 12 13.30 -0.64 -25.99
C ARG K 12 14.10 -0.85 -24.73
N HIS K 13 15.19 -0.10 -24.58
CA HIS K 13 16.05 -0.13 -23.40
C HIS K 13 15.83 1.15 -22.60
N PRO K 14 16.34 1.22 -21.37
CA PRO K 14 16.34 2.50 -20.61
C PRO K 14 17.16 3.59 -21.31
N PRO K 15 16.59 4.79 -21.49
CA PRO K 15 17.24 5.85 -22.27
C PRO K 15 18.38 6.59 -21.56
N GLU K 16 19.49 6.72 -22.28
CA GLU K 16 20.71 7.38 -21.81
C GLU K 16 21.32 8.17 -22.97
N ASN K 17 21.64 9.43 -22.75
CA ASN K 17 22.21 10.25 -23.82
C ASN K 17 23.59 9.70 -24.24
N GLY K 18 23.88 9.77 -25.54
CA GLY K 18 25.11 9.25 -26.12
C GLY K 18 25.13 7.74 -26.31
N LYS K 19 23.99 7.08 -26.07
CA LYS K 19 23.98 5.62 -25.96
C LYS K 19 22.94 4.99 -26.90
N PRO K 20 23.38 4.11 -27.81
CA PRO K 20 22.49 3.54 -28.83
C PRO K 20 21.28 2.79 -28.28
N ASN K 21 20.14 3.03 -28.92
CA ASN K 21 18.85 2.51 -28.47
C ASN K 21 17.93 2.25 -29.65
N ILE K 22 16.76 1.69 -29.36
CA ILE K 22 15.65 1.58 -30.31
C ILE K 22 14.42 2.25 -29.74
N LEU K 23 13.84 3.17 -30.50
CA LEU K 23 12.59 3.83 -30.12
C LEU K 23 11.43 3.10 -30.76
N ASN K 24 10.45 2.75 -29.96
CA ASN K 24 9.23 2.08 -30.39
C ASN K 24 8.05 3.02 -30.46
N CYS K 25 7.23 2.86 -31.50
CA CYS K 25 5.88 3.36 -31.51
C CYS K 25 4.91 2.18 -31.65
N TYR K 26 4.19 1.87 -30.56
CA TYR K 26 3.27 0.76 -30.48
C TYR K 26 1.82 1.27 -30.54
N VAL K 27 1.12 0.83 -31.57
CA VAL K 27 -0.21 1.35 -31.90
C VAL K 27 -1.19 0.17 -31.85
N THR K 28 -2.16 0.27 -30.96
CA THR K 28 -3.08 -0.82 -30.66
C THR K 28 -4.52 -0.36 -30.74
N GLN K 29 -5.45 -1.32 -30.75
CA GLN K 29 -6.85 -1.03 -30.46
C GLN K 29 -7.55 -0.22 -31.55
N PHE K 30 -7.11 -0.31 -32.79
CA PHE K 30 -7.69 0.51 -33.86
C PHE K 30 -8.47 -0.26 -34.91
N HIS K 31 -9.43 0.42 -35.55
CA HIS K 31 -10.23 -0.15 -36.62
C HIS K 31 -10.79 0.98 -37.47
N PRO K 32 -10.84 0.84 -38.80
CA PRO K 32 -10.35 -0.33 -39.55
C PRO K 32 -8.81 -0.40 -39.60
N PRO K 33 -8.24 -1.46 -40.17
CA PRO K 33 -6.79 -1.66 -40.13
C PRO K 33 -5.92 -0.75 -41.02
N HIS K 34 -6.49 -0.04 -42.00
CA HIS K 34 -5.70 0.94 -42.74
C HIS K 34 -5.24 2.07 -41.83
N ILE K 35 -3.92 2.28 -41.76
CA ILE K 35 -3.32 3.29 -40.91
C ILE K 35 -1.97 3.75 -41.49
N GLU K 36 -1.53 4.94 -41.10
CA GLU K 36 -0.25 5.47 -41.56
C GLU K 36 0.53 6.02 -40.38
N ILE K 37 1.68 5.44 -40.12
CA ILE K 37 2.52 5.77 -38.99
C ILE K 37 3.83 6.30 -39.53
N GLN K 38 4.41 7.26 -38.85
CA GLN K 38 5.67 7.86 -39.26
C GLN K 38 6.29 8.50 -38.02
N MET K 39 7.58 8.28 -37.81
CA MET K 39 8.26 8.77 -36.63
C MET K 39 9.06 10.02 -37.00
N LEU K 40 8.92 11.06 -36.17
CA LEU K 40 9.54 12.35 -36.41
C LEU K 40 10.69 12.59 -35.43
N LYS K 41 11.77 13.18 -35.91
CA LYS K 41 12.85 13.67 -35.06
C LYS K 41 12.90 15.18 -35.25
N ASN K 42 12.58 15.93 -34.19
CA ASN K 42 12.51 17.38 -34.23
C ASN K 42 11.58 17.91 -35.33
N GLY K 43 10.50 17.18 -35.57
CA GLY K 43 9.47 17.59 -36.51
C GLY K 43 9.63 17.13 -37.96
N LYS K 44 10.71 16.41 -38.25
CA LYS K 44 11.01 15.99 -39.61
C LYS K 44 11.04 14.45 -39.71
N LYS K 45 10.54 13.95 -40.84
CA LYS K 45 10.36 12.53 -41.06
C LYS K 45 11.67 11.77 -40.92
N ILE K 46 11.67 10.71 -40.10
CA ILE K 46 12.81 9.79 -40.01
C ILE K 46 12.68 8.79 -41.17
N PRO K 47 13.69 8.69 -42.02
CA PRO K 47 13.61 7.81 -43.19
C PRO K 47 13.59 6.31 -42.86
N LYS K 48 14.48 5.84 -41.98
CA LYS K 48 14.63 4.38 -41.75
C LYS K 48 13.78 3.92 -40.55
N VAL K 49 12.56 3.49 -40.85
CA VAL K 49 11.57 3.17 -39.83
C VAL K 49 11.00 1.79 -40.10
N GLU K 50 11.39 0.82 -39.27
CA GLU K 50 10.91 -0.56 -39.41
C GLU K 50 9.46 -0.66 -38.97
N MET K 51 8.69 -1.47 -39.69
CA MET K 51 7.25 -1.57 -39.48
C MET K 51 6.87 -3.03 -39.50
N SER K 52 6.22 -3.50 -38.44
CA SER K 52 5.74 -4.87 -38.39
C SER K 52 4.48 -5.03 -39.26
N ASP K 53 4.13 -6.28 -39.53
CA ASP K 53 2.93 -6.60 -40.29
C ASP K 53 1.72 -6.40 -39.40
N MET K 54 0.57 -6.18 -40.04
CA MET K 54 -0.68 -5.95 -39.32
C MET K 54 -1.07 -7.31 -38.73
N SER K 55 -1.32 -7.29 -37.44
CA SER K 55 -1.91 -8.41 -36.71
C SER K 55 -3.12 -7.92 -35.94
N PHE K 56 -3.89 -8.86 -35.42
CA PHE K 56 -4.99 -8.49 -34.54
C PHE K 56 -5.05 -9.38 -33.29
N SER K 57 -5.61 -8.82 -32.22
CA SER K 57 -5.70 -9.51 -30.93
C SER K 57 -7.01 -10.28 -30.88
N LYS K 58 -7.20 -11.01 -29.80
CA LYS K 58 -8.36 -11.87 -29.65
C LYS K 58 -9.66 -11.09 -29.43
N ASP K 59 -9.55 -9.80 -29.09
CA ASP K 59 -10.70 -8.90 -29.04
C ASP K 59 -11.00 -8.26 -30.41
N TRP K 60 -10.27 -8.69 -31.43
CA TRP K 60 -10.47 -8.31 -32.85
C TRP K 60 -9.77 -7.05 -33.30
N SER K 61 -9.20 -6.31 -32.36
CA SER K 61 -8.61 -5.01 -32.65
C SER K 61 -7.21 -5.22 -33.19
N PHE K 62 -6.74 -4.26 -33.98
CA PHE K 62 -5.48 -4.38 -34.69
C PHE K 62 -4.36 -3.68 -33.97
N TYR K 63 -3.14 -4.08 -34.28
CA TYR K 63 -1.96 -3.50 -33.68
C TYR K 63 -0.72 -3.61 -34.59
N ILE K 64 0.26 -2.79 -34.28
CA ILE K 64 1.44 -2.60 -35.12
C ILE K 64 2.53 -1.99 -34.24
N LEU K 65 3.75 -2.49 -34.41
CA LEU K 65 4.94 -1.99 -33.75
C LEU K 65 5.85 -1.35 -34.80
N ALA K 66 6.06 -0.05 -34.69
CA ALA K 66 7.02 0.68 -35.50
C ALA K 66 8.24 0.93 -34.64
N HIS K 67 9.42 0.73 -35.18
CA HIS K 67 10.64 1.00 -34.41
C HIS K 67 11.75 1.53 -35.29
N THR K 68 12.67 2.25 -34.67
CA THR K 68 13.82 2.80 -35.37
C THR K 68 14.99 2.86 -34.42
N GLU K 69 16.21 2.74 -34.95
CA GLU K 69 17.42 2.94 -34.16
C GLU K 69 17.61 4.42 -33.90
N PHE K 70 18.11 4.76 -32.72
CA PHE K 70 18.40 6.15 -32.41
C PHE K 70 19.33 6.27 -31.20
N THR K 71 19.97 7.42 -31.10
CA THR K 71 20.88 7.69 -29.99
C THR K 71 20.42 8.99 -29.35
N PRO K 72 19.75 8.88 -28.21
CA PRO K 72 19.10 10.05 -27.64
C PRO K 72 20.13 11.12 -27.31
N THR K 73 19.71 12.36 -27.45
CA THR K 73 20.50 13.49 -26.99
C THR K 73 19.62 14.35 -26.11
N GLU K 74 20.29 15.06 -25.20
CA GLU K 74 19.69 16.09 -24.37
C GLU K 74 18.52 16.82 -25.03
N THR K 75 18.72 17.27 -26.27
CA THR K 75 17.89 18.30 -26.90
C THR K 75 16.86 17.78 -27.92
N ASP K 76 17.20 16.69 -28.61
CA ASP K 76 16.32 16.08 -29.60
C ASP K 76 15.04 15.55 -29.00
N THR K 77 13.92 15.89 -29.61
CA THR K 77 12.63 15.32 -29.27
C THR K 77 12.16 14.45 -30.43
N TYR K 78 11.31 13.47 -30.11
CA TYR K 78 10.84 12.48 -31.07
C TYR K 78 9.34 12.22 -30.90
N ALA K 79 8.63 12.13 -32.01
CA ALA K 79 7.19 11.89 -31.99
C ALA K 79 6.82 10.71 -32.87
N CYS K 80 5.57 10.30 -32.74
CA CYS K 80 4.99 9.33 -33.63
C CYS K 80 3.69 9.94 -34.14
N ARG K 81 3.54 9.99 -35.46
CA ARG K 81 2.42 10.69 -36.08
C ARG K 81 1.54 9.67 -36.79
N VAL K 82 0.34 9.49 -36.25
CA VAL K 82 -0.58 8.46 -36.67
C VAL K 82 -1.70 9.09 -37.48
N LYS K 83 -1.98 8.53 -38.65
CA LYS K 83 -3.06 8.99 -39.53
C LYS K 83 -4.08 7.85 -39.64
N HIS K 84 -5.32 8.14 -39.25
CA HIS K 84 -6.38 7.12 -39.17
C HIS K 84 -7.75 7.75 -39.28
N ASP K 85 -8.65 7.10 -40.02
CA ASP K 85 -10.00 7.63 -40.31
C ASP K 85 -10.82 8.01 -39.07
N SER K 86 -10.48 7.39 -37.93
CA SER K 86 -11.09 7.74 -36.64
C SER K 86 -10.80 9.17 -36.20
N MET K 87 -9.73 9.75 -36.74
CA MET K 87 -9.35 11.13 -36.43
C MET K 87 -9.36 11.99 -37.71
N ALA K 88 -9.91 13.20 -37.57
CA ALA K 88 -9.97 14.12 -38.71
C ALA K 88 -8.58 14.63 -39.08
N GLU K 89 -7.77 14.95 -38.08
CA GLU K 89 -6.37 15.30 -38.30
C GLU K 89 -5.45 14.20 -37.77
N PRO K 90 -4.18 14.20 -38.18
CA PRO K 90 -3.19 13.28 -37.58
C PRO K 90 -2.96 13.57 -36.10
N LYS K 91 -2.80 12.51 -35.30
CA LYS K 91 -2.49 12.64 -33.87
C LYS K 91 -1.02 12.41 -33.72
N THR K 92 -0.39 13.19 -32.85
CA THR K 92 1.05 13.13 -32.63
C THR K 92 1.28 13.00 -31.14
N VAL K 93 2.02 11.99 -30.72
CA VAL K 93 2.37 11.84 -29.32
C VAL K 93 3.88 11.82 -29.23
N TYR K 94 4.37 12.63 -28.30
CA TYR K 94 5.79 12.90 -28.12
C TYR K 94 6.35 11.87 -27.17
N TRP K 95 7.61 11.53 -27.39
CA TRP K 95 8.31 10.59 -26.54
C TRP K 95 8.53 11.30 -25.23
N ASP K 96 8.05 10.67 -24.15
CA ASP K 96 8.38 11.08 -22.79
C ASP K 96 9.42 10.05 -22.34
N ARG K 97 10.68 10.46 -22.19
CA ARG K 97 11.74 9.49 -21.90
C ARG K 97 11.58 8.80 -20.53
N ASP K 98 10.89 9.48 -19.62
CA ASP K 98 10.34 8.82 -18.44
C ASP K 98 9.30 7.85 -18.99
N MET K 99 9.00 6.77 -18.28
CA MET K 99 8.01 5.80 -18.76
C MET K 99 8.19 5.38 -20.25
N LYS L 1 -1.55 -26.39 -40.06
CA LYS L 1 -2.38 -26.54 -41.28
C LYS L 1 -3.77 -25.91 -41.09
N ALA L 2 -4.19 -25.17 -42.09
CA ALA L 2 -5.30 -24.25 -41.95
C ALA L 2 -6.61 -24.95 -42.19
N VAL L 3 -7.64 -24.47 -41.47
CA VAL L 3 -9.00 -24.85 -41.75
C VAL L 3 -9.35 -24.38 -43.14
N PHE L 4 -10.25 -25.11 -43.77
CA PHE L 4 -10.89 -24.70 -44.99
C PHE L 4 -12.36 -24.54 -44.62
N ASN L 5 -12.95 -23.39 -44.91
CA ASN L 5 -14.31 -23.12 -44.48
C ASN L 5 -15.38 -23.85 -45.32
N PHE L 6 -16.57 -23.93 -44.74
CA PHE L 6 -17.70 -24.68 -45.26
C PHE L 6 -18.63 -23.68 -45.90
N ALA L 7 -19.87 -23.56 -45.42
CA ALA L 7 -20.79 -22.53 -45.87
C ALA L 7 -20.21 -21.13 -45.71
N THR L 8 -20.37 -20.31 -46.74
CA THR L 8 -20.18 -18.87 -46.60
C THR L 8 -21.19 -18.21 -45.65
N MET L 9 -20.89 -16.98 -45.24
CA MET L 9 -21.78 -16.25 -44.35
C MET L 9 -23.16 -16.14 -44.99
#